data_2VJW
# 
_entry.id   2VJW 
# 
_audit_conform.dict_name       mmcif_pdbx.dic 
_audit_conform.dict_version    5.399 
_audit_conform.dict_location   http://mmcif.pdb.org/dictionaries/ascii/mmcif_pdbx.dic 
# 
loop_
_database_2.database_id 
_database_2.database_code 
_database_2.pdbx_database_accession 
_database_2.pdbx_DOI 
PDB   2VJW         pdb_00002vjw 10.2210/pdb2vjw/pdb 
PDBE  EBI-34755    ?            ?                   
WWPDB D_1290034755 ?            ?                   
# 
loop_
_pdbx_audit_revision_history.ordinal 
_pdbx_audit_revision_history.data_content_type 
_pdbx_audit_revision_history.major_revision 
_pdbx_audit_revision_history.minor_revision 
_pdbx_audit_revision_history.revision_date 
1 'Structure model' 1 0 2008-08-26 
2 'Structure model' 1 1 2011-05-08 
3 'Structure model' 1 2 2011-07-13 
4 'Structure model' 1 3 2024-11-20 
# 
_pdbx_audit_revision_details.ordinal             1 
_pdbx_audit_revision_details.revision_ordinal    1 
_pdbx_audit_revision_details.data_content_type   'Structure model' 
_pdbx_audit_revision_details.provider            repository 
_pdbx_audit_revision_details.type                'Initial release' 
_pdbx_audit_revision_details.description         ? 
_pdbx_audit_revision_details.details             ? 
# 
loop_
_pdbx_audit_revision_group.ordinal 
_pdbx_audit_revision_group.revision_ordinal 
_pdbx_audit_revision_group.data_content_type 
_pdbx_audit_revision_group.group 
1 2 'Structure model' 'Version format compliance' 
2 3 'Structure model' 'Version format compliance' 
3 4 'Structure model' 'Data collection'           
4 4 'Structure model' 'Database references'       
5 4 'Structure model' 'Derived calculations'      
6 4 'Structure model' Other                       
7 4 'Structure model' 'Structure summary'         
# 
loop_
_pdbx_audit_revision_category.ordinal 
_pdbx_audit_revision_category.revision_ordinal 
_pdbx_audit_revision_category.data_content_type 
_pdbx_audit_revision_category.category 
1 4 'Structure model' chem_comp_atom            
2 4 'Structure model' chem_comp_bond            
3 4 'Structure model' database_2                
4 4 'Structure model' pdbx_database_status      
5 4 'Structure model' pdbx_entry_details        
6 4 'Structure model' pdbx_modification_feature 
7 4 'Structure model' struct_conn               
# 
loop_
_pdbx_audit_revision_item.ordinal 
_pdbx_audit_revision_item.revision_ordinal 
_pdbx_audit_revision_item.data_content_type 
_pdbx_audit_revision_item.item 
1 4 'Structure model' '_database_2.pdbx_DOI'                 
2 4 'Structure model' '_database_2.pdbx_database_accession'  
3 4 'Structure model' '_pdbx_database_status.status_code_sf' 
4 4 'Structure model' '_struct_conn.pdbx_leaving_atom_flag'  
# 
_pdbx_database_status.status_code                     REL 
_pdbx_database_status.entry_id                        2VJW 
_pdbx_database_status.deposit_site                    PDBE 
_pdbx_database_status.process_site                    PDBE 
_pdbx_database_status.SG_entry                        . 
_pdbx_database_status.recvd_initial_deposition_date   2007-12-14 
_pdbx_database_status.pdb_format_compatible           Y 
_pdbx_database_status.status_code_sf                  REL 
_pdbx_database_status.status_code_mr                  ? 
_pdbx_database_status.status_code_cs                  ? 
_pdbx_database_status.methods_development_category    ? 
_pdbx_database_status.status_code_nmr_data            ? 
# 
_pdbx_database_related.db_name        PDB 
_pdbx_database_related.db_id          2VKS 
_pdbx_database_related.content_type   unspecified 
_pdbx_database_related.details        'CRYSTAL STRUCTURE OF GAF-B DOMAIN OF DEVS FROM MYCOBACTERIUM SMEGMATIS' 
# 
loop_
_audit_author.name 
_audit_author.pdbx_ordinal 
'Kang, B.S.' 1 
'Cho, H.Y.'  2 
'Cho, H.J.'  3 
# 
_citation.id                        primary 
_citation.title                     
'O2- and No-Sensing Mechanism Through the Devsr Two- Component System in Mycobacterium Smegmatis.' 
_citation.journal_abbrev            J.Bacteriol. 
_citation.journal_volume            190 
_citation.page_first                6795 
_citation.page_last                 ? 
_citation.year                      2008 
_citation.journal_id_ASTM           JOBAAY 
_citation.country                   US 
_citation.journal_id_ISSN           0021-9193 
_citation.journal_id_CSD            0767 
_citation.book_publisher            ? 
_citation.pdbx_database_id_PubMed   18708494 
_citation.pdbx_database_id_DOI      10.1128/JB.00401-08 
# 
loop_
_citation_author.citation_id 
_citation_author.name 
_citation_author.ordinal 
_citation_author.identifier_ORCID 
primary 'Lee, J.M.'  1  ? 
primary 'Cho, H.Y.'  2  ? 
primary 'Cho, H.J.'  3  ? 
primary 'Ko, I.J.'   4  ? 
primary 'Park, S.W.' 5  ? 
primary 'Baik, H.S.' 6  ? 
primary 'Oh, J.H.'   7  ? 
primary 'Eom, C.Y.'  8  ? 
primary 'Kim, Y.M.'  9  ? 
primary 'Kang, B.S.' 10 ? 
primary 'Oh, J.I.'   11 ? 
# 
loop_
_entity.id 
_entity.type 
_entity.src_method 
_entity.pdbx_description 
_entity.formula_weight 
_entity.pdbx_number_of_molecules 
_entity.pdbx_ec 
_entity.pdbx_mutation 
_entity.pdbx_fragment 
_entity.details 
1 polymer man 'GAF FAMILY PROTEIN' 15363.799 1  ? ? 'RESIDUES 232-380' '232-373 OF DEVS PROTEIN' 
2 water   nat water                18.015    41 ? ? ?                  ?                         
# 
_entity_name_com.entity_id   1 
_entity_name_com.name        GAF-B 
# 
_entity_poly.entity_id                      1 
_entity_poly.type                           'polypeptide(L)' 
_entity_poly.nstd_linkage                   no 
_entity_poly.nstd_monomer                   yes 
_entity_poly.pdbx_seq_one_letter_code       
;DPATVFRLVAAEALTLTGADGTLVAVPADPDASAAEELVIVEVAGAVPAEVEASAIPVQDNAIGQAFRDRAPRRLDVLDG
PGLGGPALVLPLRATDTVAGVLVAVQGSGARPFTAEQLE(MSE)(MSE)TGFADQAAVAWQLASSQRR(MSE)SELDILA
D
;
_entity_poly.pdbx_seq_one_letter_code_can   
;DPATVFRLVAAEALTLTGADGTLVAVPADPDASAAEELVIVEVAGAVPAEVEASAIPVQDNAIGQAFRDRAPRRLDVLDG
PGLGGPALVLPLRATDTVAGVLVAVQGSGARPFTAEQLEMMTGFADQAAVAWQLASSQRRMSELDILAD
;
_entity_poly.pdbx_strand_id                 A 
_entity_poly.pdbx_target_identifier         ? 
# 
_pdbx_entity_nonpoly.entity_id   2 
_pdbx_entity_nonpoly.name        water 
_pdbx_entity_nonpoly.comp_id     HOH 
# 
loop_
_entity_poly_seq.entity_id 
_entity_poly_seq.num 
_entity_poly_seq.mon_id 
_entity_poly_seq.hetero 
1 1   ASP n 
1 2   PRO n 
1 3   ALA n 
1 4   THR n 
1 5   VAL n 
1 6   PHE n 
1 7   ARG n 
1 8   LEU n 
1 9   VAL n 
1 10  ALA n 
1 11  ALA n 
1 12  GLU n 
1 13  ALA n 
1 14  LEU n 
1 15  THR n 
1 16  LEU n 
1 17  THR n 
1 18  GLY n 
1 19  ALA n 
1 20  ASP n 
1 21  GLY n 
1 22  THR n 
1 23  LEU n 
1 24  VAL n 
1 25  ALA n 
1 26  VAL n 
1 27  PRO n 
1 28  ALA n 
1 29  ASP n 
1 30  PRO n 
1 31  ASP n 
1 32  ALA n 
1 33  SER n 
1 34  ALA n 
1 35  ALA n 
1 36  GLU n 
1 37  GLU n 
1 38  LEU n 
1 39  VAL n 
1 40  ILE n 
1 41  VAL n 
1 42  GLU n 
1 43  VAL n 
1 44  ALA n 
1 45  GLY n 
1 46  ALA n 
1 47  VAL n 
1 48  PRO n 
1 49  ALA n 
1 50  GLU n 
1 51  VAL n 
1 52  GLU n 
1 53  ALA n 
1 54  SER n 
1 55  ALA n 
1 56  ILE n 
1 57  PRO n 
1 58  VAL n 
1 59  GLN n 
1 60  ASP n 
1 61  ASN n 
1 62  ALA n 
1 63  ILE n 
1 64  GLY n 
1 65  GLN n 
1 66  ALA n 
1 67  PHE n 
1 68  ARG n 
1 69  ASP n 
1 70  ARG n 
1 71  ALA n 
1 72  PRO n 
1 73  ARG n 
1 74  ARG n 
1 75  LEU n 
1 76  ASP n 
1 77  VAL n 
1 78  LEU n 
1 79  ASP n 
1 80  GLY n 
1 81  PRO n 
1 82  GLY n 
1 83  LEU n 
1 84  GLY n 
1 85  GLY n 
1 86  PRO n 
1 87  ALA n 
1 88  LEU n 
1 89  VAL n 
1 90  LEU n 
1 91  PRO n 
1 92  LEU n 
1 93  ARG n 
1 94  ALA n 
1 95  THR n 
1 96  ASP n 
1 97  THR n 
1 98  VAL n 
1 99  ALA n 
1 100 GLY n 
1 101 VAL n 
1 102 LEU n 
1 103 VAL n 
1 104 ALA n 
1 105 VAL n 
1 106 GLN n 
1 107 GLY n 
1 108 SER n 
1 109 GLY n 
1 110 ALA n 
1 111 ARG n 
1 112 PRO n 
1 113 PHE n 
1 114 THR n 
1 115 ALA n 
1 116 GLU n 
1 117 GLN n 
1 118 LEU n 
1 119 GLU n 
1 120 MSE n 
1 121 MSE n 
1 122 THR n 
1 123 GLY n 
1 124 PHE n 
1 125 ALA n 
1 126 ASP n 
1 127 GLN n 
1 128 ALA n 
1 129 ALA n 
1 130 VAL n 
1 131 ALA n 
1 132 TRP n 
1 133 GLN n 
1 134 LEU n 
1 135 ALA n 
1 136 SER n 
1 137 SER n 
1 138 GLN n 
1 139 ARG n 
1 140 ARG n 
1 141 MSE n 
1 142 SER n 
1 143 GLU n 
1 144 LEU n 
1 145 ASP n 
1 146 ILE n 
1 147 LEU n 
1 148 ALA n 
1 149 ASP n 
# 
_entity_src_gen.entity_id                          1 
_entity_src_gen.pdbx_src_id                        1 
_entity_src_gen.pdbx_alt_source_flag               sample 
_entity_src_gen.pdbx_seq_type                      ? 
_entity_src_gen.pdbx_beg_seq_num                   ? 
_entity_src_gen.pdbx_end_seq_num                   ? 
_entity_src_gen.gene_src_common_name               ? 
_entity_src_gen.gene_src_genus                     ? 
_entity_src_gen.pdbx_gene_src_gene                 ? 
_entity_src_gen.gene_src_species                   ? 
_entity_src_gen.gene_src_strain                    ? 
_entity_src_gen.gene_src_tissue                    ? 
_entity_src_gen.gene_src_tissue_fraction           ? 
_entity_src_gen.gene_src_details                   ? 
_entity_src_gen.pdbx_gene_src_fragment             ? 
_entity_src_gen.pdbx_gene_src_scientific_name      'MYCOBACTERIUM SMEGMATIS' 
_entity_src_gen.pdbx_gene_src_ncbi_taxonomy_id     1772 
_entity_src_gen.pdbx_gene_src_variant              ? 
_entity_src_gen.pdbx_gene_src_cell_line            ? 
_entity_src_gen.pdbx_gene_src_atcc                 ? 
_entity_src_gen.pdbx_gene_src_organ                ? 
_entity_src_gen.pdbx_gene_src_organelle            ? 
_entity_src_gen.pdbx_gene_src_cell                 ? 
_entity_src_gen.pdbx_gene_src_cellular_location    ? 
_entity_src_gen.host_org_common_name               ? 
_entity_src_gen.pdbx_host_org_scientific_name      'ESCHERICHIA COLI' 
_entity_src_gen.pdbx_host_org_ncbi_taxonomy_id     562 
_entity_src_gen.host_org_genus                     ? 
_entity_src_gen.pdbx_host_org_gene                 ? 
_entity_src_gen.pdbx_host_org_organ                ? 
_entity_src_gen.host_org_species                   ? 
_entity_src_gen.pdbx_host_org_tissue               ? 
_entity_src_gen.pdbx_host_org_tissue_fraction      ? 
_entity_src_gen.pdbx_host_org_strain               B834 
_entity_src_gen.pdbx_host_org_variant              ? 
_entity_src_gen.pdbx_host_org_cell_line            ? 
_entity_src_gen.pdbx_host_org_atcc                 ? 
_entity_src_gen.pdbx_host_org_culture_collection   ? 
_entity_src_gen.pdbx_host_org_cell                 ? 
_entity_src_gen.pdbx_host_org_organelle            ? 
_entity_src_gen.pdbx_host_org_cellular_location    ? 
_entity_src_gen.pdbx_host_org_vector_type          ? 
_entity_src_gen.pdbx_host_org_vector               ? 
_entity_src_gen.host_org_details                   ? 
_entity_src_gen.expression_system_id               ? 
_entity_src_gen.plasmid_name                       PGST-PARALLEL1 
_entity_src_gen.plasmid_details                    ? 
_entity_src_gen.pdbx_description                   ? 
# 
loop_
_chem_comp.id 
_chem_comp.type 
_chem_comp.mon_nstd_flag 
_chem_comp.name 
_chem_comp.pdbx_synonyms 
_chem_comp.formula 
_chem_comp.formula_weight 
ALA 'L-peptide linking' y ALANINE          ? 'C3 H7 N O2'     89.093  
ARG 'L-peptide linking' y ARGININE         ? 'C6 H15 N4 O2 1' 175.209 
ASN 'L-peptide linking' y ASPARAGINE       ? 'C4 H8 N2 O3'    132.118 
ASP 'L-peptide linking' y 'ASPARTIC ACID'  ? 'C4 H7 N O4'     133.103 
GLN 'L-peptide linking' y GLUTAMINE        ? 'C5 H10 N2 O3'   146.144 
GLU 'L-peptide linking' y 'GLUTAMIC ACID'  ? 'C5 H9 N O4'     147.129 
GLY 'peptide linking'   y GLYCINE          ? 'C2 H5 N O2'     75.067  
HOH non-polymer         . WATER            ? 'H2 O'           18.015  
ILE 'L-peptide linking' y ISOLEUCINE       ? 'C6 H13 N O2'    131.173 
LEU 'L-peptide linking' y LEUCINE          ? 'C6 H13 N O2'    131.173 
MSE 'L-peptide linking' n SELENOMETHIONINE ? 'C5 H11 N O2 Se' 196.106 
PHE 'L-peptide linking' y PHENYLALANINE    ? 'C9 H11 N O2'    165.189 
PRO 'L-peptide linking' y PROLINE          ? 'C5 H9 N O2'     115.130 
SER 'L-peptide linking' y SERINE           ? 'C3 H7 N O3'     105.093 
THR 'L-peptide linking' y THREONINE        ? 'C4 H9 N O3'     119.119 
TRP 'L-peptide linking' y TRYPTOPHAN       ? 'C11 H12 N2 O2'  204.225 
VAL 'L-peptide linking' y VALINE           ? 'C5 H11 N O2'    117.146 
# 
loop_
_pdbx_poly_seq_scheme.asym_id 
_pdbx_poly_seq_scheme.entity_id 
_pdbx_poly_seq_scheme.seq_id 
_pdbx_poly_seq_scheme.mon_id 
_pdbx_poly_seq_scheme.ndb_seq_num 
_pdbx_poly_seq_scheme.pdb_seq_num 
_pdbx_poly_seq_scheme.auth_seq_num 
_pdbx_poly_seq_scheme.pdb_mon_id 
_pdbx_poly_seq_scheme.auth_mon_id 
_pdbx_poly_seq_scheme.pdb_strand_id 
_pdbx_poly_seq_scheme.pdb_ins_code 
_pdbx_poly_seq_scheme.hetero 
A 1 1   ASP 1   232 232 ASP ASP A . n 
A 1 2   PRO 2   233 233 PRO PRO A . n 
A 1 3   ALA 3   234 234 ALA ALA A . n 
A 1 4   THR 4   235 235 THR THR A . n 
A 1 5   VAL 5   236 236 VAL VAL A . n 
A 1 6   PHE 6   237 237 PHE PHE A . n 
A 1 7   ARG 7   238 238 ARG ARG A . n 
A 1 8   LEU 8   239 239 LEU LEU A . n 
A 1 9   VAL 9   240 240 VAL VAL A . n 
A 1 10  ALA 10  241 241 ALA ALA A . n 
A 1 11  ALA 11  242 242 ALA ALA A . n 
A 1 12  GLU 12  243 243 GLU GLU A . n 
A 1 13  ALA 13  244 244 ALA ALA A . n 
A 1 14  LEU 14  245 245 LEU LEU A . n 
A 1 15  THR 15  246 246 THR THR A . n 
A 1 16  LEU 16  247 247 LEU LEU A . n 
A 1 17  THR 17  248 248 THR THR A . n 
A 1 18  GLY 18  249 249 GLY GLY A . n 
A 1 19  ALA 19  250 250 ALA ALA A . n 
A 1 20  ASP 20  251 251 ASP ASP A . n 
A 1 21  GLY 21  252 252 GLY GLY A . n 
A 1 22  THR 22  253 253 THR THR A . n 
A 1 23  LEU 23  254 254 LEU LEU A . n 
A 1 24  VAL 24  255 255 VAL VAL A . n 
A 1 25  ALA 25  256 256 ALA ALA A . n 
A 1 26  VAL 26  257 257 VAL VAL A . n 
A 1 27  PRO 27  258 258 PRO PRO A . n 
A 1 28  ALA 28  259 259 ALA ALA A . n 
A 1 29  ASP 29  260 260 ASP ASP A . n 
A 1 30  PRO 30  261 ?   ?   ?   A . n 
A 1 31  ASP 31  262 ?   ?   ?   A . n 
A 1 32  ALA 32  263 ?   ?   ?   A . n 
A 1 33  SER 33  264 ?   ?   ?   A . n 
A 1 34  ALA 34  265 265 ALA ALA A . n 
A 1 35  ALA 35  266 266 ALA ALA A . n 
A 1 36  GLU 36  267 267 GLU GLU A . n 
A 1 37  GLU 37  268 268 GLU GLU A . n 
A 1 38  LEU 38  269 269 LEU LEU A . n 
A 1 39  VAL 39  270 270 VAL VAL A . n 
A 1 40  ILE 40  271 271 ILE ILE A . n 
A 1 41  VAL 41  272 272 VAL VAL A . n 
A 1 42  GLU 42  273 273 GLU GLU A . n 
A 1 43  VAL 43  274 274 VAL VAL A . n 
A 1 44  ALA 44  275 275 ALA ALA A . n 
A 1 45  GLY 45  276 276 GLY GLY A . n 
A 1 46  ALA 46  277 277 ALA ALA A . n 
A 1 47  VAL 47  278 278 VAL VAL A . n 
A 1 48  PRO 48  279 279 PRO PRO A . n 
A 1 49  ALA 49  280 280 ALA ALA A . n 
A 1 50  GLU 50  281 281 GLU GLU A . n 
A 1 51  VAL 51  282 282 VAL VAL A . n 
A 1 52  GLU 52  283 283 GLU GLU A . n 
A 1 53  ALA 53  284 284 ALA ALA A . n 
A 1 54  SER 54  285 285 SER SER A . n 
A 1 55  ALA 55  286 286 ALA ALA A . n 
A 1 56  ILE 56  287 287 ILE ILE A . n 
A 1 57  PRO 57  288 288 PRO PRO A . n 
A 1 58  VAL 58  289 289 VAL VAL A . n 
A 1 59  GLN 59  290 290 GLN GLN A . n 
A 1 60  ASP 60  291 291 ASP ASP A . n 
A 1 61  ASN 61  292 292 ASN ASN A . n 
A 1 62  ALA 62  293 293 ALA ALA A . n 
A 1 63  ILE 63  294 294 ILE ILE A . n 
A 1 64  GLY 64  295 295 GLY GLY A . n 
A 1 65  GLN 65  296 296 GLN GLN A . n 
A 1 66  ALA 66  297 297 ALA ALA A . n 
A 1 67  PHE 67  298 298 PHE PHE A . n 
A 1 68  ARG 68  299 299 ARG ARG A . n 
A 1 69  ASP 69  300 300 ASP ASP A . n 
A 1 70  ARG 70  301 301 ARG ARG A . n 
A 1 71  ALA 71  302 302 ALA ALA A . n 
A 1 72  PRO 72  303 303 PRO PRO A . n 
A 1 73  ARG 73  304 304 ARG ARG A . n 
A 1 74  ARG 74  305 305 ARG ARG A . n 
A 1 75  LEU 75  306 306 LEU LEU A . n 
A 1 76  ASP 76  307 307 ASP ASP A . n 
A 1 77  VAL 77  308 308 VAL VAL A . n 
A 1 78  LEU 78  309 309 LEU LEU A . n 
A 1 79  ASP 79  310 310 ASP ASP A . n 
A 1 80  GLY 80  311 311 GLY GLY A . n 
A 1 81  PRO 81  312 312 PRO PRO A . n 
A 1 82  GLY 82  313 313 GLY GLY A . n 
A 1 83  LEU 83  314 314 LEU LEU A . n 
A 1 84  GLY 84  315 315 GLY GLY A . n 
A 1 85  GLY 85  316 316 GLY GLY A . n 
A 1 86  PRO 86  317 317 PRO PRO A . n 
A 1 87  ALA 87  318 318 ALA ALA A . n 
A 1 88  LEU 88  319 319 LEU LEU A . n 
A 1 89  VAL 89  320 320 VAL VAL A . n 
A 1 90  LEU 90  321 321 LEU LEU A . n 
A 1 91  PRO 91  322 322 PRO PRO A . n 
A 1 92  LEU 92  323 323 LEU LEU A . n 
A 1 93  ARG 93  324 324 ARG ARG A . n 
A 1 94  ALA 94  325 325 ALA ALA A . n 
A 1 95  THR 95  326 326 THR THR A . n 
A 1 96  ASP 96  327 327 ASP ASP A . n 
A 1 97  THR 97  328 328 THR THR A . n 
A 1 98  VAL 98  329 329 VAL VAL A . n 
A 1 99  ALA 99  330 330 ALA ALA A . n 
A 1 100 GLY 100 331 331 GLY GLY A . n 
A 1 101 VAL 101 332 332 VAL VAL A . n 
A 1 102 LEU 102 333 333 LEU LEU A . n 
A 1 103 VAL 103 334 334 VAL VAL A . n 
A 1 104 ALA 104 335 335 ALA ALA A . n 
A 1 105 VAL 105 336 336 VAL VAL A . n 
A 1 106 GLN 106 337 337 GLN GLN A . n 
A 1 107 GLY 107 338 338 GLY GLY A . n 
A 1 108 SER 108 339 339 SER SER A . n 
A 1 109 GLY 109 340 340 GLY GLY A . n 
A 1 110 ALA 110 341 341 ALA ALA A . n 
A 1 111 ARG 111 342 342 ARG ARG A . n 
A 1 112 PRO 112 343 343 PRO PRO A . n 
A 1 113 PHE 113 344 344 PHE PHE A . n 
A 1 114 THR 114 345 345 THR THR A . n 
A 1 115 ALA 115 346 346 ALA ALA A . n 
A 1 116 GLU 116 347 347 GLU GLU A . n 
A 1 117 GLN 117 348 348 GLN GLN A . n 
A 1 118 LEU 118 349 349 LEU LEU A . n 
A 1 119 GLU 119 350 350 GLU GLU A . n 
A 1 120 MSE 120 351 351 MSE MSE A . n 
A 1 121 MSE 121 352 352 MSE MSE A . n 
A 1 122 THR 122 353 353 THR THR A . n 
A 1 123 GLY 123 354 354 GLY GLY A . n 
A 1 124 PHE 124 355 355 PHE PHE A . n 
A 1 125 ALA 125 356 356 ALA ALA A . n 
A 1 126 ASP 126 357 357 ASP ASP A . n 
A 1 127 GLN 127 358 358 GLN GLN A . n 
A 1 128 ALA 128 359 359 ALA ALA A . n 
A 1 129 ALA 129 360 360 ALA ALA A . n 
A 1 130 VAL 130 361 361 VAL VAL A . n 
A 1 131 ALA 131 362 362 ALA ALA A . n 
A 1 132 TRP 132 363 363 TRP TRP A . n 
A 1 133 GLN 133 364 364 GLN GLN A . n 
A 1 134 LEU 134 365 365 LEU LEU A . n 
A 1 135 ALA 135 366 366 ALA ALA A . n 
A 1 136 SER 136 367 367 SER SER A . n 
A 1 137 SER 137 368 368 SER SER A . n 
A 1 138 GLN 138 369 369 GLN GLN A . n 
A 1 139 ARG 139 370 370 ARG ARG A . n 
A 1 140 ARG 140 371 371 ARG ARG A . n 
A 1 141 MSE 141 372 372 MSE MSE A . n 
A 1 142 SER 142 373 373 SER SER A . n 
A 1 143 GLU 143 374 ?   ?   ?   A . n 
A 1 144 LEU 144 375 ?   ?   ?   A . n 
A 1 145 ASP 145 376 ?   ?   ?   A . n 
A 1 146 ILE 146 377 ?   ?   ?   A . n 
A 1 147 LEU 147 378 ?   ?   ?   A . n 
A 1 148 ALA 148 379 ?   ?   ?   A . n 
A 1 149 ASP 149 380 ?   ?   ?   A . n 
# 
loop_
_pdbx_nonpoly_scheme.asym_id 
_pdbx_nonpoly_scheme.entity_id 
_pdbx_nonpoly_scheme.mon_id 
_pdbx_nonpoly_scheme.ndb_seq_num 
_pdbx_nonpoly_scheme.pdb_seq_num 
_pdbx_nonpoly_scheme.auth_seq_num 
_pdbx_nonpoly_scheme.pdb_mon_id 
_pdbx_nonpoly_scheme.auth_mon_id 
_pdbx_nonpoly_scheme.pdb_strand_id 
_pdbx_nonpoly_scheme.pdb_ins_code 
B 2 HOH 1  2001 2001 HOH HOH A . 
B 2 HOH 2  2002 2002 HOH HOH A . 
B 2 HOH 3  2003 2003 HOH HOH A . 
B 2 HOH 4  2004 2004 HOH HOH A . 
B 2 HOH 5  2005 2005 HOH HOH A . 
B 2 HOH 6  2006 2006 HOH HOH A . 
B 2 HOH 7  2007 2007 HOH HOH A . 
B 2 HOH 8  2008 2008 HOH HOH A . 
B 2 HOH 9  2009 2009 HOH HOH A . 
B 2 HOH 10 2010 2010 HOH HOH A . 
B 2 HOH 11 2011 2011 HOH HOH A . 
B 2 HOH 12 2012 2012 HOH HOH A . 
B 2 HOH 13 2013 2013 HOH HOH A . 
B 2 HOH 14 2014 2014 HOH HOH A . 
B 2 HOH 15 2015 2015 HOH HOH A . 
B 2 HOH 16 2016 2016 HOH HOH A . 
B 2 HOH 17 2017 2017 HOH HOH A . 
B 2 HOH 18 2018 2018 HOH HOH A . 
B 2 HOH 19 2019 2019 HOH HOH A . 
B 2 HOH 20 2020 2020 HOH HOH A . 
B 2 HOH 21 2021 2021 HOH HOH A . 
B 2 HOH 22 2022 2022 HOH HOH A . 
B 2 HOH 23 2023 2023 HOH HOH A . 
B 2 HOH 24 2024 2024 HOH HOH A . 
B 2 HOH 25 2025 2025 HOH HOH A . 
B 2 HOH 26 2026 2026 HOH HOH A . 
B 2 HOH 27 2027 2027 HOH HOH A . 
B 2 HOH 28 2028 2028 HOH HOH A . 
B 2 HOH 29 2029 2029 HOH HOH A . 
B 2 HOH 30 2030 2030 HOH HOH A . 
B 2 HOH 31 2031 2031 HOH HOH A . 
B 2 HOH 32 2032 2032 HOH HOH A . 
B 2 HOH 33 2033 2033 HOH HOH A . 
B 2 HOH 34 2034 2034 HOH HOH A . 
B 2 HOH 35 2035 2035 HOH HOH A . 
B 2 HOH 36 2036 2036 HOH HOH A . 
B 2 HOH 37 2037 2037 HOH HOH A . 
B 2 HOH 38 2038 2038 HOH HOH A . 
B 2 HOH 39 2039 2039 HOH HOH A . 
B 2 HOH 40 2040 2040 HOH HOH A . 
B 2 HOH 41 2041 2041 HOH HOH A . 
# 
loop_
_software.name 
_software.classification 
_software.version 
_software.citation_id 
_software.pdbx_ordinal 
REFMAC   refinement       5.2.0019 ? 1 
HKL-2000 'data reduction' .        ? 2 
HKL-2000 'data scaling'   .        ? 3 
# 
_cell.entry_id           2VJW 
_cell.length_a           73.232 
_cell.length_b           73.232 
_cell.length_c           48.542 
_cell.angle_alpha        90.00 
_cell.angle_beta         90.00 
_cell.angle_gamma        120.00 
_cell.Z_PDB              6 
_cell.pdbx_unique_axis   ? 
# 
_symmetry.entry_id                         2VJW 
_symmetry.space_group_name_H-M             'P 61' 
_symmetry.pdbx_full_space_group_name_H-M   ? 
_symmetry.cell_setting                     ? 
_symmetry.Int_Tables_number                169 
# 
_exptl.entry_id          2VJW 
_exptl.method            'X-RAY DIFFRACTION' 
_exptl.crystals_number   1 
# 
_exptl_crystal.id                    1 
_exptl_crystal.density_meas          ? 
_exptl_crystal.density_Matthews      2.5 
_exptl_crystal.density_percent_sol   51 
_exptl_crystal.description           NONE 
# 
_diffrn.id                     1 
_diffrn.ambient_temp           294 
_diffrn.ambient_temp_details   ? 
_diffrn.crystal_id             1 
# 
_diffrn_detector.diffrn_id              1 
_diffrn_detector.detector               CCD 
_diffrn_detector.type                   'ADSC CCD' 
_diffrn_detector.pdbx_collection_date   2007-01-14 
_diffrn_detector.details                ? 
# 
_diffrn_radiation.diffrn_id                        1 
_diffrn_radiation.wavelength_id                    1 
_diffrn_radiation.pdbx_monochromatic_or_laue_m_l   M 
_diffrn_radiation.monochromator                    ? 
_diffrn_radiation.pdbx_diffrn_protocol             'SINGLE WAVELENGTH' 
_diffrn_radiation.pdbx_scattering_type             x-ray 
# 
_diffrn_radiation_wavelength.id           1 
_diffrn_radiation_wavelength.wavelength   1.0000 
_diffrn_radiation_wavelength.wt           1.0 
# 
_diffrn_source.diffrn_id                   1 
_diffrn_source.source                      SYNCHROTRON 
_diffrn_source.type                        'PAL/PLS BEAMLINE 4A' 
_diffrn_source.pdbx_synchrotron_site       PAL/PLS 
_diffrn_source.pdbx_synchrotron_beamline   4A 
_diffrn_source.pdbx_wavelength             1.0000 
_diffrn_source.pdbx_wavelength_list        ? 
# 
_reflns.pdbx_diffrn_id               1 
_reflns.pdbx_ordinal                 1 
_reflns.entry_id                     2VJW 
_reflns.observed_criterion_sigma_I   2.0 
_reflns.observed_criterion_sigma_F   ? 
_reflns.d_resolution_low             40.00 
_reflns.d_resolution_high            2.00 
_reflns.number_obs                   10102 
_reflns.number_all                   ? 
_reflns.percent_possible_obs         99.5 
_reflns.pdbx_Rmerge_I_obs            0.08 
_reflns.pdbx_Rsym_value              ? 
_reflns.pdbx_netI_over_sigmaI        31.70 
_reflns.B_iso_Wilson_estimate        ? 
_reflns.pdbx_redundancy              7.2 
# 
_reflns_shell.pdbx_diffrn_id         1 
_reflns_shell.pdbx_ordinal           1 
_reflns_shell.d_res_high             2.00 
_reflns_shell.d_res_low              2.07 
_reflns_shell.percent_possible_all   97.1 
_reflns_shell.Rmerge_I_obs           0.38 
_reflns_shell.pdbx_Rsym_value        ? 
_reflns_shell.meanI_over_sigI_obs    5.30 
_reflns_shell.pdbx_redundancy        6.5 
# 
_refine.pdbx_refine_id                           'X-RAY DIFFRACTION' 
_refine.entry_id                                 2VJW 
_refine.pdbx_diffrn_id                           1 
_refine.pdbx_TLS_residual_ADP_flag               ? 
_refine.ls_number_reflns_obs                     9590 
_refine.ls_number_reflns_all                     ? 
_refine.pdbx_ls_sigma_I                          ? 
_refine.pdbx_ls_sigma_F                          ? 
_refine.pdbx_data_cutoff_high_absF               ? 
_refine.pdbx_data_cutoff_low_absF                ? 
_refine.pdbx_data_cutoff_high_rms_absF           ? 
_refine.ls_d_res_low                             29.24 
_refine.ls_d_res_high                            2.00 
_refine.ls_percent_reflns_obs                    99.5 
_refine.ls_R_factor_obs                          0.210 
_refine.ls_R_factor_all                          ? 
_refine.ls_R_factor_R_work                       0.208 
_refine.ls_R_factor_R_free                       0.249 
_refine.ls_R_factor_R_free_error                 ? 
_refine.ls_R_factor_R_free_error_details         ? 
_refine.ls_percent_reflns_R_free                 4.800 
_refine.ls_number_reflns_R_free                  485 
_refine.ls_number_parameters                     ? 
_refine.ls_number_restraints                     ? 
_refine.occupancy_min                            ? 
_refine.occupancy_max                            ? 
_refine.correlation_coeff_Fo_to_Fc               0.950 
_refine.correlation_coeff_Fo_to_Fc_free          0.920 
_refine.B_iso_mean                               33.09 
_refine.aniso_B[1][1]                            0.00000 
_refine.aniso_B[2][2]                            0.00000 
_refine.aniso_B[3][3]                            -0.01000 
_refine.aniso_B[1][2]                            0.00000 
_refine.aniso_B[1][3]                            0.00000 
_refine.aniso_B[2][3]                            0.00000 
_refine.solvent_model_details                    MASK 
_refine.solvent_model_param_ksol                 ? 
_refine.solvent_model_param_bsol                 ? 
_refine.pdbx_solvent_vdw_probe_radii             1.40 
_refine.pdbx_solvent_ion_probe_radii             0.80 
_refine.pdbx_solvent_shrinkage_radii             0.80 
_refine.pdbx_ls_cross_valid_method               THROUGHOUT 
_refine.details                                  'HYDROGENS HAVE BEEN ADDED IN THE RIDING POSITIONS.' 
_refine.pdbx_starting_model                      NONE 
_refine.pdbx_method_to_determine_struct          'MOLECULAR REPLACEMENT' 
_refine.pdbx_isotropic_thermal_model             ? 
_refine.pdbx_stereochemistry_target_values       'MAXIMUM LIKELIHOOD' 
_refine.pdbx_stereochem_target_val_spec_case     ? 
_refine.pdbx_R_Free_selection_details            RANDOM 
_refine.pdbx_overall_ESU_R                       0.184 
_refine.pdbx_overall_ESU_R_Free                  0.166 
_refine.overall_SU_ML                            ? 
_refine.pdbx_overall_phase_error                 ? 
_refine.overall_SU_B                             ? 
_refine.overall_SU_R_Cruickshank_DPI             ? 
_refine.pdbx_overall_SU_R_free_Cruickshank_DPI   ? 
_refine.pdbx_overall_SU_R_Blow_DPI               ? 
_refine.pdbx_overall_SU_R_free_Blow_DPI          ? 
# 
_refine_hist.pdbx_refine_id                   'X-RAY DIFFRACTION' 
_refine_hist.cycle_id                         LAST 
_refine_hist.pdbx_number_atoms_protein        988 
_refine_hist.pdbx_number_atoms_nucleic_acid   0 
_refine_hist.pdbx_number_atoms_ligand         0 
_refine_hist.number_atoms_solvent             41 
_refine_hist.number_atoms_total               1029 
_refine_hist.d_res_high                       2.00 
_refine_hist.d_res_low                        29.24 
# 
loop_
_refine_ls_restr.type 
_refine_ls_restr.dev_ideal 
_refine_ls_restr.dev_ideal_target 
_refine_ls_restr.weight 
_refine_ls_restr.number 
_refine_ls_restr.pdbx_refine_id 
_refine_ls_restr.pdbx_restraint_function 
r_bond_refined_d             0.011  0.022  ? 1005 'X-RAY DIFFRACTION' ? 
r_bond_other_d               ?      ?      ? ?    'X-RAY DIFFRACTION' ? 
r_angle_refined_deg          1.273  1.980  ? 1373 'X-RAY DIFFRACTION' ? 
r_angle_other_deg            ?      ?      ? ?    'X-RAY DIFFRACTION' ? 
r_dihedral_angle_1_deg       16.080 5.000  ? 136  'X-RAY DIFFRACTION' ? 
r_dihedral_angle_2_deg       33.192 24.103 ? 39   'X-RAY DIFFRACTION' ? 
r_dihedral_angle_3_deg       15.432 15.000 ? 148  'X-RAY DIFFRACTION' ? 
r_dihedral_angle_4_deg       20.463 15.000 ? 9    'X-RAY DIFFRACTION' ? 
r_chiral_restr               0.086  0.200  ? 169  'X-RAY DIFFRACTION' ? 
r_gen_planes_refined         0.004  0.020  ? 763  'X-RAY DIFFRACTION' ? 
r_gen_planes_other           ?      ?      ? ?    'X-RAY DIFFRACTION' ? 
r_nbd_refined                0.205  0.200  ? 450  'X-RAY DIFFRACTION' ? 
r_nbd_other                  ?      ?      ? ?    'X-RAY DIFFRACTION' ? 
r_nbtor_refined              0.296  0.200  ? 715  'X-RAY DIFFRACTION' ? 
r_nbtor_other                ?      ?      ? ?    'X-RAY DIFFRACTION' ? 
r_xyhbond_nbd_refined        0.132  0.200  ? 42   'X-RAY DIFFRACTION' ? 
r_xyhbond_nbd_other          ?      ?      ? ?    'X-RAY DIFFRACTION' ? 
r_metal_ion_refined          ?      ?      ? ?    'X-RAY DIFFRACTION' ? 
r_metal_ion_other            ?      ?      ? ?    'X-RAY DIFFRACTION' ? 
r_symmetry_vdw_refined       0.212  0.200  ? 19   'X-RAY DIFFRACTION' ? 
r_symmetry_vdw_other         ?      ?      ? ?    'X-RAY DIFFRACTION' ? 
r_symmetry_hbond_refined     0.163  0.200  ? 8    'X-RAY DIFFRACTION' ? 
r_symmetry_hbond_other       ?      ?      ? ?    'X-RAY DIFFRACTION' ? 
r_symmetry_metal_ion_refined ?      ?      ? ?    'X-RAY DIFFRACTION' ? 
r_symmetry_metal_ion_other   ?      ?      ? ?    'X-RAY DIFFRACTION' ? 
r_mcbond_it                  0.785  1.500  ? 686  'X-RAY DIFFRACTION' ? 
r_mcbond_other               ?      ?      ? ?    'X-RAY DIFFRACTION' ? 
r_mcangle_it                 1.425  2.000  ? 1092 'X-RAY DIFFRACTION' ? 
r_mcangle_other              ?      ?      ? ?    'X-RAY DIFFRACTION' ? 
r_scbond_it                  1.843  3.000  ? 319  'X-RAY DIFFRACTION' ? 
r_scbond_other               ?      ?      ? ?    'X-RAY DIFFRACTION' ? 
r_scangle_it                 2.892  4.500  ? 281  'X-RAY DIFFRACTION' ? 
r_scangle_other              ?      ?      ? ?    'X-RAY DIFFRACTION' ? 
r_long_range_B_refined       ?      ?      ? ?    'X-RAY DIFFRACTION' ? 
r_long_range_B_other         ?      ?      ? ?    'X-RAY DIFFRACTION' ? 
r_rigid_bond_restr           ?      ?      ? ?    'X-RAY DIFFRACTION' ? 
r_sphericity_free            ?      ?      ? ?    'X-RAY DIFFRACTION' ? 
r_sphericity_bonded          ?      ?      ? ?    'X-RAY DIFFRACTION' ? 
# 
_refine_ls_shell.pdbx_refine_id                   'X-RAY DIFFRACTION' 
_refine_ls_shell.pdbx_total_number_of_bins_used   20 
_refine_ls_shell.d_res_high                       2.00 
_refine_ls_shell.d_res_low                        2.05 
_refine_ls_shell.number_reflns_R_work             688 
_refine_ls_shell.R_factor_R_work                  0.2520 
_refine_ls_shell.percent_reflns_obs               ? 
_refine_ls_shell.R_factor_R_free                  0.2700 
_refine_ls_shell.R_factor_R_free_error            ? 
_refine_ls_shell.percent_reflns_R_free            ? 
_refine_ls_shell.number_reflns_R_free             34 
_refine_ls_shell.number_reflns_all                ? 
_refine_ls_shell.R_factor_all                     ? 
# 
_struct.entry_id                  2VJW 
_struct.title                     'crystal structure of the second GAF domain of DevS from Mycobacterium smegmatis' 
_struct.pdbx_model_details        ? 
_struct.pdbx_CASP_flag            ? 
_struct.pdbx_model_type_details   ? 
# 
_struct_keywords.entry_id        2VJW 
_struct_keywords.pdbx_keywords   HYDROLASE 
_struct_keywords.text            'GAF, HISTIDINE KINASE, HYPOXIA SENSING, HYDROLASE' 
# 
loop_
_struct_asym.id 
_struct_asym.pdbx_blank_PDB_chainid_flag 
_struct_asym.pdbx_modified 
_struct_asym.entity_id 
_struct_asym.details 
A N N 1 ? 
B N N 2 ? 
# 
_struct_ref.id                         1 
_struct_ref.db_name                    UNP 
_struct_ref.db_code                    A0R2U9_MYCS2 
_struct_ref.entity_id                  1 
_struct_ref.pdbx_seq_one_letter_code   ? 
_struct_ref.pdbx_align_begin           ? 
_struct_ref.pdbx_db_accession          A0R2U9 
_struct_ref.pdbx_db_isoform            ? 
# 
_struct_ref_seq.align_id                      1 
_struct_ref_seq.ref_id                        1 
_struct_ref_seq.pdbx_PDB_id_code              2VJW 
_struct_ref_seq.pdbx_strand_id                A 
_struct_ref_seq.seq_align_beg                 1 
_struct_ref_seq.pdbx_seq_align_beg_ins_code   ? 
_struct_ref_seq.seq_align_end                 149 
_struct_ref_seq.pdbx_seq_align_end_ins_code   ? 
_struct_ref_seq.pdbx_db_accession             A0R2U9 
_struct_ref_seq.db_align_beg                  232 
_struct_ref_seq.pdbx_db_align_beg_ins_code    ? 
_struct_ref_seq.db_align_end                  380 
_struct_ref_seq.pdbx_db_align_end_ins_code    ? 
_struct_ref_seq.pdbx_auth_seq_align_beg       232 
_struct_ref_seq.pdbx_auth_seq_align_end       380 
# 
_pdbx_struct_assembly.id                   1 
_pdbx_struct_assembly.details              author_and_software_defined_assembly 
_pdbx_struct_assembly.method_details       PQS 
_pdbx_struct_assembly.oligomeric_details   monomeric 
_pdbx_struct_assembly.oligomeric_count     1 
# 
_pdbx_struct_assembly_gen.assembly_id       1 
_pdbx_struct_assembly_gen.oper_expression   1 
_pdbx_struct_assembly_gen.asym_id_list      A,B 
# 
_pdbx_struct_oper_list.id                   1 
_pdbx_struct_oper_list.type                 'identity operation' 
_pdbx_struct_oper_list.name                 1_555 
_pdbx_struct_oper_list.symmetry_operation   x,y,z 
_pdbx_struct_oper_list.matrix[1][1]         1.0000000000 
_pdbx_struct_oper_list.matrix[1][2]         0.0000000000 
_pdbx_struct_oper_list.matrix[1][3]         0.0000000000 
_pdbx_struct_oper_list.vector[1]            0.0000000000 
_pdbx_struct_oper_list.matrix[2][1]         0.0000000000 
_pdbx_struct_oper_list.matrix[2][2]         1.0000000000 
_pdbx_struct_oper_list.matrix[2][3]         0.0000000000 
_pdbx_struct_oper_list.vector[2]            0.0000000000 
_pdbx_struct_oper_list.matrix[3][1]         0.0000000000 
_pdbx_struct_oper_list.matrix[3][2]         0.0000000000 
_pdbx_struct_oper_list.matrix[3][3]         1.0000000000 
_pdbx_struct_oper_list.vector[3]            0.0000000000 
# 
_struct_biol.id   1 
# 
loop_
_struct_conf.conf_type_id 
_struct_conf.id 
_struct_conf.pdbx_PDB_helix_id 
_struct_conf.beg_label_comp_id 
_struct_conf.beg_label_asym_id 
_struct_conf.beg_label_seq_id 
_struct_conf.pdbx_beg_PDB_ins_code 
_struct_conf.end_label_comp_id 
_struct_conf.end_label_asym_id 
_struct_conf.end_label_seq_id 
_struct_conf.pdbx_end_PDB_ins_code 
_struct_conf.beg_auth_comp_id 
_struct_conf.beg_auth_asym_id 
_struct_conf.beg_auth_seq_id 
_struct_conf.end_auth_comp_id 
_struct_conf.end_auth_asym_id 
_struct_conf.end_auth_seq_id 
_struct_conf.pdbx_PDB_helix_class 
_struct_conf.details 
_struct_conf.pdbx_PDB_helix_length 
HELX_P HELX_P1 1 PRO A 2   ? GLY A 18  ? PRO A 233 GLY A 249 1 ? 17 
HELX_P HELX_P2 2 PRO A 48  ? GLU A 52  ? PRO A 279 GLU A 283 5 ? 5  
HELX_P HELX_P3 3 ASN A 61  ? ARG A 70  ? ASN A 292 ARG A 301 1 ? 10 
HELX_P HELX_P4 4 THR A 114 ? MSE A 141 ? THR A 345 MSE A 372 1 ? 28 
# 
_struct_conf_type.id          HELX_P 
_struct_conf_type.criteria    ? 
_struct_conf_type.reference   ? 
# 
loop_
_struct_conn.id 
_struct_conn.conn_type_id 
_struct_conn.pdbx_leaving_atom_flag 
_struct_conn.pdbx_PDB_id 
_struct_conn.ptnr1_label_asym_id 
_struct_conn.ptnr1_label_comp_id 
_struct_conn.ptnr1_label_seq_id 
_struct_conn.ptnr1_label_atom_id 
_struct_conn.pdbx_ptnr1_label_alt_id 
_struct_conn.pdbx_ptnr1_PDB_ins_code 
_struct_conn.pdbx_ptnr1_standard_comp_id 
_struct_conn.ptnr1_symmetry 
_struct_conn.ptnr2_label_asym_id 
_struct_conn.ptnr2_label_comp_id 
_struct_conn.ptnr2_label_seq_id 
_struct_conn.ptnr2_label_atom_id 
_struct_conn.pdbx_ptnr2_label_alt_id 
_struct_conn.pdbx_ptnr2_PDB_ins_code 
_struct_conn.ptnr1_auth_asym_id 
_struct_conn.ptnr1_auth_comp_id 
_struct_conn.ptnr1_auth_seq_id 
_struct_conn.ptnr2_auth_asym_id 
_struct_conn.ptnr2_auth_comp_id 
_struct_conn.ptnr2_auth_seq_id 
_struct_conn.ptnr2_symmetry 
_struct_conn.pdbx_ptnr3_label_atom_id 
_struct_conn.pdbx_ptnr3_label_seq_id 
_struct_conn.pdbx_ptnr3_label_comp_id 
_struct_conn.pdbx_ptnr3_label_asym_id 
_struct_conn.pdbx_ptnr3_label_alt_id 
_struct_conn.pdbx_ptnr3_PDB_ins_code 
_struct_conn.details 
_struct_conn.pdbx_dist_value 
_struct_conn.pdbx_value_order 
_struct_conn.pdbx_role 
covale1 covale both ? A GLU 119 C ? ? ? 1_555 A MSE 120 N ? ? A GLU 350 A MSE 351 1_555 ? ? ? ? ? ? ? 1.327 ? ? 
covale2 covale both ? A MSE 120 C ? ? ? 1_555 A MSE 121 N ? ? A MSE 351 A MSE 352 1_555 ? ? ? ? ? ? ? 1.322 ? ? 
covale3 covale both ? A MSE 121 C ? ? ? 1_555 A THR 122 N ? ? A MSE 352 A THR 353 1_555 ? ? ? ? ? ? ? 1.334 ? ? 
covale4 covale both ? A ARG 140 C ? ? ? 1_555 A MSE 141 N ? ? A ARG 371 A MSE 372 1_555 ? ? ? ? ? ? ? 1.331 ? ? 
covale5 covale both ? A MSE 141 C ? ? ? 1_555 A SER 142 N ? ? A MSE 372 A SER 373 1_555 ? ? ? ? ? ? ? 1.335 ? ? 
# 
_struct_conn_type.id          covale 
_struct_conn_type.criteria    ? 
_struct_conn_type.reference   ? 
# 
loop_
_pdbx_modification_feature.ordinal 
_pdbx_modification_feature.label_comp_id 
_pdbx_modification_feature.label_asym_id 
_pdbx_modification_feature.label_seq_id 
_pdbx_modification_feature.label_alt_id 
_pdbx_modification_feature.modified_residue_label_comp_id 
_pdbx_modification_feature.modified_residue_label_asym_id 
_pdbx_modification_feature.modified_residue_label_seq_id 
_pdbx_modification_feature.modified_residue_label_alt_id 
_pdbx_modification_feature.auth_comp_id 
_pdbx_modification_feature.auth_asym_id 
_pdbx_modification_feature.auth_seq_id 
_pdbx_modification_feature.PDB_ins_code 
_pdbx_modification_feature.symmetry 
_pdbx_modification_feature.modified_residue_auth_comp_id 
_pdbx_modification_feature.modified_residue_auth_asym_id 
_pdbx_modification_feature.modified_residue_auth_seq_id 
_pdbx_modification_feature.modified_residue_PDB_ins_code 
_pdbx_modification_feature.modified_residue_symmetry 
_pdbx_modification_feature.comp_id_linking_atom 
_pdbx_modification_feature.modified_residue_id_linking_atom 
_pdbx_modification_feature.modified_residue_id 
_pdbx_modification_feature.ref_pcm_id 
_pdbx_modification_feature.ref_comp_id 
_pdbx_modification_feature.type 
_pdbx_modification_feature.category 
1 MSE A 120 ? . . . . MSE A 351 ? 1_555 . . . . . . . MET 1 MSE Selenomethionine 'Named protein modification' 
2 MSE A 121 ? . . . . MSE A 352 ? 1_555 . . . . . . . MET 1 MSE Selenomethionine 'Named protein modification' 
3 MSE A 141 ? . . . . MSE A 372 ? 1_555 . . . . . . . MET 1 MSE Selenomethionine 'Named protein modification' 
# 
_struct_mon_prot_cis.pdbx_id                1 
_struct_mon_prot_cis.label_comp_id          GLY 
_struct_mon_prot_cis.label_seq_id           80 
_struct_mon_prot_cis.label_asym_id          A 
_struct_mon_prot_cis.label_alt_id           . 
_struct_mon_prot_cis.pdbx_PDB_ins_code      ? 
_struct_mon_prot_cis.auth_comp_id           GLY 
_struct_mon_prot_cis.auth_seq_id            311 
_struct_mon_prot_cis.auth_asym_id           A 
_struct_mon_prot_cis.pdbx_label_comp_id_2   PRO 
_struct_mon_prot_cis.pdbx_label_seq_id_2    81 
_struct_mon_prot_cis.pdbx_label_asym_id_2   A 
_struct_mon_prot_cis.pdbx_PDB_ins_code_2    ? 
_struct_mon_prot_cis.pdbx_auth_comp_id_2    PRO 
_struct_mon_prot_cis.pdbx_auth_seq_id_2     312 
_struct_mon_prot_cis.pdbx_auth_asym_id_2    A 
_struct_mon_prot_cis.pdbx_PDB_model_num     1 
_struct_mon_prot_cis.pdbx_omega_angle       2.32 
# 
_struct_sheet.id               AA 
_struct_sheet.type             ? 
_struct_sheet.number_strands   6 
_struct_sheet.details          ? 
# 
loop_
_struct_sheet_order.sheet_id 
_struct_sheet_order.range_id_1 
_struct_sheet_order.range_id_2 
_struct_sheet_order.offset 
_struct_sheet_order.sense 
AA 1 2 ? anti-parallel 
AA 2 3 ? anti-parallel 
AA 3 4 ? anti-parallel 
AA 4 5 ? anti-parallel 
AA 5 6 ? anti-parallel 
# 
loop_
_struct_sheet_range.sheet_id 
_struct_sheet_range.id 
_struct_sheet_range.beg_label_comp_id 
_struct_sheet_range.beg_label_asym_id 
_struct_sheet_range.beg_label_seq_id 
_struct_sheet_range.pdbx_beg_PDB_ins_code 
_struct_sheet_range.end_label_comp_id 
_struct_sheet_range.end_label_asym_id 
_struct_sheet_range.end_label_seq_id 
_struct_sheet_range.pdbx_end_PDB_ins_code 
_struct_sheet_range.beg_auth_comp_id 
_struct_sheet_range.beg_auth_asym_id 
_struct_sheet_range.beg_auth_seq_id 
_struct_sheet_range.end_auth_comp_id 
_struct_sheet_range.end_auth_asym_id 
_struct_sheet_range.end_auth_seq_id 
AA 1 ALA A 55 ? PRO A 57  ? ALA A 286 PRO A 288 
AA 2 GLU A 37 ? GLY A 45  ? GLU A 268 GLY A 276 
AA 3 GLY A 21 ? PRO A 27  ? GLY A 252 PRO A 258 
AA 4 THR A 97 ? GLY A 107 ? THR A 328 GLY A 338 
AA 5 GLY A 84 ? ALA A 94  ? GLY A 315 ALA A 325 
AA 6 ARG A 73 ? LEU A 75  ? ARG A 304 LEU A 306 
# 
loop_
_pdbx_struct_sheet_hbond.sheet_id 
_pdbx_struct_sheet_hbond.range_id_1 
_pdbx_struct_sheet_hbond.range_id_2 
_pdbx_struct_sheet_hbond.range_1_label_atom_id 
_pdbx_struct_sheet_hbond.range_1_label_comp_id 
_pdbx_struct_sheet_hbond.range_1_label_asym_id 
_pdbx_struct_sheet_hbond.range_1_label_seq_id 
_pdbx_struct_sheet_hbond.range_1_PDB_ins_code 
_pdbx_struct_sheet_hbond.range_1_auth_atom_id 
_pdbx_struct_sheet_hbond.range_1_auth_comp_id 
_pdbx_struct_sheet_hbond.range_1_auth_asym_id 
_pdbx_struct_sheet_hbond.range_1_auth_seq_id 
_pdbx_struct_sheet_hbond.range_2_label_atom_id 
_pdbx_struct_sheet_hbond.range_2_label_comp_id 
_pdbx_struct_sheet_hbond.range_2_label_asym_id 
_pdbx_struct_sheet_hbond.range_2_label_seq_id 
_pdbx_struct_sheet_hbond.range_2_PDB_ins_code 
_pdbx_struct_sheet_hbond.range_2_auth_atom_id 
_pdbx_struct_sheet_hbond.range_2_auth_comp_id 
_pdbx_struct_sheet_hbond.range_2_auth_asym_id 
_pdbx_struct_sheet_hbond.range_2_auth_seq_id 
AA 1 2 N ILE A 56  ? N ILE A 287 O LEU A 38  ? O LEU A 269 
AA 2 3 N ALA A 44  ? N ALA A 275 O THR A 22  ? O THR A 253 
AA 3 4 N ALA A 25  ? N ALA A 256 O VAL A 101 ? O VAL A 332 
AA 4 5 O GLN A 106 ? O GLN A 337 N GLY A 85  ? N GLY A 316 
AA 5 6 N VAL A 89  ? N VAL A 320 O ARG A 73  ? O ARG A 304 
# 
_pdbx_entry_details.entry_id                   2VJW 
_pdbx_entry_details.compound_details           ? 
_pdbx_entry_details.source_details             ? 
_pdbx_entry_details.nonpolymer_details         ? 
_pdbx_entry_details.sequence_details           ? 
_pdbx_entry_details.has_ligand_of_interest     ? 
_pdbx_entry_details.has_protein_modification   Y 
# 
loop_
_pdbx_struct_mod_residue.id 
_pdbx_struct_mod_residue.label_asym_id 
_pdbx_struct_mod_residue.label_comp_id 
_pdbx_struct_mod_residue.label_seq_id 
_pdbx_struct_mod_residue.auth_asym_id 
_pdbx_struct_mod_residue.auth_comp_id 
_pdbx_struct_mod_residue.auth_seq_id 
_pdbx_struct_mod_residue.PDB_ins_code 
_pdbx_struct_mod_residue.parent_comp_id 
_pdbx_struct_mod_residue.details 
1 A MSE 120 A MSE 351 ? MET SELENOMETHIONINE 
2 A MSE 121 A MSE 352 ? MET SELENOMETHIONINE 
3 A MSE 141 A MSE 372 ? MET SELENOMETHIONINE 
# 
loop_
_pdbx_unobs_or_zero_occ_residues.id 
_pdbx_unobs_or_zero_occ_residues.PDB_model_num 
_pdbx_unobs_or_zero_occ_residues.polymer_flag 
_pdbx_unobs_or_zero_occ_residues.occupancy_flag 
_pdbx_unobs_or_zero_occ_residues.auth_asym_id 
_pdbx_unobs_or_zero_occ_residues.auth_comp_id 
_pdbx_unobs_or_zero_occ_residues.auth_seq_id 
_pdbx_unobs_or_zero_occ_residues.PDB_ins_code 
_pdbx_unobs_or_zero_occ_residues.label_asym_id 
_pdbx_unobs_or_zero_occ_residues.label_comp_id 
_pdbx_unobs_or_zero_occ_residues.label_seq_id 
1  1 Y 1 A PRO 261 ? A PRO 30  
2  1 Y 1 A ASP 262 ? A ASP 31  
3  1 Y 1 A ALA 263 ? A ALA 32  
4  1 Y 1 A SER 264 ? A SER 33  
5  1 Y 1 A GLU 374 ? A GLU 143 
6  1 Y 1 A LEU 375 ? A LEU 144 
7  1 Y 1 A ASP 376 ? A ASP 145 
8  1 Y 1 A ILE 377 ? A ILE 146 
9  1 Y 1 A LEU 378 ? A LEU 147 
10 1 Y 1 A ALA 379 ? A ALA 148 
11 1 Y 1 A ASP 380 ? A ASP 149 
# 
loop_
_chem_comp_atom.comp_id 
_chem_comp_atom.atom_id 
_chem_comp_atom.type_symbol 
_chem_comp_atom.pdbx_aromatic_flag 
_chem_comp_atom.pdbx_stereo_config 
_chem_comp_atom.pdbx_ordinal 
ALA N    N  N N 1   
ALA CA   C  N S 2   
ALA C    C  N N 3   
ALA O    O  N N 4   
ALA CB   C  N N 5   
ALA OXT  O  N N 6   
ALA H    H  N N 7   
ALA H2   H  N N 8   
ALA HA   H  N N 9   
ALA HB1  H  N N 10  
ALA HB2  H  N N 11  
ALA HB3  H  N N 12  
ALA HXT  H  N N 13  
ARG N    N  N N 14  
ARG CA   C  N S 15  
ARG C    C  N N 16  
ARG O    O  N N 17  
ARG CB   C  N N 18  
ARG CG   C  N N 19  
ARG CD   C  N N 20  
ARG NE   N  N N 21  
ARG CZ   C  N N 22  
ARG NH1  N  N N 23  
ARG NH2  N  N N 24  
ARG OXT  O  N N 25  
ARG H    H  N N 26  
ARG H2   H  N N 27  
ARG HA   H  N N 28  
ARG HB2  H  N N 29  
ARG HB3  H  N N 30  
ARG HG2  H  N N 31  
ARG HG3  H  N N 32  
ARG HD2  H  N N 33  
ARG HD3  H  N N 34  
ARG HE   H  N N 35  
ARG HH11 H  N N 36  
ARG HH12 H  N N 37  
ARG HH21 H  N N 38  
ARG HH22 H  N N 39  
ARG HXT  H  N N 40  
ASN N    N  N N 41  
ASN CA   C  N S 42  
ASN C    C  N N 43  
ASN O    O  N N 44  
ASN CB   C  N N 45  
ASN CG   C  N N 46  
ASN OD1  O  N N 47  
ASN ND2  N  N N 48  
ASN OXT  O  N N 49  
ASN H    H  N N 50  
ASN H2   H  N N 51  
ASN HA   H  N N 52  
ASN HB2  H  N N 53  
ASN HB3  H  N N 54  
ASN HD21 H  N N 55  
ASN HD22 H  N N 56  
ASN HXT  H  N N 57  
ASP N    N  N N 58  
ASP CA   C  N S 59  
ASP C    C  N N 60  
ASP O    O  N N 61  
ASP CB   C  N N 62  
ASP CG   C  N N 63  
ASP OD1  O  N N 64  
ASP OD2  O  N N 65  
ASP OXT  O  N N 66  
ASP H    H  N N 67  
ASP H2   H  N N 68  
ASP HA   H  N N 69  
ASP HB2  H  N N 70  
ASP HB3  H  N N 71  
ASP HD2  H  N N 72  
ASP HXT  H  N N 73  
GLN N    N  N N 74  
GLN CA   C  N S 75  
GLN C    C  N N 76  
GLN O    O  N N 77  
GLN CB   C  N N 78  
GLN CG   C  N N 79  
GLN CD   C  N N 80  
GLN OE1  O  N N 81  
GLN NE2  N  N N 82  
GLN OXT  O  N N 83  
GLN H    H  N N 84  
GLN H2   H  N N 85  
GLN HA   H  N N 86  
GLN HB2  H  N N 87  
GLN HB3  H  N N 88  
GLN HG2  H  N N 89  
GLN HG3  H  N N 90  
GLN HE21 H  N N 91  
GLN HE22 H  N N 92  
GLN HXT  H  N N 93  
GLU N    N  N N 94  
GLU CA   C  N S 95  
GLU C    C  N N 96  
GLU O    O  N N 97  
GLU CB   C  N N 98  
GLU CG   C  N N 99  
GLU CD   C  N N 100 
GLU OE1  O  N N 101 
GLU OE2  O  N N 102 
GLU OXT  O  N N 103 
GLU H    H  N N 104 
GLU H2   H  N N 105 
GLU HA   H  N N 106 
GLU HB2  H  N N 107 
GLU HB3  H  N N 108 
GLU HG2  H  N N 109 
GLU HG3  H  N N 110 
GLU HE2  H  N N 111 
GLU HXT  H  N N 112 
GLY N    N  N N 113 
GLY CA   C  N N 114 
GLY C    C  N N 115 
GLY O    O  N N 116 
GLY OXT  O  N N 117 
GLY H    H  N N 118 
GLY H2   H  N N 119 
GLY HA2  H  N N 120 
GLY HA3  H  N N 121 
GLY HXT  H  N N 122 
HOH O    O  N N 123 
HOH H1   H  N N 124 
HOH H2   H  N N 125 
ILE N    N  N N 126 
ILE CA   C  N S 127 
ILE C    C  N N 128 
ILE O    O  N N 129 
ILE CB   C  N S 130 
ILE CG1  C  N N 131 
ILE CG2  C  N N 132 
ILE CD1  C  N N 133 
ILE OXT  O  N N 134 
ILE H    H  N N 135 
ILE H2   H  N N 136 
ILE HA   H  N N 137 
ILE HB   H  N N 138 
ILE HG12 H  N N 139 
ILE HG13 H  N N 140 
ILE HG21 H  N N 141 
ILE HG22 H  N N 142 
ILE HG23 H  N N 143 
ILE HD11 H  N N 144 
ILE HD12 H  N N 145 
ILE HD13 H  N N 146 
ILE HXT  H  N N 147 
LEU N    N  N N 148 
LEU CA   C  N S 149 
LEU C    C  N N 150 
LEU O    O  N N 151 
LEU CB   C  N N 152 
LEU CG   C  N N 153 
LEU CD1  C  N N 154 
LEU CD2  C  N N 155 
LEU OXT  O  N N 156 
LEU H    H  N N 157 
LEU H2   H  N N 158 
LEU HA   H  N N 159 
LEU HB2  H  N N 160 
LEU HB3  H  N N 161 
LEU HG   H  N N 162 
LEU HD11 H  N N 163 
LEU HD12 H  N N 164 
LEU HD13 H  N N 165 
LEU HD21 H  N N 166 
LEU HD22 H  N N 167 
LEU HD23 H  N N 168 
LEU HXT  H  N N 169 
MSE N    N  N N 170 
MSE CA   C  N S 171 
MSE C    C  N N 172 
MSE O    O  N N 173 
MSE OXT  O  N N 174 
MSE CB   C  N N 175 
MSE CG   C  N N 176 
MSE SE   SE N N 177 
MSE CE   C  N N 178 
MSE H    H  N N 179 
MSE H2   H  N N 180 
MSE HA   H  N N 181 
MSE HXT  H  N N 182 
MSE HB2  H  N N 183 
MSE HB3  H  N N 184 
MSE HG2  H  N N 185 
MSE HG3  H  N N 186 
MSE HE1  H  N N 187 
MSE HE2  H  N N 188 
MSE HE3  H  N N 189 
PHE N    N  N N 190 
PHE CA   C  N S 191 
PHE C    C  N N 192 
PHE O    O  N N 193 
PHE CB   C  N N 194 
PHE CG   C  Y N 195 
PHE CD1  C  Y N 196 
PHE CD2  C  Y N 197 
PHE CE1  C  Y N 198 
PHE CE2  C  Y N 199 
PHE CZ   C  Y N 200 
PHE OXT  O  N N 201 
PHE H    H  N N 202 
PHE H2   H  N N 203 
PHE HA   H  N N 204 
PHE HB2  H  N N 205 
PHE HB3  H  N N 206 
PHE HD1  H  N N 207 
PHE HD2  H  N N 208 
PHE HE1  H  N N 209 
PHE HE2  H  N N 210 
PHE HZ   H  N N 211 
PHE HXT  H  N N 212 
PRO N    N  N N 213 
PRO CA   C  N S 214 
PRO C    C  N N 215 
PRO O    O  N N 216 
PRO CB   C  N N 217 
PRO CG   C  N N 218 
PRO CD   C  N N 219 
PRO OXT  O  N N 220 
PRO H    H  N N 221 
PRO HA   H  N N 222 
PRO HB2  H  N N 223 
PRO HB3  H  N N 224 
PRO HG2  H  N N 225 
PRO HG3  H  N N 226 
PRO HD2  H  N N 227 
PRO HD3  H  N N 228 
PRO HXT  H  N N 229 
SER N    N  N N 230 
SER CA   C  N S 231 
SER C    C  N N 232 
SER O    O  N N 233 
SER CB   C  N N 234 
SER OG   O  N N 235 
SER OXT  O  N N 236 
SER H    H  N N 237 
SER H2   H  N N 238 
SER HA   H  N N 239 
SER HB2  H  N N 240 
SER HB3  H  N N 241 
SER HG   H  N N 242 
SER HXT  H  N N 243 
THR N    N  N N 244 
THR CA   C  N S 245 
THR C    C  N N 246 
THR O    O  N N 247 
THR CB   C  N R 248 
THR OG1  O  N N 249 
THR CG2  C  N N 250 
THR OXT  O  N N 251 
THR H    H  N N 252 
THR H2   H  N N 253 
THR HA   H  N N 254 
THR HB   H  N N 255 
THR HG1  H  N N 256 
THR HG21 H  N N 257 
THR HG22 H  N N 258 
THR HG23 H  N N 259 
THR HXT  H  N N 260 
TRP N    N  N N 261 
TRP CA   C  N S 262 
TRP C    C  N N 263 
TRP O    O  N N 264 
TRP CB   C  N N 265 
TRP CG   C  Y N 266 
TRP CD1  C  Y N 267 
TRP CD2  C  Y N 268 
TRP NE1  N  Y N 269 
TRP CE2  C  Y N 270 
TRP CE3  C  Y N 271 
TRP CZ2  C  Y N 272 
TRP CZ3  C  Y N 273 
TRP CH2  C  Y N 274 
TRP OXT  O  N N 275 
TRP H    H  N N 276 
TRP H2   H  N N 277 
TRP HA   H  N N 278 
TRP HB2  H  N N 279 
TRP HB3  H  N N 280 
TRP HD1  H  N N 281 
TRP HE1  H  N N 282 
TRP HE3  H  N N 283 
TRP HZ2  H  N N 284 
TRP HZ3  H  N N 285 
TRP HH2  H  N N 286 
TRP HXT  H  N N 287 
VAL N    N  N N 288 
VAL CA   C  N S 289 
VAL C    C  N N 290 
VAL O    O  N N 291 
VAL CB   C  N N 292 
VAL CG1  C  N N 293 
VAL CG2  C  N N 294 
VAL OXT  O  N N 295 
VAL H    H  N N 296 
VAL H2   H  N N 297 
VAL HA   H  N N 298 
VAL HB   H  N N 299 
VAL HG11 H  N N 300 
VAL HG12 H  N N 301 
VAL HG13 H  N N 302 
VAL HG21 H  N N 303 
VAL HG22 H  N N 304 
VAL HG23 H  N N 305 
VAL HXT  H  N N 306 
# 
loop_
_chem_comp_bond.comp_id 
_chem_comp_bond.atom_id_1 
_chem_comp_bond.atom_id_2 
_chem_comp_bond.value_order 
_chem_comp_bond.pdbx_aromatic_flag 
_chem_comp_bond.pdbx_stereo_config 
_chem_comp_bond.pdbx_ordinal 
ALA N   CA   sing N N 1   
ALA N   H    sing N N 2   
ALA N   H2   sing N N 3   
ALA CA  C    sing N N 4   
ALA CA  CB   sing N N 5   
ALA CA  HA   sing N N 6   
ALA C   O    doub N N 7   
ALA C   OXT  sing N N 8   
ALA CB  HB1  sing N N 9   
ALA CB  HB2  sing N N 10  
ALA CB  HB3  sing N N 11  
ALA OXT HXT  sing N N 12  
ARG N   CA   sing N N 13  
ARG N   H    sing N N 14  
ARG N   H2   sing N N 15  
ARG CA  C    sing N N 16  
ARG CA  CB   sing N N 17  
ARG CA  HA   sing N N 18  
ARG C   O    doub N N 19  
ARG C   OXT  sing N N 20  
ARG CB  CG   sing N N 21  
ARG CB  HB2  sing N N 22  
ARG CB  HB3  sing N N 23  
ARG CG  CD   sing N N 24  
ARG CG  HG2  sing N N 25  
ARG CG  HG3  sing N N 26  
ARG CD  NE   sing N N 27  
ARG CD  HD2  sing N N 28  
ARG CD  HD3  sing N N 29  
ARG NE  CZ   sing N N 30  
ARG NE  HE   sing N N 31  
ARG CZ  NH1  sing N N 32  
ARG CZ  NH2  doub N N 33  
ARG NH1 HH11 sing N N 34  
ARG NH1 HH12 sing N N 35  
ARG NH2 HH21 sing N N 36  
ARG NH2 HH22 sing N N 37  
ARG OXT HXT  sing N N 38  
ASN N   CA   sing N N 39  
ASN N   H    sing N N 40  
ASN N   H2   sing N N 41  
ASN CA  C    sing N N 42  
ASN CA  CB   sing N N 43  
ASN CA  HA   sing N N 44  
ASN C   O    doub N N 45  
ASN C   OXT  sing N N 46  
ASN CB  CG   sing N N 47  
ASN CB  HB2  sing N N 48  
ASN CB  HB3  sing N N 49  
ASN CG  OD1  doub N N 50  
ASN CG  ND2  sing N N 51  
ASN ND2 HD21 sing N N 52  
ASN ND2 HD22 sing N N 53  
ASN OXT HXT  sing N N 54  
ASP N   CA   sing N N 55  
ASP N   H    sing N N 56  
ASP N   H2   sing N N 57  
ASP CA  C    sing N N 58  
ASP CA  CB   sing N N 59  
ASP CA  HA   sing N N 60  
ASP C   O    doub N N 61  
ASP C   OXT  sing N N 62  
ASP CB  CG   sing N N 63  
ASP CB  HB2  sing N N 64  
ASP CB  HB3  sing N N 65  
ASP CG  OD1  doub N N 66  
ASP CG  OD2  sing N N 67  
ASP OD2 HD2  sing N N 68  
ASP OXT HXT  sing N N 69  
GLN N   CA   sing N N 70  
GLN N   H    sing N N 71  
GLN N   H2   sing N N 72  
GLN CA  C    sing N N 73  
GLN CA  CB   sing N N 74  
GLN CA  HA   sing N N 75  
GLN C   O    doub N N 76  
GLN C   OXT  sing N N 77  
GLN CB  CG   sing N N 78  
GLN CB  HB2  sing N N 79  
GLN CB  HB3  sing N N 80  
GLN CG  CD   sing N N 81  
GLN CG  HG2  sing N N 82  
GLN CG  HG3  sing N N 83  
GLN CD  OE1  doub N N 84  
GLN CD  NE2  sing N N 85  
GLN NE2 HE21 sing N N 86  
GLN NE2 HE22 sing N N 87  
GLN OXT HXT  sing N N 88  
GLU N   CA   sing N N 89  
GLU N   H    sing N N 90  
GLU N   H2   sing N N 91  
GLU CA  C    sing N N 92  
GLU CA  CB   sing N N 93  
GLU CA  HA   sing N N 94  
GLU C   O    doub N N 95  
GLU C   OXT  sing N N 96  
GLU CB  CG   sing N N 97  
GLU CB  HB2  sing N N 98  
GLU CB  HB3  sing N N 99  
GLU CG  CD   sing N N 100 
GLU CG  HG2  sing N N 101 
GLU CG  HG3  sing N N 102 
GLU CD  OE1  doub N N 103 
GLU CD  OE2  sing N N 104 
GLU OE2 HE2  sing N N 105 
GLU OXT HXT  sing N N 106 
GLY N   CA   sing N N 107 
GLY N   H    sing N N 108 
GLY N   H2   sing N N 109 
GLY CA  C    sing N N 110 
GLY CA  HA2  sing N N 111 
GLY CA  HA3  sing N N 112 
GLY C   O    doub N N 113 
GLY C   OXT  sing N N 114 
GLY OXT HXT  sing N N 115 
HOH O   H1   sing N N 116 
HOH O   H2   sing N N 117 
ILE N   CA   sing N N 118 
ILE N   H    sing N N 119 
ILE N   H2   sing N N 120 
ILE CA  C    sing N N 121 
ILE CA  CB   sing N N 122 
ILE CA  HA   sing N N 123 
ILE C   O    doub N N 124 
ILE C   OXT  sing N N 125 
ILE CB  CG1  sing N N 126 
ILE CB  CG2  sing N N 127 
ILE CB  HB   sing N N 128 
ILE CG1 CD1  sing N N 129 
ILE CG1 HG12 sing N N 130 
ILE CG1 HG13 sing N N 131 
ILE CG2 HG21 sing N N 132 
ILE CG2 HG22 sing N N 133 
ILE CG2 HG23 sing N N 134 
ILE CD1 HD11 sing N N 135 
ILE CD1 HD12 sing N N 136 
ILE CD1 HD13 sing N N 137 
ILE OXT HXT  sing N N 138 
LEU N   CA   sing N N 139 
LEU N   H    sing N N 140 
LEU N   H2   sing N N 141 
LEU CA  C    sing N N 142 
LEU CA  CB   sing N N 143 
LEU CA  HA   sing N N 144 
LEU C   O    doub N N 145 
LEU C   OXT  sing N N 146 
LEU CB  CG   sing N N 147 
LEU CB  HB2  sing N N 148 
LEU CB  HB3  sing N N 149 
LEU CG  CD1  sing N N 150 
LEU CG  CD2  sing N N 151 
LEU CG  HG   sing N N 152 
LEU CD1 HD11 sing N N 153 
LEU CD1 HD12 sing N N 154 
LEU CD1 HD13 sing N N 155 
LEU CD2 HD21 sing N N 156 
LEU CD2 HD22 sing N N 157 
LEU CD2 HD23 sing N N 158 
LEU OXT HXT  sing N N 159 
MSE N   CA   sing N N 160 
MSE N   H    sing N N 161 
MSE N   H2   sing N N 162 
MSE CA  C    sing N N 163 
MSE CA  CB   sing N N 164 
MSE CA  HA   sing N N 165 
MSE C   O    doub N N 166 
MSE C   OXT  sing N N 167 
MSE OXT HXT  sing N N 168 
MSE CB  CG   sing N N 169 
MSE CB  HB2  sing N N 170 
MSE CB  HB3  sing N N 171 
MSE CG  SE   sing N N 172 
MSE CG  HG2  sing N N 173 
MSE CG  HG3  sing N N 174 
MSE SE  CE   sing N N 175 
MSE CE  HE1  sing N N 176 
MSE CE  HE2  sing N N 177 
MSE CE  HE3  sing N N 178 
PHE N   CA   sing N N 179 
PHE N   H    sing N N 180 
PHE N   H2   sing N N 181 
PHE CA  C    sing N N 182 
PHE CA  CB   sing N N 183 
PHE CA  HA   sing N N 184 
PHE C   O    doub N N 185 
PHE C   OXT  sing N N 186 
PHE CB  CG   sing N N 187 
PHE CB  HB2  sing N N 188 
PHE CB  HB3  sing N N 189 
PHE CG  CD1  doub Y N 190 
PHE CG  CD2  sing Y N 191 
PHE CD1 CE1  sing Y N 192 
PHE CD1 HD1  sing N N 193 
PHE CD2 CE2  doub Y N 194 
PHE CD2 HD2  sing N N 195 
PHE CE1 CZ   doub Y N 196 
PHE CE1 HE1  sing N N 197 
PHE CE2 CZ   sing Y N 198 
PHE CE2 HE2  sing N N 199 
PHE CZ  HZ   sing N N 200 
PHE OXT HXT  sing N N 201 
PRO N   CA   sing N N 202 
PRO N   CD   sing N N 203 
PRO N   H    sing N N 204 
PRO CA  C    sing N N 205 
PRO CA  CB   sing N N 206 
PRO CA  HA   sing N N 207 
PRO C   O    doub N N 208 
PRO C   OXT  sing N N 209 
PRO CB  CG   sing N N 210 
PRO CB  HB2  sing N N 211 
PRO CB  HB3  sing N N 212 
PRO CG  CD   sing N N 213 
PRO CG  HG2  sing N N 214 
PRO CG  HG3  sing N N 215 
PRO CD  HD2  sing N N 216 
PRO CD  HD3  sing N N 217 
PRO OXT HXT  sing N N 218 
SER N   CA   sing N N 219 
SER N   H    sing N N 220 
SER N   H2   sing N N 221 
SER CA  C    sing N N 222 
SER CA  CB   sing N N 223 
SER CA  HA   sing N N 224 
SER C   O    doub N N 225 
SER C   OXT  sing N N 226 
SER CB  OG   sing N N 227 
SER CB  HB2  sing N N 228 
SER CB  HB3  sing N N 229 
SER OG  HG   sing N N 230 
SER OXT HXT  sing N N 231 
THR N   CA   sing N N 232 
THR N   H    sing N N 233 
THR N   H2   sing N N 234 
THR CA  C    sing N N 235 
THR CA  CB   sing N N 236 
THR CA  HA   sing N N 237 
THR C   O    doub N N 238 
THR C   OXT  sing N N 239 
THR CB  OG1  sing N N 240 
THR CB  CG2  sing N N 241 
THR CB  HB   sing N N 242 
THR OG1 HG1  sing N N 243 
THR CG2 HG21 sing N N 244 
THR CG2 HG22 sing N N 245 
THR CG2 HG23 sing N N 246 
THR OXT HXT  sing N N 247 
TRP N   CA   sing N N 248 
TRP N   H    sing N N 249 
TRP N   H2   sing N N 250 
TRP CA  C    sing N N 251 
TRP CA  CB   sing N N 252 
TRP CA  HA   sing N N 253 
TRP C   O    doub N N 254 
TRP C   OXT  sing N N 255 
TRP CB  CG   sing N N 256 
TRP CB  HB2  sing N N 257 
TRP CB  HB3  sing N N 258 
TRP CG  CD1  doub Y N 259 
TRP CG  CD2  sing Y N 260 
TRP CD1 NE1  sing Y N 261 
TRP CD1 HD1  sing N N 262 
TRP CD2 CE2  doub Y N 263 
TRP CD2 CE3  sing Y N 264 
TRP NE1 CE2  sing Y N 265 
TRP NE1 HE1  sing N N 266 
TRP CE2 CZ2  sing Y N 267 
TRP CE3 CZ3  doub Y N 268 
TRP CE3 HE3  sing N N 269 
TRP CZ2 CH2  doub Y N 270 
TRP CZ2 HZ2  sing N N 271 
TRP CZ3 CH2  sing Y N 272 
TRP CZ3 HZ3  sing N N 273 
TRP CH2 HH2  sing N N 274 
TRP OXT HXT  sing N N 275 
VAL N   CA   sing N N 276 
VAL N   H    sing N N 277 
VAL N   H2   sing N N 278 
VAL CA  C    sing N N 279 
VAL CA  CB   sing N N 280 
VAL CA  HA   sing N N 281 
VAL C   O    doub N N 282 
VAL C   OXT  sing N N 283 
VAL CB  CG1  sing N N 284 
VAL CB  CG2  sing N N 285 
VAL CB  HB   sing N N 286 
VAL CG1 HG11 sing N N 287 
VAL CG1 HG12 sing N N 288 
VAL CG1 HG13 sing N N 289 
VAL CG2 HG21 sing N N 290 
VAL CG2 HG22 sing N N 291 
VAL CG2 HG23 sing N N 292 
VAL OXT HXT  sing N N 293 
# 
_atom_sites.entry_id                    2VJW 
_atom_sites.fract_transf_matrix[1][1]   0.00591735 
_atom_sites.fract_transf_matrix[1][2]   -0.01127084 
_atom_sites.fract_transf_matrix[1][3]   0.00930428 
_atom_sites.fract_transf_matrix[2][1]   -0.00625191 
_atom_sites.fract_transf_matrix[2][2]   -0.00254895 
_atom_sites.fract_transf_matrix[2][3]   0.01424943 
_atom_sites.fract_transf_matrix[3][1]   -0.01309730 
_atom_sites.fract_transf_matrix[3][2]   -0.01363325 
_atom_sites.fract_transf_matrix[3][3]   -0.00818514 
_atom_sites.fract_transf_vector[1]      0.315138 
_atom_sites.fract_transf_vector[2]      -0.111821 
_atom_sites.fract_transf_vector[3]      0.003318 
# 
loop_
_atom_type.symbol 
C  
N  
O  
SE 
# 
loop_
_atom_site.group_PDB 
_atom_site.id 
_atom_site.type_symbol 
_atom_site.label_atom_id 
_atom_site.label_alt_id 
_atom_site.label_comp_id 
_atom_site.label_asym_id 
_atom_site.label_entity_id 
_atom_site.label_seq_id 
_atom_site.pdbx_PDB_ins_code 
_atom_site.Cartn_x 
_atom_site.Cartn_y 
_atom_site.Cartn_z 
_atom_site.occupancy 
_atom_site.B_iso_or_equiv 
_atom_site.pdbx_formal_charge 
_atom_site.auth_seq_id 
_atom_site.auth_comp_id 
_atom_site.auth_asym_id 
_atom_site.auth_atom_id 
_atom_site.pdbx_PDB_model_num 
ATOM   1    N  N   . ASP A 1 1   ? -3.801  -16.109 -9.491  1.00 49.25 ? 232  ASP A N   1 
ATOM   2    C  CA  . ASP A 1 1   ? -4.769  -15.089 -9.012  1.00 48.84 ? 232  ASP A CA  1 
ATOM   3    C  C   . ASP A 1 1   ? -3.989  -13.819 -8.715  1.00 48.10 ? 232  ASP A C   1 
ATOM   4    O  O   . ASP A 1 1   ? -3.205  -13.802 -7.768  1.00 48.67 ? 232  ASP A O   1 
ATOM   5    C  CB  . ASP A 1 1   ? -5.490  -15.593 -7.752  1.00 49.39 ? 232  ASP A CB  1 
ATOM   6    C  CG  . ASP A 1 1   ? -6.552  -14.619 -7.228  1.00 49.99 ? 232  ASP A CG  1 
ATOM   7    O  OD1 . ASP A 1 1   ? -6.741  -13.521 -7.806  1.00 51.24 ? 232  ASP A OD1 1 
ATOM   8    O  OD2 . ASP A 1 1   ? -7.206  -14.964 -6.217  1.00 50.83 ? 232  ASP A OD2 1 
ATOM   9    N  N   . PRO A 1 2   ? -4.189  -12.756 -9.530  1.00 47.10 ? 233  PRO A N   1 
ATOM   10   C  CA  . PRO A 1 2   ? -3.495  -11.457 -9.401  1.00 45.89 ? 233  PRO A CA  1 
ATOM   11   C  C   . PRO A 1 2   ? -3.474  -10.911 -7.972  1.00 44.80 ? 233  PRO A C   1 
ATOM   12   O  O   . PRO A 1 2   ? -2.533  -10.229 -7.593  1.00 44.33 ? 233  PRO A O   1 
ATOM   13   C  CB  . PRO A 1 2   ? -4.329  -10.539 -10.287 1.00 45.83 ? 233  PRO A CB  1 
ATOM   14   C  CG  . PRO A 1 2   ? -4.823  -11.449 -11.363 1.00 46.64 ? 233  PRO A CG  1 
ATOM   15   C  CD  . PRO A 1 2   ? -5.128  -12.750 -10.669 1.00 47.17 ? 233  PRO A CD  1 
ATOM   16   N  N   . ALA A 1 3   ? -4.511  -11.217 -7.198  1.00 43.86 ? 234  ALA A N   1 
ATOM   17   C  CA  . ALA A 1 3   ? -4.615  -10.784 -5.809  1.00 42.97 ? 234  ALA A CA  1 
ATOM   18   C  C   . ALA A 1 3   ? -3.451  -11.305 -4.979  1.00 42.26 ? 234  ALA A C   1 
ATOM   19   O  O   . ALA A 1 3   ? -3.042  -10.662 -4.005  1.00 42.50 ? 234  ALA A O   1 
ATOM   20   C  CB  . ALA A 1 3   ? -5.948  -11.247 -5.208  1.00 43.49 ? 234  ALA A CB  1 
ATOM   21   N  N   . THR A 1 4   ? -2.926  -12.468 -5.372  1.00 40.69 ? 235  THR A N   1 
ATOM   22   C  CA  . THR A 1 4   ? -1.759  -13.083 -4.735  1.00 39.71 ? 235  THR A CA  1 
ATOM   23   C  C   . THR A 1 4   ? -0.540  -12.159 -4.745  1.00 38.25 ? 235  THR A C   1 
ATOM   24   O  O   . THR A 1 4   ? 0.238   -12.142 -3.793  1.00 38.29 ? 235  THR A O   1 
ATOM   25   C  CB  . THR A 1 4   ? -1.436  -14.471 -5.374  1.00 39.93 ? 235  THR A CB  1 
ATOM   26   O  OG1 . THR A 1 4   ? -2.323  -15.456 -4.832  1.00 41.72 ? 235  THR A OG1 1 
ATOM   27   C  CG2 . THR A 1 4   ? 0.004   -14.926 -5.117  1.00 40.24 ? 235  THR A CG2 1 
ATOM   28   N  N   . VAL A 1 5   ? -0.389  -11.389 -5.821  1.00 36.79 ? 236  VAL A N   1 
ATOM   29   C  CA  . VAL A 1 5   ? 0.706   -10.412 -5.953  1.00 34.54 ? 236  VAL A CA  1 
ATOM   30   C  C   . VAL A 1 5   ? 0.731   -9.476  -4.756  1.00 33.27 ? 236  VAL A C   1 
ATOM   31   O  O   . VAL A 1 5   ? 1.800   -9.155  -4.249  1.00 32.92 ? 236  VAL A O   1 
ATOM   32   C  CB  . VAL A 1 5   ? 0.575   -9.588  -7.274  1.00 34.89 ? 236  VAL A CB  1 
ATOM   33   C  CG1 . VAL A 1 5   ? 1.661   -8.502  -7.389  1.00 34.23 ? 236  VAL A CG1 1 
ATOM   34   C  CG2 . VAL A 1 5   ? 0.616   -10.513 -8.475  1.00 34.05 ? 236  VAL A CG2 1 
ATOM   35   N  N   . PHE A 1 6   ? -0.448  -9.056  -4.301  1.00 31.37 ? 237  PHE A N   1 
ATOM   36   C  CA  . PHE A 1 6   ? -0.562  -8.094  -3.210  1.00 30.91 ? 237  PHE A CA  1 
ATOM   37   C  C   . PHE A 1 6   ? -0.012  -8.665  -1.903  1.00 30.80 ? 237  PHE A C   1 
ATOM   38   O  O   . PHE A 1 6   ? 0.504   -7.926  -1.061  1.00 30.23 ? 237  PHE A O   1 
ATOM   39   C  CB  . PHE A 1 6   ? -2.017  -7.643  -3.005  1.00 30.27 ? 237  PHE A CB  1 
ATOM   40   C  CG  . PHE A 1 6   ? -2.614  -6.907  -4.182  1.00 29.50 ? 237  PHE A CG  1 
ATOM   41   C  CD1 . PHE A 1 6   ? -1.973  -5.808  -4.739  1.00 29.02 ? 237  PHE A CD1 1 
ATOM   42   C  CD2 . PHE A 1 6   ? -3.844  -7.293  -4.693  1.00 30.57 ? 237  PHE A CD2 1 
ATOM   43   C  CE1 . PHE A 1 6   ? -2.541  -5.113  -5.816  1.00 28.72 ? 237  PHE A CE1 1 
ATOM   44   C  CE2 . PHE A 1 6   ? -4.422  -6.614  -5.771  1.00 31.39 ? 237  PHE A CE2 1 
ATOM   45   C  CZ  . PHE A 1 6   ? -3.765  -5.518  -6.328  1.00 30.26 ? 237  PHE A CZ  1 
ATOM   46   N  N   . ARG A 1 7   ? -0.149  -9.974  -1.726  1.00 30.64 ? 238  ARG A N   1 
ATOM   47   C  CA  . ARG A 1 7   ? 0.408   -10.626 -0.546  1.00 30.79 ? 238  ARG A CA  1 
ATOM   48   C  C   . ARG A 1 7   ? 1.932   -10.584 -0.560  1.00 30.34 ? 238  ARG A C   1 
ATOM   49   O  O   . ARG A 1 7   ? 2.548   -10.340 0.465   1.00 30.54 ? 238  ARG A O   1 
ATOM   50   C  CB  . ARG A 1 7   ? -0.075  -12.067 -0.437  1.00 30.98 ? 238  ARG A CB  1 
ATOM   51   C  CG  . ARG A 1 7   ? 0.415   -12.759 0.838   1.00 33.30 ? 238  ARG A CG  1 
ATOM   52   C  CD  . ARG A 1 7   ? -0.435  -13.957 1.195   1.00 37.24 ? 238  ARG A CD  1 
ATOM   53   N  NE  . ARG A 1 7   ? -0.212  -15.053 0.263   1.00 38.99 ? 238  ARG A NE  1 
ATOM   54   C  CZ  . ARG A 1 7   ? -1.028  -16.094 0.112   1.00 40.19 ? 238  ARG A CZ  1 
ATOM   55   N  NH1 . ARG A 1 7   ? -2.140  -16.206 0.841   1.00 40.95 ? 238  ARG A NH1 1 
ATOM   56   N  NH2 . ARG A 1 7   ? -0.719  -17.029 -0.772  1.00 40.08 ? 238  ARG A NH2 1 
ATOM   57   N  N   . LEU A 1 8   ? 2.522   -10.819 -1.729  1.00 29.55 ? 239  LEU A N   1 
ATOM   58   C  CA  . LEU A 1 8   ? 3.964   -10.802 -1.882  1.00 29.68 ? 239  LEU A CA  1 
ATOM   59   C  C   . LEU A 1 8   ? 4.481   -9.376  -1.733  1.00 29.08 ? 239  LEU A C   1 
ATOM   60   O  O   . LEU A 1 8   ? 5.559   -9.167  -1.198  1.00 29.26 ? 239  LEU A O   1 
ATOM   61   C  CB  . LEU A 1 8   ? 4.371   -11.376 -3.249  1.00 30.71 ? 239  LEU A CB  1 
ATOM   62   C  CG  . LEU A 1 8   ? 3.750   -12.727 -3.650  1.00 32.98 ? 239  LEU A CG  1 
ATOM   63   C  CD1 . LEU A 1 8   ? 4.077   -13.110 -5.098  1.00 34.04 ? 239  LEU A CD1 1 
ATOM   64   C  CD2 . LEU A 1 8   ? 4.132   -13.853 -2.697  1.00 35.79 ? 239  LEU A CD2 1 
ATOM   65   N  N   . VAL A 1 9   ? 3.691   -8.404  -2.195  1.00 27.90 ? 240  VAL A N   1 
ATOM   66   C  CA  . VAL A 1 9   ? 4.037   -6.992  -2.083  1.00 27.48 ? 240  VAL A CA  1 
ATOM   67   C  C   . VAL A 1 9   ? 4.086   -6.584  -0.610  1.00 27.18 ? 240  VAL A C   1 
ATOM   68   O  O   . VAL A 1 9   ? 5.052   -5.962  -0.172  1.00 26.71 ? 240  VAL A O   1 
ATOM   69   C  CB  . VAL A 1 9   ? 3.043   -6.094  -2.864  1.00 27.41 ? 240  VAL A CB  1 
ATOM   70   C  CG1 . VAL A 1 9   ? 3.303   -4.618  -2.575  1.00 27.06 ? 240  VAL A CG1 1 
ATOM   71   C  CG2 . VAL A 1 9   ? 3.114   -6.381  -4.354  1.00 26.94 ? 240  VAL A CG2 1 
ATOM   72   N  N   . ALA A 1 10  ? 3.041   -6.931  0.145   1.00 26.94 ? 241  ALA A N   1 
ATOM   73   C  CA  . ALA A 1 10  ? 3.015   -6.678  1.589   1.00 27.03 ? 241  ALA A CA  1 
ATOM   74   C  C   . ALA A 1 10  ? 4.210   -7.304  2.335   1.00 27.53 ? 241  ALA A C   1 
ATOM   75   O  O   . ALA A 1 10  ? 4.841   -6.657  3.201   1.00 27.74 ? 241  ALA A O   1 
ATOM   76   C  CB  . ALA A 1 10  ? 1.690   -7.160  2.188   1.00 26.05 ? 241  ALA A CB  1 
ATOM   77   N  N   . ALA A 1 11  ? 4.523   -8.549  1.987   1.00 27.82 ? 242  ALA A N   1 
ATOM   78   C  CA  . ALA A 1 11  ? 5.604   -9.289  2.635   1.00 28.46 ? 242  ALA A CA  1 
ATOM   79   C  C   . ALA A 1 11  ? 6.961   -8.690  2.298   1.00 28.70 ? 242  ALA A C   1 
ATOM   80   O  O   . ALA A 1 11  ? 7.760   -8.438  3.204   1.00 28.89 ? 242  ALA A O   1 
ATOM   81   C  CB  . ALA A 1 11  ? 5.546   -10.772 2.258   1.00 28.84 ? 242  ALA A CB  1 
ATOM   82   N  N   . GLU A 1 12  ? 7.214   -8.442  1.011   1.00 29.34 ? 243  GLU A N   1 
ATOM   83   C  CA  . GLU A 1 12  ? 8.496   -7.883  0.565   1.00 29.53 ? 243  GLU A CA  1 
ATOM   84   C  C   . GLU A 1 12  ? 8.710   -6.465  1.061   1.00 29.41 ? 243  GLU A C   1 
ATOM   85   O  O   . GLU A 1 12  ? 9.831   -6.099  1.427   1.00 29.37 ? 243  GLU A O   1 
ATOM   86   C  CB  . GLU A 1 12  ? 8.637   -7.933  -0.957  1.00 30.23 ? 243  GLU A CB  1 
ATOM   87   C  CG  . GLU A 1 12  ? 8.718   -9.349  -1.538  1.00 32.96 ? 243  GLU A CG  1 
ATOM   88   C  CD  . GLU A 1 12  ? 9.939   -10.129 -1.056  1.00 37.76 ? 243  GLU A CD  1 
ATOM   89   O  OE1 . GLU A 1 12  ? 9.793   -11.348 -0.788  1.00 38.75 ? 243  GLU A OE1 1 
ATOM   90   O  OE2 . GLU A 1 12  ? 11.036  -9.523  -0.943  1.00 38.14 ? 243  GLU A OE2 1 
ATOM   91   N  N   . ALA A 1 13  ? 7.637   -5.673  1.086   1.00 28.67 ? 244  ALA A N   1 
ATOM   92   C  CA  . ALA A 1 13  ? 7.692   -4.328  1.646   1.00 27.94 ? 244  ALA A CA  1 
ATOM   93   C  C   . ALA A 1 13  ? 8.081   -4.350  3.126   1.00 28.02 ? 244  ALA A C   1 
ATOM   94   O  O   . ALA A 1 13  ? 8.838   -3.493  3.582   1.00 27.33 ? 244  ALA A O   1 
ATOM   95   C  CB  . ALA A 1 13  ? 6.363   -3.611  1.453   1.00 27.51 ? 244  ALA A CB  1 
ATOM   96   N  N   . LEU A 1 14  ? 7.566   -5.322  3.879   1.00 28.11 ? 245  LEU A N   1 
ATOM   97   C  CA  . LEU A 1 14  ? 7.924   -5.426  5.286   1.00 28.92 ? 245  LEU A CA  1 
ATOM   98   C  C   . LEU A 1 14  ? 9.428   -5.717  5.422   1.00 29.37 ? 245  LEU A C   1 
ATOM   99   O  O   . LEU A 1 14  ? 10.133  -5.085  6.230   1.00 29.91 ? 245  LEU A O   1 
ATOM   100  C  CB  . LEU A 1 14  ? 7.083   -6.496  5.994   1.00 28.60 ? 245  LEU A CB  1 
ATOM   101  C  CG  . LEU A 1 14  ? 7.275   -6.595  7.508   1.00 28.63 ? 245  LEU A CG  1 
ATOM   102  C  CD1 . LEU A 1 14  ? 6.694   -5.378  8.256   1.00 29.01 ? 245  LEU A CD1 1 
ATOM   103  C  CD2 . LEU A 1 14  ? 6.678   -7.886  8.048   1.00 29.44 ? 245  LEU A CD2 1 
ATOM   104  N  N   . THR A 1 15  ? 9.914   -6.648  4.608   1.00 29.28 ? 246  THR A N   1 
ATOM   105  C  CA  . THR A 1 15  ? 11.344  -7.003  4.589   1.00 30.46 ? 246  THR A CA  1 
ATOM   106  C  C   . THR A 1 15  ? 12.241  -5.811  4.187   1.00 29.92 ? 246  THR A C   1 
ATOM   107  O  O   . THR A 1 15  ? 13.212  -5.501  4.887   1.00 29.98 ? 246  THR A O   1 
ATOM   108  C  CB  . THR A 1 15  ? 11.611  -8.205  3.655   1.00 30.41 ? 246  THR A CB  1 
ATOM   109  O  OG1 . THR A 1 15  ? 10.790  -9.306  4.055   1.00 32.31 ? 246  THR A OG1 1 
ATOM   110  C  CG2 . THR A 1 15  ? 13.072  -8.648  3.736   1.00 32.14 ? 246  THR A CG2 1 
ATOM   111  N  N   . LEU A 1 16  ? 11.898  -5.148  3.077   1.00 29.44 ? 247  LEU A N   1 
ATOM   112  C  CA  . LEU A 1 16  ? 12.684  -4.028  2.545   1.00 29.32 ? 247  LEU A CA  1 
ATOM   113  C  C   . LEU A 1 16  ? 12.722  -2.774  3.432   1.00 29.19 ? 247  LEU A C   1 
ATOM   114  O  O   . LEU A 1 16  ? 13.725  -2.054  3.447   1.00 29.40 ? 247  LEU A O   1 
ATOM   115  C  CB  . LEU A 1 16  ? 12.174  -3.631  1.153   1.00 29.61 ? 247  LEU A CB  1 
ATOM   116  C  CG  . LEU A 1 16  ? 12.320  -4.586  -0.036  1.00 31.15 ? 247  LEU A CG  1 
ATOM   117  C  CD1 . LEU A 1 16  ? 11.582  -4.027  -1.237  1.00 31.42 ? 247  LEU A CD1 1 
ATOM   118  C  CD2 . LEU A 1 16  ? 13.773  -4.806  -0.393  1.00 32.03 ? 247  LEU A CD2 1 
ATOM   119  N  N   . THR A 1 17  ? 11.622  -2.482  4.128   1.00 28.26 ? 248  THR A N   1 
ATOM   120  C  CA  . THR A 1 17  ? 11.553  -1.290  4.988   1.00 28.25 ? 248  THR A CA  1 
ATOM   121  C  C   . THR A 1 17  ? 11.946  -1.598  6.418   1.00 28.85 ? 248  THR A C   1 
ATOM   122  O  O   . THR A 1 17  ? 12.394  -0.710  7.133   1.00 29.60 ? 248  THR A O   1 
ATOM   123  C  CB  . THR A 1 17  ? 10.131  -0.692  5.056   1.00 28.03 ? 248  THR A CB  1 
ATOM   124  O  OG1 . THR A 1 17  ? 9.223   -1.676  5.571   1.00 26.46 ? 248  THR A OG1 1 
ATOM   125  C  CG2 . THR A 1 17  ? 9.673   -0.222  3.677   1.00 26.76 ? 248  THR A CG2 1 
ATOM   126  N  N   . GLY A 1 18  ? 11.755  -2.846  6.837   1.00 28.90 ? 249  GLY A N   1 
ATOM   127  C  CA  . GLY A 1 18  ? 11.896  -3.205  8.251   1.00 29.48 ? 249  GLY A CA  1 
ATOM   128  C  C   . GLY A 1 18  ? 10.937  -2.438  9.149   1.00 29.87 ? 249  GLY A C   1 
ATOM   129  O  O   . GLY A 1 18  ? 11.189  -2.271  10.349  1.00 29.98 ? 249  GLY A O   1 
ATOM   130  N  N   . ALA A 1 19  ? 9.835   -1.958  8.571   1.00 28.96 ? 250  ALA A N   1 
ATOM   131  C  CA  . ALA A 1 19  ? 8.812   -1.248  9.334   1.00 28.25 ? 250  ALA A CA  1 
ATOM   132  C  C   . ALA A 1 19  ? 8.106   -2.225  10.269  1.00 27.66 ? 250  ALA A C   1 
ATOM   133  O  O   . ALA A 1 19  ? 8.191   -3.441  10.068  1.00 27.48 ? 250  ALA A O   1 
ATOM   134  C  CB  . ALA A 1 19  ? 7.802   -0.597  8.379   1.00 27.98 ? 250  ALA A CB  1 
ATOM   135  N  N   . ASP A 1 20  ? 7.415   -1.704  11.282  1.00 26.71 ? 251  ASP A N   1 
ATOM   136  C  CA  . ASP A 1 20  ? 6.599   -2.553  12.171  1.00 26.62 ? 251  ASP A CA  1 
ATOM   137  C  C   . ASP A 1 20  ? 5.560   -3.375  11.406  1.00 26.22 ? 251  ASP A C   1 
ATOM   138  O  O   . ASP A 1 20  ? 5.374   -4.560  11.678  1.00 25.64 ? 251  ASP A O   1 
ATOM   139  C  CB  . ASP A 1 20  ? 5.909   -1.718  13.247  1.00 26.48 ? 251  ASP A CB  1 
ATOM   140  C  CG  . ASP A 1 20  ? 6.892   -1.097  14.231  1.00 28.47 ? 251  ASP A CG  1 
ATOM   141  O  OD1 . ASP A 1 20  ? 8.065   -1.517  14.261  1.00 28.64 ? 251  ASP A OD1 1 
ATOM   142  O  OD2 . ASP A 1 20  ? 6.488   -0.179  14.975  1.00 29.59 ? 251  ASP A OD2 1 
ATOM   143  N  N   . GLY A 1 21  ? 4.887   -2.741  10.447  1.00 25.98 ? 252  GLY A N   1 
ATOM   144  C  CA  . GLY A 1 21  ? 3.824   -3.414  9.681   1.00 25.00 ? 252  GLY A CA  1 
ATOM   145  C  C   . GLY A 1 21  ? 3.668   -2.879  8.261   1.00 24.19 ? 252  GLY A C   1 
ATOM   146  O  O   . GLY A 1 21  ? 4.212   -1.824  7.906   1.00 23.75 ? 252  GLY A O   1 
ATOM   147  N  N   . THR A 1 22  ? 2.925   -3.612  7.442   1.00 23.14 ? 253  THR A N   1 
ATOM   148  C  CA  . THR A 1 22  ? 2.535   -3.129  6.117   1.00 22.67 ? 253  THR A CA  1 
ATOM   149  C  C   . THR A 1 22  ? 1.090   -3.539  5.837   1.00 22.62 ? 253  THR A C   1 
ATOM   150  O  O   . THR A 1 22  ? 0.542   -4.450  6.486   1.00 21.88 ? 253  THR A O   1 
ATOM   151  C  CB  . THR A 1 22  ? 3.402   -3.701  4.988   1.00 22.91 ? 253  THR A CB  1 
ATOM   152  O  OG1 . THR A 1 22  ? 3.295   -5.127  4.986   1.00 24.06 ? 253  THR A OG1 1 
ATOM   153  C  CG2 . THR A 1 22  ? 4.890   -3.288  5.101   1.00 22.07 ? 253  THR A CG2 1 
ATOM   154  N  N   . LEU A 1 23  ? 0.476   -2.866  4.870   1.00 22.37 ? 254  LEU A N   1 
ATOM   155  C  CA  . LEU A 1 23  ? -0.844  -3.257  4.384   1.00 22.80 ? 254  LEU A CA  1 
ATOM   156  C  C   . LEU A 1 23  ? -0.993  -2.834  2.942   1.00 22.72 ? 254  LEU A C   1 
ATOM   157  O  O   . LEU A 1 23  ? -0.316  -1.895  2.475   1.00 21.47 ? 254  LEU A O   1 
ATOM   158  C  CB  . LEU A 1 23  ? -1.971  -2.656  5.230   1.00 22.91 ? 254  LEU A CB  1 
ATOM   159  C  CG  . LEU A 1 23  ? -2.101  -1.143  5.368   1.00 23.48 ? 254  LEU A CG  1 
ATOM   160  C  CD1 . LEU A 1 23  ? -2.990  -0.546  4.268   1.00 23.57 ? 254  LEU A CD1 1 
ATOM   161  C  CD2 . LEU A 1 23  ? -2.629  -0.823  6.753   1.00 24.13 ? 254  LEU A CD2 1 
ATOM   162  N  N   . VAL A 1 24  ? -1.873  -3.531  2.242   1.00 22.11 ? 255  VAL A N   1 
ATOM   163  C  CA  . VAL A 1 24  ? -2.234  -3.130  0.891   1.00 22.30 ? 255  VAL A CA  1 
ATOM   164  C  C   . VAL A 1 24  ? -3.745  -2.956  0.813   1.00 22.66 ? 255  VAL A C   1 
ATOM   165  O  O   . VAL A 1 24  ? -4.500  -3.849  1.208   1.00 22.41 ? 255  VAL A O   1 
ATOM   166  C  CB  . VAL A 1 24  ? -1.738  -4.136  -0.167  1.00 22.05 ? 255  VAL A CB  1 
ATOM   167  C  CG1 . VAL A 1 24  ? -2.125  -3.674  -1.574  1.00 21.72 ? 255  VAL A CG1 1 
ATOM   168  C  CG2 . VAL A 1 24  ? -0.201  -4.342  -0.054  1.00 21.04 ? 255  VAL A CG2 1 
ATOM   169  N  N   . ALA A 1 25  ? -4.171  -1.802  0.311   1.00 23.46 ? 256  ALA A N   1 
ATOM   170  C  CA  . ALA A 1 25  ? -5.594  -1.498  0.145   1.00 24.44 ? 256  ALA A CA  1 
ATOM   171  C  C   . ALA A 1 25  ? -5.888  -1.369  -1.333  1.00 25.69 ? 256  ALA A C   1 
ATOM   172  O  O   . ALA A 1 25  ? -5.133  -0.747  -2.062  1.00 25.10 ? 256  ALA A O   1 
ATOM   173  C  CB  . ALA A 1 25  ? -5.950  -0.227  0.862   1.00 23.71 ? 256  ALA A CB  1 
ATOM   174  N  N   . VAL A 1 26  ? -7.019  -1.935  -1.747  1.00 27.50 ? 257  VAL A N   1 
ATOM   175  C  CA  . VAL A 1 26  ? -7.321  -2.204  -3.140  1.00 29.18 ? 257  VAL A CA  1 
ATOM   176  C  C   . VAL A 1 26  ? -8.796  -1.843  -3.395  1.00 30.93 ? 257  VAL A C   1 
ATOM   177  O  O   . VAL A 1 26  ? -9.647  -2.083  -2.537  1.00 30.19 ? 257  VAL A O   1 
ATOM   178  C  CB  . VAL A 1 26  ? -7.021  -3.712  -3.395  1.00 29.72 ? 257  VAL A CB  1 
ATOM   179  C  CG1 . VAL A 1 26  ? -7.954  -4.360  -4.387  1.00 30.80 ? 257  VAL A CG1 1 
ATOM   180  C  CG2 . VAL A 1 26  ? -5.577  -3.912  -3.772  1.00 29.05 ? 257  VAL A CG2 1 
ATOM   181  N  N   . PRO A 1 27  ? -9.102  -1.242  -4.561  1.00 32.51 ? 258  PRO A N   1 
ATOM   182  C  CA  . PRO A 1 27  ? -10.517 -1.000  -4.822  1.00 34.68 ? 258  PRO A CA  1 
ATOM   183  C  C   . PRO A 1 27  ? -11.241 -2.341  -5.024  1.00 36.81 ? 258  PRO A C   1 
ATOM   184  O  O   . PRO A 1 27  ? -10.695 -3.251  -5.648  1.00 37.93 ? 258  PRO A O   1 
ATOM   185  C  CB  . PRO A 1 27  ? -10.507 -0.166  -6.109  1.00 34.48 ? 258  PRO A CB  1 
ATOM   186  C  CG  . PRO A 1 27  ? -9.202  -0.483  -6.770  1.00 33.92 ? 258  PRO A CG  1 
ATOM   187  C  CD  . PRO A 1 27  ? -8.234  -0.788  -5.665  1.00 32.28 ? 258  PRO A CD  1 
ATOM   188  N  N   . ALA A 1 28  ? -12.437 -2.471  -4.469  1.00 39.60 ? 259  ALA A N   1 
ATOM   189  C  CA  . ALA A 1 28  ? -13.225 -3.707  -4.607  1.00 41.83 ? 259  ALA A CA  1 
ATOM   190  C  C   . ALA A 1 28  ? -13.483 -4.133  -6.067  1.00 43.55 ? 259  ALA A C   1 
ATOM   191  O  O   . ALA A 1 28  ? -13.175 -5.276  -6.454  1.00 44.24 ? 259  ALA A O   1 
ATOM   192  C  CB  . ALA A 1 28  ? -14.543 -3.580  -3.843  1.00 41.92 ? 259  ALA A CB  1 
ATOM   193  N  N   . ASP A 1 29  ? -14.030 -3.207  -6.860  1.00 45.26 ? 260  ASP A N   1 
ATOM   194  C  CA  . ASP A 1 29  ? -14.472 -3.450  -8.251  1.00 46.58 ? 260  ASP A CA  1 
ATOM   195  C  C   . ASP A 1 29  ? -15.757 -4.292  -8.331  1.00 47.16 ? 260  ASP A C   1 
ATOM   196  O  O   . ASP A 1 29  ? -15.835 -5.294  -9.058  1.00 48.05 ? 260  ASP A O   1 
ATOM   197  C  CB  . ASP A 1 29  ? -13.352 -4.065  -9.105  1.00 46.95 ? 260  ASP A CB  1 
ATOM   198  C  CG  . ASP A 1 29  ? -12.230 -3.082  -9.403  1.00 47.97 ? 260  ASP A CG  1 
ATOM   199  O  OD1 . ASP A 1 29  ? -12.464 -1.849  -9.324  1.00 48.25 ? 260  ASP A OD1 1 
ATOM   200  O  OD2 . ASP A 1 29  ? -11.117 -3.554  -9.737  1.00 48.97 ? 260  ASP A OD2 1 
ATOM   201  N  N   . ALA A 1 34  ? -14.456 5.426   -10.791 1.00 49.36 ? 265  ALA A N   1 
ATOM   202  C  CA  . ALA A 1 34  ? -14.331 6.160   -9.533  1.00 49.12 ? 265  ALA A CA  1 
ATOM   203  C  C   . ALA A 1 34  ? -14.780 5.321   -8.337  1.00 48.74 ? 265  ALA A C   1 
ATOM   204  O  O   . ALA A 1 34  ? -15.932 4.867   -8.273  1.00 49.03 ? 265  ALA A O   1 
ATOM   205  C  CB  . ALA A 1 34  ? -15.113 7.472   -9.593  1.00 49.51 ? 265  ALA A CB  1 
ATOM   206  N  N   . ALA A 1 35  ? -13.864 5.116   -7.393  1.00 47.78 ? 266  ALA A N   1 
ATOM   207  C  CA  . ALA A 1 35  ? -14.164 4.344   -6.194  1.00 46.55 ? 266  ALA A CA  1 
ATOM   208  C  C   . ALA A 1 35  ? -14.377 5.288   -5.029  1.00 45.66 ? 266  ALA A C   1 
ATOM   209  O  O   . ALA A 1 35  ? -13.740 6.346   -4.960  1.00 45.64 ? 266  ALA A O   1 
ATOM   210  C  CB  . ALA A 1 35  ? -13.034 3.359   -5.890  1.00 46.76 ? 266  ALA A CB  1 
ATOM   211  N  N   . GLU A 1 36  ? -15.273 4.917   -4.121  1.00 43.87 ? 267  GLU A N   1 
ATOM   212  C  CA  . GLU A 1 36  ? -15.406 5.661   -2.879  1.00 42.75 ? 267  GLU A CA  1 
ATOM   213  C  C   . GLU A 1 36  ? -14.828 4.925   -1.679  1.00 40.45 ? 267  GLU A C   1 
ATOM   214  O  O   . GLU A 1 36  ? -14.741 5.491   -0.595  1.00 40.74 ? 267  GLU A O   1 
ATOM   215  C  CB  . GLU A 1 36  ? -16.845 6.160   -2.640  1.00 43.04 ? 267  GLU A CB  1 
ATOM   216  C  CG  . GLU A 1 36  ? -17.915 5.119   -2.341  1.00 44.31 ? 267  GLU A CG  1 
ATOM   217  C  CD  . GLU A 1 36  ? -19.305 5.752   -2.286  1.00 44.98 ? 267  GLU A CD  1 
ATOM   218  O  OE1 . GLU A 1 36  ? -19.602 6.618   -3.154  1.00 48.94 ? 267  GLU A OE1 1 
ATOM   219  O  OE2 . GLU A 1 36  ? -20.102 5.393   -1.386  1.00 47.16 ? 267  GLU A OE2 1 
ATOM   220  N  N   . GLU A 1 37  ? -14.417 3.672   -1.885  1.00 37.95 ? 268  GLU A N   1 
ATOM   221  C  CA  . GLU A 1 37  ? -13.786 2.872   -0.832  1.00 35.67 ? 268  GLU A CA  1 
ATOM   222  C  C   . GLU A 1 37  ? -12.639 2.021   -1.365  1.00 32.96 ? 268  GLU A C   1 
ATOM   223  O  O   . GLU A 1 37  ? -12.697 1.509   -2.478  1.00 32.60 ? 268  GLU A O   1 
ATOM   224  C  CB  . GLU A 1 37  ? -14.795 1.917   -0.188  1.00 35.74 ? 268  GLU A CB  1 
ATOM   225  C  CG  . GLU A 1 37  ? -15.691 2.488   0.888   1.00 37.29 ? 268  GLU A CG  1 
ATOM   226  C  CD  . GLU A 1 37  ? -16.603 1.422   1.493   1.00 37.28 ? 268  GLU A CD  1 
ATOM   227  O  OE1 . GLU A 1 37  ? -17.041 1.602   2.656   1.00 42.96 ? 268  GLU A OE1 1 
ATOM   228  O  OE2 . GLU A 1 37  ? -16.872 0.399   0.817   1.00 39.37 ? 268  GLU A OE2 1 
ATOM   229  N  N   . LEU A 1 38  ? -11.614 1.852   -0.544  1.00 30.75 ? 269  LEU A N   1 
ATOM   230  C  CA  . LEU A 1 38  ? -10.623 0.798   -0.743  1.00 28.74 ? 269  LEU A CA  1 
ATOM   231  C  C   . LEU A 1 38  ? -10.807 -0.252  0.351   1.00 27.83 ? 269  LEU A C   1 
ATOM   232  O  O   . LEU A 1 38  ? -11.342 0.054   1.411   1.00 27.69 ? 269  LEU A O   1 
ATOM   233  C  CB  . LEU A 1 38  ? -9.205  1.354   -0.674  1.00 28.12 ? 269  LEU A CB  1 
ATOM   234  C  CG  . LEU A 1 38  ? -8.848  2.547   -1.567  1.00 26.95 ? 269  LEU A CG  1 
ATOM   235  C  CD1 . LEU A 1 38  ? -7.451  3.004   -1.218  1.00 23.96 ? 269  LEU A CD1 1 
ATOM   236  C  CD2 . LEU A 1 38  ? -8.968  2.197   -3.061  1.00 22.97 ? 269  LEU A CD2 1 
ATOM   237  N  N   . VAL A 1 39  ? -10.350 -1.474  0.087   1.00 26.30 ? 270  VAL A N   1 
ATOM   238  C  CA  . VAL A 1 39  ? -10.443 -2.575  1.038   1.00 25.89 ? 270  VAL A CA  1 
ATOM   239  C  C   . VAL A 1 39  ? -9.052  -3.090  1.327   1.00 25.29 ? 270  VAL A C   1 
ATOM   240  O  O   . VAL A 1 39  ? -8.297  -3.349  0.406   1.00 24.07 ? 270  VAL A O   1 
ATOM   241  C  CB  . VAL A 1 39  ? -11.266 -3.769  0.473   1.00 25.91 ? 270  VAL A CB  1 
ATOM   242  C  CG1 . VAL A 1 39  ? -11.400 -4.883  1.521   1.00 26.75 ? 270  VAL A CG1 1 
ATOM   243  C  CG2 . VAL A 1 39  ? -12.635 -3.308  0.025   1.00 26.40 ? 270  VAL A CG2 1 
ATOM   244  N  N   . ILE A 1 40  ? -8.724  -3.257  2.604   1.00 25.70 ? 271  ILE A N   1 
ATOM   245  C  CA  . ILE A 1 40  ? -7.431  -3.845  2.995   1.00 26.30 ? 271  ILE A CA  1 
ATOM   246  C  C   . ILE A 1 40  ? -7.462  -5.351  2.702   1.00 27.03 ? 271  ILE A C   1 
ATOM   247  O  O   . ILE A 1 40  ? -8.172  -6.114  3.362   1.00 27.63 ? 271  ILE A O   1 
ATOM   248  C  CB  . ILE A 1 40  ? -7.081  -3.530  4.451   1.00 26.51 ? 271  ILE A CB  1 
ATOM   249  C  CG1 . ILE A 1 40  ? -6.928  -2.012  4.625   1.00 27.24 ? 271  ILE A CG1 1 
ATOM   250  C  CG2 . ILE A 1 40  ? -5.760  -4.194  4.836   1.00 27.58 ? 271  ILE A CG2 1 
ATOM   251  C  CD1 . ILE A 1 40  ? -6.867  -1.535  6.029   1.00 29.84 ? 271  ILE A CD1 1 
ATOM   252  N  N   . VAL A 1 41  ? -6.727  -5.780  1.683   1.00 26.66 ? 272  VAL A N   1 
ATOM   253  C  CA  . VAL A 1 41  ? -6.738  -7.192  1.318   1.00 26.59 ? 272  VAL A CA  1 
ATOM   254  C  C   . VAL A 1 41  ? -5.562  -7.944  1.917   1.00 26.42 ? 272  VAL A C   1 
ATOM   255  O  O   . VAL A 1 41  ? -5.600  -9.168  2.017   1.00 26.82 ? 272  VAL A O   1 
ATOM   256  C  CB  . VAL A 1 41  ? -6.773  -7.416  -0.220  1.00 26.66 ? 272  VAL A CB  1 
ATOM   257  C  CG1 . VAL A 1 41  ? -8.080  -6.882  -0.813  1.00 27.46 ? 272  VAL A CG1 1 
ATOM   258  C  CG2 . VAL A 1 41  ? -5.563  -6.754  -0.910  1.00 26.55 ? 272  VAL A CG2 1 
ATOM   259  N  N   . GLU A 1 42  ? -4.503  -7.229  2.292   1.00 25.18 ? 273  GLU A N   1 
ATOM   260  C  CA  . GLU A 1 42  ? -3.315  -7.899  2.832   1.00 25.14 ? 273  GLU A CA  1 
ATOM   261  C  C   . GLU A 1 42  ? -2.679  -7.086  3.914   1.00 24.74 ? 273  GLU A C   1 
ATOM   262  O  O   . GLU A 1 42  ? -2.575  -5.864  3.815   1.00 23.18 ? 273  GLU A O   1 
ATOM   263  C  CB  . GLU A 1 42  ? -2.259  -8.162  1.753   1.00 25.60 ? 273  GLU A CB  1 
ATOM   264  C  CG  . GLU A 1 42  ? -2.675  -9.133  0.648   1.00 28.83 ? 273  GLU A CG  1 
ATOM   265  C  CD  . GLU A 1 42  ? -2.979  -10.539 1.145   1.00 31.91 ? 273  GLU A CD  1 
ATOM   266  O  OE1 . GLU A 1 42  ? -2.474  -10.926 2.226   1.00 32.06 ? 273  GLU A OE1 1 
ATOM   267  O  OE2 . GLU A 1 42  ? -3.725  -11.270 0.435   1.00 33.87 ? 273  GLU A OE2 1 
ATOM   268  N  N   . VAL A 1 43  ? -2.199  -7.793  4.921   1.00 25.09 ? 274  VAL A N   1 
ATOM   269  C  CA  . VAL A 1 43  ? -1.636  -7.176  6.090   1.00 26.28 ? 274  VAL A CA  1 
ATOM   270  C  C   . VAL A 1 43  ? -0.385  -7.981  6.478   1.00 26.69 ? 274  VAL A C   1 
ATOM   271  O  O   . VAL A 1 43  ? -0.338  -9.188  6.228   1.00 26.32 ? 274  VAL A O   1 
ATOM   272  C  CB  . VAL A 1 43  ? -2.770  -7.146  7.145   1.00 27.29 ? 274  VAL A CB  1 
ATOM   273  C  CG1 . VAL A 1 43  ? -2.367  -7.636  8.509   1.00 27.64 ? 274  VAL A CG1 1 
ATOM   274  C  CG2 . VAL A 1 43  ? -3.485  -5.811  7.130   1.00 27.33 ? 274  VAL A CG2 1 
ATOM   275  N  N   . ALA A 1 44  ? 0.639   -7.317  7.025   1.00 26.30 ? 275  ALA A N   1 
ATOM   276  C  CA  . ALA A 1 44  ? 1.834   -8.021  7.503   1.00 27.34 ? 275  ALA A CA  1 
ATOM   277  C  C   . ALA A 1 44  ? 2.444   -7.331  8.719   1.00 27.78 ? 275  ALA A C   1 
ATOM   278  O  O   . ALA A 1 44  ? 2.165   -6.170  8.977   1.00 27.80 ? 275  ALA A O   1 
ATOM   279  C  CB  . ALA A 1 44  ? 2.863   -8.165  6.387   1.00 27.23 ? 275  ALA A CB  1 
ATOM   280  N  N   . GLY A 1 45  ? 3.262   -8.048  9.481   1.00 29.11 ? 276  GLY A N   1 
ATOM   281  C  CA  . GLY A 1 45  ? 3.911   -7.457  10.654  1.00 29.91 ? 276  GLY A CA  1 
ATOM   282  C  C   . GLY A 1 45  ? 2.935   -7.112  11.751  1.00 30.73 ? 276  GLY A C   1 
ATOM   283  O  O   . GLY A 1 45  ? 2.008   -7.889  12.034  1.00 31.14 ? 276  GLY A O   1 
ATOM   284  N  N   . ALA A 1 46  ? 3.122   -5.938  12.351  1.00 31.14 ? 277  ALA A N   1 
ATOM   285  C  CA  . ALA A 1 46  ? 2.313   -5.500  13.500  1.00 31.79 ? 277  ALA A CA  1 
ATOM   286  C  C   . ALA A 1 46  ? 0.878   -5.074  13.203  1.00 32.00 ? 277  ALA A C   1 
ATOM   287  O  O   . ALA A 1 46  ? 0.120   -4.829  14.142  1.00 32.47 ? 277  ALA A O   1 
ATOM   288  C  CB  . ALA A 1 46  ? 3.031   -4.394  14.285  1.00 32.22 ? 277  ALA A CB  1 
ATOM   289  N  N   . VAL A 1 47  ? 0.500   -4.968  11.928  1.00 31.61 ? 278  VAL A N   1 
ATOM   290  C  CA  . VAL A 1 47  ? -0.900  -4.685  11.581  1.00 30.81 ? 278  VAL A CA  1 
ATOM   291  C  C   . VAL A 1 47  ? -1.701  -5.972  11.832  1.00 31.13 ? 278  VAL A C   1 
ATOM   292  O  O   . VAL A 1 47  ? -1.407  -7.010  11.232  1.00 31.05 ? 278  VAL A O   1 
ATOM   293  C  CB  . VAL A 1 47  ? -1.079  -4.230  10.113  1.00 30.59 ? 278  VAL A CB  1 
ATOM   294  C  CG1 . VAL A 1 47  ? -2.540  -3.906  9.832   1.00 30.51 ? 278  VAL A CG1 1 
ATOM   295  C  CG2 . VAL A 1 47  ? -0.222  -3.003  9.817   1.00 30.50 ? 278  VAL A CG2 1 
ATOM   296  N  N   . PRO A 1 48  ? -2.684  -5.913  12.747  1.00 30.86 ? 279  PRO A N   1 
ATOM   297  C  CA  . PRO A 1 48  ? -3.442  -7.101  13.122  1.00 30.68 ? 279  PRO A CA  1 
ATOM   298  C  C   . PRO A 1 48  ? -4.111  -7.767  11.928  1.00 29.77 ? 279  PRO A C   1 
ATOM   299  O  O   . PRO A 1 48  ? -4.704  -7.090  11.088  1.00 29.61 ? 279  PRO A O   1 
ATOM   300  C  CB  . PRO A 1 48  ? -4.505  -6.542  14.074  1.00 30.29 ? 279  PRO A CB  1 
ATOM   301  C  CG  . PRO A 1 48  ? -3.888  -5.341  14.652  1.00 31.15 ? 279  PRO A CG  1 
ATOM   302  C  CD  . PRO A 1 48  ? -3.125  -4.732  13.510  1.00 31.14 ? 279  PRO A CD  1 
ATOM   303  N  N   . ALA A 1 49  ? -4.014  -9.089  11.867  1.00 29.32 ? 280  ALA A N   1 
ATOM   304  C  CA  . ALA A 1 49  ? -4.727  -9.888  10.872  1.00 28.91 ? 280  ALA A CA  1 
ATOM   305  C  C   . ALA A 1 49  ? -6.191  -9.488  10.746  1.00 28.79 ? 280  ALA A C   1 
ATOM   306  O  O   . ALA A 1 49  ? -6.761  -9.508  9.651   1.00 28.67 ? 280  ALA A O   1 
ATOM   307  C  CB  . ALA A 1 49  ? -4.628  -11.353 11.225  1.00 29.34 ? 280  ALA A CB  1 
ATOM   308  N  N   . GLU A 1 50  ? -6.797  -9.134  11.875  1.00 28.50 ? 281  GLU A N   1 
ATOM   309  C  CA  . GLU A 1 50  ? -8.230  -8.829  11.929  1.00 28.96 ? 281  GLU A CA  1 
ATOM   310  C  C   . GLU A 1 50  ? -8.602  -7.577  11.130  1.00 28.81 ? 281  GLU A C   1 
ATOM   311  O  O   . GLU A 1 50  ? -9.772  -7.351  10.828  1.00 28.43 ? 281  GLU A O   1 
ATOM   312  C  CB  . GLU A 1 50  ? -8.680  -8.669  13.384  1.00 28.82 ? 281  GLU A CB  1 
ATOM   313  C  CG  . GLU A 1 50  ? -8.698  -9.967  14.172  1.00 29.62 ? 281  GLU A CG  1 
ATOM   314  C  CD  . GLU A 1 50  ? -7.314  -10.430 14.616  1.00 32.14 ? 281  GLU A CD  1 
ATOM   315  O  OE1 . GLU A 1 50  ? -6.397  -9.588  14.793  1.00 30.35 ? 281  GLU A OE1 1 
ATOM   316  O  OE2 . GLU A 1 50  ? -7.148  -11.651 14.796  1.00 33.79 ? 281  GLU A OE2 1 
ATOM   317  N  N   . VAL A 1 51  ? -7.594  -6.773  10.794  1.00 28.74 ? 282  VAL A N   1 
ATOM   318  C  CA  . VAL A 1 51  ? -7.780  -5.558  9.977   1.00 29.43 ? 282  VAL A CA  1 
ATOM   319  C  C   . VAL A 1 51  ? -8.008  -5.879  8.489   1.00 28.84 ? 282  VAL A C   1 
ATOM   320  O  O   . VAL A 1 51  ? -8.550  -5.076  7.732   1.00 28.70 ? 282  VAL A O   1 
ATOM   321  C  CB  . VAL A 1 51  ? -6.601  -4.561  10.209  1.00 29.48 ? 282  VAL A CB  1 
ATOM   322  C  CG1 . VAL A 1 51  ? -6.586  -3.446  9.177   1.00 30.13 ? 282  VAL A CG1 1 
ATOM   323  C  CG2 . VAL A 1 51  ? -6.700  -3.985  11.638  1.00 30.07 ? 282  VAL A CG2 1 
ATOM   324  N  N   . GLU A 1 52  ? -7.604  -7.065  8.072   1.00 28.72 ? 283  GLU A N   1 
ATOM   325  C  CA  . GLU A 1 52  ? -7.865  -7.514  6.715   1.00 28.96 ? 283  GLU A CA  1 
ATOM   326  C  C   . GLU A 1 52  ? -9.375  -7.470  6.449   1.00 27.98 ? 283  GLU A C   1 
ATOM   327  O  O   . GLU A 1 52  ? -10.170 -7.814  7.336   1.00 28.04 ? 283  GLU A O   1 
ATOM   328  C  CB  . GLU A 1 52  ? -7.333  -8.935  6.563   1.00 29.96 ? 283  GLU A CB  1 
ATOM   329  C  CG  . GLU A 1 52  ? -6.729  -9.237  5.230   1.00 34.56 ? 283  GLU A CG  1 
ATOM   330  C  CD  . GLU A 1 52  ? -6.431  -10.714 5.081   1.00 39.30 ? 283  GLU A CD  1 
ATOM   331  O  OE1 . GLU A 1 52  ? -6.935  -11.326 4.104   1.00 41.39 ? 283  GLU A OE1 1 
ATOM   332  O  OE2 . GLU A 1 52  ? -5.714  -11.254 5.955   1.00 39.16 ? 283  GLU A OE2 1 
ATOM   333  N  N   . ALA A 1 53  ? -9.747  -7.019  5.245   1.00 26.79 ? 284  ALA A N   1 
ATOM   334  C  CA  . ALA A 1 53  ? -11.129 -6.747  4.787   1.00 26.42 ? 284  ALA A CA  1 
ATOM   335  C  C   . ALA A 1 53  ? -11.752 -5.409  5.263   1.00 26.17 ? 284  ALA A C   1 
ATOM   336  O  O   . ALA A 1 53  ? -12.879 -5.067  4.921   1.00 26.29 ? 284  ALA A O   1 
ATOM   337  C  CB  . ALA A 1 53  ? -12.065 -7.937  5.044   1.00 26.83 ? 284  ALA A CB  1 
ATOM   338  N  N   . SER A 1 54  ? -10.985 -4.632  6.010   1.00 25.87 ? 285  SER A N   1 
ATOM   339  C  CA  . SER A 1 54  ? -11.390 -3.292  6.411   1.00 26.36 ? 285  SER A CA  1 
ATOM   340  C  C   . SER A 1 54  ? -11.667 -2.380  5.203   1.00 26.80 ? 285  SER A C   1 
ATOM   341  O  O   . SER A 1 54  ? -10.915 -2.388  4.225   1.00 25.68 ? 285  SER A O   1 
ATOM   342  C  CB  . SER A 1 54  ? -10.281 -2.700  7.284   1.00 26.02 ? 285  SER A CB  1 
ATOM   343  O  OG  . SER A 1 54  ? -10.289 -1.303  7.193   1.00 30.68 ? 285  SER A OG  1 
ATOM   344  N  N   . ALA A 1 55  ? -12.747 -1.601  5.268   1.00 27.46 ? 286  ALA A N   1 
ATOM   345  C  CA  . ALA A 1 55  ? -13.055 -0.622  4.220   1.00 28.90 ? 286  ALA A CA  1 
ATOM   346  C  C   . ALA A 1 55  ? -12.493 0.747   4.578   1.00 29.53 ? 286  ALA A C   1 
ATOM   347  O  O   . ALA A 1 55  ? -12.747 1.254   5.662   1.00 30.69 ? 286  ALA A O   1 
ATOM   348  C  CB  . ALA A 1 55  ? -14.550 -0.531  3.980   1.00 28.75 ? 286  ALA A CB  1 
ATOM   349  N  N   . ILE A 1 56  ? -11.739 1.322   3.648   1.00 30.69 ? 287  ILE A N   1 
ATOM   350  C  CA  . ILE A 1 56  ? -11.087 2.632   3.781   1.00 31.73 ? 287  ILE A CA  1 
ATOM   351  C  C   . ILE A 1 56  ? -11.760 3.606   2.804   1.00 32.08 ? 287  ILE A C   1 
ATOM   352  O  O   . ILE A 1 56  ? -11.865 3.299   1.622   1.00 31.89 ? 287  ILE A O   1 
ATOM   353  C  CB  . ILE A 1 56  ? -9.578  2.553   3.375   1.00 31.25 ? 287  ILE A CB  1 
ATOM   354  C  CG1 . ILE A 1 56  ? -8.785  1.658   4.313   1.00 32.16 ? 287  ILE A CG1 1 
ATOM   355  C  CG2 . ILE A 1 56  ? -8.925  3.939   3.348   1.00 32.74 ? 287  ILE A CG2 1 
ATOM   356  C  CD1 . ILE A 1 56  ? -7.326  1.521   3.918   1.00 32.42 ? 287  ILE A CD1 1 
ATOM   357  N  N   . PRO A 1 57  ? -12.203 4.787   3.289   1.00 32.87 ? 288  PRO A N   1 
ATOM   358  C  CA  . PRO A 1 57  ? -12.791 5.763   2.367   1.00 33.06 ? 288  PRO A CA  1 
ATOM   359  C  C   . PRO A 1 57  ? -11.732 6.331   1.418   1.00 33.06 ? 288  PRO A C   1 
ATOM   360  O  O   . PRO A 1 57  ? -10.580 6.512   1.815   1.00 33.48 ? 288  PRO A O   1 
ATOM   361  C  CB  . PRO A 1 57  ? -13.293 6.878   3.292   1.00 33.10 ? 288  PRO A CB  1 
ATOM   362  C  CG  . PRO A 1 57  ? -13.220 6.321   4.693   1.00 33.96 ? 288  PRO A CG  1 
ATOM   363  C  CD  . PRO A 1 57  ? -12.147 5.297   4.672   1.00 32.89 ? 288  PRO A CD  1 
ATOM   364  N  N   . VAL A 1 58  ? -12.119 6.614   0.183   1.00 32.97 ? 289  VAL A N   1 
ATOM   365  C  CA  . VAL A 1 58  ? -11.198 7.231   -0.762  1.00 33.15 ? 289  VAL A CA  1 
ATOM   366  C  C   . VAL A 1 58  ? -10.962 8.717   -0.414  1.00 34.03 ? 289  VAL A C   1 
ATOM   367  O  O   . VAL A 1 58  ? -9.869  9.256   -0.646  1.00 33.18 ? 289  VAL A O   1 
ATOM   368  C  CB  . VAL A 1 58  ? -11.653 6.989   -2.229  1.00 33.20 ? 289  VAL A CB  1 
ATOM   369  C  CG1 . VAL A 1 58  ? -10.873 7.821   -3.200  1.00 32.50 ? 289  VAL A CG1 1 
ATOM   370  C  CG2 . VAL A 1 58  ? -11.493 5.512   -2.585  1.00 32.92 ? 289  VAL A CG2 1 
ATOM   371  N  N   . GLN A 1 59  ? -11.969 9.365   0.174   1.00 34.30 ? 290  GLN A N   1 
ATOM   372  C  CA  . GLN A 1 59  ? -11.873 10.795  0.489   1.00 35.09 ? 290  GLN A CA  1 
ATOM   373  C  C   . GLN A 1 59  ? -11.356 11.080  1.900   1.00 34.99 ? 290  GLN A C   1 
ATOM   374  O  O   . GLN A 1 59  ? -11.535 10.271  2.818   1.00 34.86 ? 290  GLN A O   1 
ATOM   375  C  CB  . GLN A 1 59  ? -13.221 11.503  0.267   1.00 35.30 ? 290  GLN A CB  1 
ATOM   376  C  CG  . GLN A 1 59  ? -13.877 11.229  -1.097  1.00 37.37 ? 290  GLN A CG  1 
ATOM   377  C  CD  . GLN A 1 59  ? -13.115 11.818  -2.277  1.00 40.38 ? 290  GLN A CD  1 
ATOM   378  O  OE1 . GLN A 1 59  ? -12.532 12.901  -2.185  1.00 41.77 ? 290  GLN A OE1 1 
ATOM   379  N  NE2 . GLN A 1 59  ? -13.137 11.108  -3.405  1.00 41.96 ? 290  GLN A NE2 1 
ATOM   380  N  N   . ASP A 1 60  ? -10.698 12.231  2.040   1.00 35.04 ? 291  ASP A N   1 
ATOM   381  C  CA  . ASP A 1 60  ? -10.352 12.833  3.335   1.00 35.67 ? 291  ASP A CA  1 
ATOM   382  C  C   . ASP A 1 60  ? -9.354  12.040  4.198   1.00 34.86 ? 291  ASP A C   1 
ATOM   383  O  O   . ASP A 1 60  ? -9.390  12.130  5.419   1.00 35.13 ? 291  ASP A O   1 
ATOM   384  C  CB  . ASP A 1 60  ? -11.625 13.165  4.155   1.00 36.64 ? 291  ASP A CB  1 
ATOM   385  C  CG  . ASP A 1 60  ? -12.533 14.199  3.474   1.00 39.04 ? 291  ASP A CG  1 
ATOM   386  O  OD1 . ASP A 1 60  ? -12.019 15.148  2.832   1.00 42.95 ? 291  ASP A OD1 1 
ATOM   387  O  OD2 . ASP A 1 60  ? -13.777 14.073  3.604   1.00 41.72 ? 291  ASP A OD2 1 
ATOM   388  N  N   . ASN A 1 61  ? -8.461  11.280  3.575   1.00 33.67 ? 292  ASN A N   1 
ATOM   389  C  CA  . ASN A 1 61  ? -7.370  10.626  4.310   1.00 32.45 ? 292  ASN A CA  1 
ATOM   390  C  C   . ASN A 1 61  ? -6.215  10.320  3.359   1.00 31.48 ? 292  ASN A C   1 
ATOM   391  O  O   . ASN A 1 61  ? -6.425  10.209  2.153   1.00 30.97 ? 292  ASN A O   1 
ATOM   392  C  CB  . ASN A 1 61  ? -7.858  9.363   5.036   1.00 32.90 ? 292  ASN A CB  1 
ATOM   393  C  CG  . ASN A 1 61  ? -8.171  8.223   4.088   1.00 33.46 ? 292  ASN A CG  1 
ATOM   394  O  OD1 . ASN A 1 61  ? -7.285  7.433   3.734   1.00 33.36 ? 292  ASN A OD1 1 
ATOM   395  N  ND2 . ASN A 1 61  ? -9.440  8.115   3.683   1.00 33.97 ? 292  ASN A ND2 1 
ATOM   396  N  N   . ALA A 1 62  ? -5.017  10.165  3.914   1.00 29.92 ? 293  ALA A N   1 
ATOM   397  C  CA  . ALA A 1 62  ? -3.786  10.073  3.117   1.00 28.79 ? 293  ALA A CA  1 
ATOM   398  C  C   . ALA A 1 62  ? -3.713  8.845   2.203   1.00 27.59 ? 293  ALA A C   1 
ATOM   399  O  O   . ALA A 1 62  ? -3.107  8.903   1.129   1.00 27.27 ? 293  ALA A O   1 
ATOM   400  C  CB  . ALA A 1 62  ? -2.577  10.130  4.025   1.00 28.44 ? 293  ALA A CB  1 
ATOM   401  N  N   . ILE A 1 63  ? -4.308  7.733   2.629   1.00 26.33 ? 294  ILE A N   1 
ATOM   402  C  CA  . ILE A 1 63  ? -4.266  6.505   1.816   1.00 25.57 ? 294  ILE A CA  1 
ATOM   403  C  C   . ILE A 1 63  ? -5.159  6.656   0.573   1.00 24.92 ? 294  ILE A C   1 
ATOM   404  O  O   . ILE A 1 63  ? -4.724  6.437   -0.558  1.00 24.00 ? 294  ILE A O   1 
ATOM   405  C  CB  . ILE A 1 63  ? -4.611  5.255   2.655   1.00 25.87 ? 294  ILE A CB  1 
ATOM   406  C  CG1 . ILE A 1 63  ? -3.671  5.160   3.870   1.00 25.86 ? 294  ILE A CG1 1 
ATOM   407  C  CG2 . ILE A 1 63  ? -4.541  3.974   1.810   1.00 24.31 ? 294  ILE A CG2 1 
ATOM   408  C  CD1 . ILE A 1 63  ? -4.062  4.024   4.851   1.00 25.84 ? 294  ILE A CD1 1 
ATOM   409  N  N   . GLY A 1 64  ? -6.392  7.096   0.789   1.00 24.77 ? 295  GLY A N   1 
ATOM   410  C  CA  . GLY A 1 64  ? -7.304  7.378   -0.325  1.00 24.57 ? 295  GLY A CA  1 
ATOM   411  C  C   . GLY A 1 64  ? -6.812  8.507   -1.209  1.00 24.83 ? 295  GLY A C   1 
ATOM   412  O  O   . GLY A 1 64  ? -6.995  8.474   -2.424  1.00 24.82 ? 295  GLY A O   1 
ATOM   413  N  N   . GLN A 1 65  ? -6.188  9.521   -0.608  1.00 24.53 ? 296  GLN A N   1 
ATOM   414  C  CA  . GLN A 1 65  ? -5.620  10.600  -1.394  1.00 25.21 ? 296  GLN A CA  1 
ATOM   415  C  C   . GLN A 1 65  ? -4.575  10.079  -2.382  1.00 24.20 ? 296  GLN A C   1 
ATOM   416  O  O   . GLN A 1 65  ? -4.598  10.461  -3.553  1.00 24.48 ? 296  GLN A O   1 
ATOM   417  C  CB  . GLN A 1 65  ? -5.023  11.695  -0.498  1.00 24.96 ? 296  GLN A CB  1 
ATOM   418  C  CG  . GLN A 1 65  ? -4.368  12.797  -1.313  1.00 27.73 ? 296  GLN A CG  1 
ATOM   419  C  CD  . GLN A 1 65  ? -3.690  13.871  -0.479  1.00 28.19 ? 296  GLN A CD  1 
ATOM   420  O  OE1 . GLN A 1 65  ? -4.155  14.233  0.605   1.00 32.82 ? 296  GLN A OE1 1 
ATOM   421  N  NE2 . GLN A 1 65  ? -2.592  14.404  -1.001  1.00 32.44 ? 296  GLN A NE2 1 
ATOM   422  N  N   . ALA A 1 66  ? -3.677  9.202   -1.921  1.00 23.68 ? 297  ALA A N   1 
ATOM   423  C  CA  . ALA A 1 66  ? -2.602  8.645   -2.764  1.00 23.24 ? 297  ALA A CA  1 
ATOM   424  C  C   . ALA A 1 66  ? -3.179  7.827   -3.905  1.00 23.42 ? 297  ALA A C   1 
ATOM   425  O  O   . ALA A 1 66  ? -2.646  7.799   -5.020  1.00 23.74 ? 297  ALA A O   1 
ATOM   426  C  CB  . ALA A 1 66  ? -1.686  7.767   -1.931  1.00 23.55 ? 297  ALA A CB  1 
ATOM   427  N  N   . PHE A 1 67  ? -4.269  7.135   -3.617  1.00 23.29 ? 298  PHE A N   1 
ATOM   428  C  CA  . PHE A 1 67  ? -4.967  6.365   -4.642  1.00 23.41 ? 298  PHE A CA  1 
ATOM   429  C  C   . PHE A 1 67  ? -5.430  7.261   -5.813  1.00 23.95 ? 298  PHE A C   1 
ATOM   430  O  O   . PHE A 1 67  ? -5.399  6.840   -6.967  1.00 23.66 ? 298  PHE A O   1 
ATOM   431  C  CB  . PHE A 1 67  ? -6.151  5.645   -4.015  1.00 22.84 ? 298  PHE A CB  1 
ATOM   432  C  CG  . PHE A 1 67  ? -6.994  4.889   -5.008  1.00 22.72 ? 298  PHE A CG  1 
ATOM   433  C  CD1 . PHE A 1 67  ? -6.524  3.717   -5.582  1.00 23.52 ? 298  PHE A CD1 1 
ATOM   434  C  CD2 . PHE A 1 67  ? -8.264  5.351   -5.356  1.00 23.96 ? 298  PHE A CD2 1 
ATOM   435  C  CE1 . PHE A 1 67  ? -7.317  3.004   -6.503  1.00 22.89 ? 298  PHE A CE1 1 
ATOM   436  C  CE2 . PHE A 1 67  ? -9.056  4.648   -6.263  1.00 23.97 ? 298  PHE A CE2 1 
ATOM   437  C  CZ  . PHE A 1 67  ? -8.568  3.470   -6.837  1.00 22.27 ? 298  PHE A CZ  1 
ATOM   438  N  N   . ARG A 1 68  ? -5.811  8.496   -5.497  1.00 24.69 ? 299  ARG A N   1 
ATOM   439  C  CA  . ARG A 1 68  ? -6.307  9.478   -6.472  1.00 26.37 ? 299  ARG A CA  1 
ATOM   440  C  C   . ARG A 1 68  ? -5.186  10.279  -7.149  1.00 25.94 ? 299  ARG A C   1 
ATOM   441  O  O   . ARG A 1 68  ? -5.164  10.422  -8.384  1.00 25.78 ? 299  ARG A O   1 
ATOM   442  C  CB  . ARG A 1 68  ? -7.288  10.437  -5.787  1.00 26.31 ? 299  ARG A CB  1 
ATOM   443  C  CG  . ARG A 1 68  ? -8.640  9.824   -5.425  1.00 28.59 ? 299  ARG A CG  1 
ATOM   444  C  CD  . ARG A 1 68  ? -9.487  10.814  -4.586  1.00 29.85 ? 299  ARG A CD  1 
ATOM   445  N  NE  . ARG A 1 68  ? -9.103  10.863  -3.168  1.00 35.54 ? 299  ARG A NE  1 
ATOM   446  C  CZ  . ARG A 1 68  ? -9.133  11.956  -2.408  1.00 38.03 ? 299  ARG A CZ  1 
ATOM   447  N  NH1 . ARG A 1 68  ? -9.501  13.126  -2.928  1.00 40.81 ? 299  ARG A NH1 1 
ATOM   448  N  NH2 . ARG A 1 68  ? -8.750  11.895  -1.133  1.00 39.22 ? 299  ARG A NH2 1 
ATOM   449  N  N   . ASP A 1 69  ? -4.248  10.782  -6.347  1.00 25.65 ? 300  ASP A N   1 
ATOM   450  C  CA  . ASP A 1 69  ? -3.229  11.682  -6.863  1.00 26.25 ? 300  ASP A CA  1 
ATOM   451  C  C   . ASP A 1 69  ? -1.905  11.009  -7.250  1.00 26.22 ? 300  ASP A C   1 
ATOM   452  O  O   . ASP A 1 69  ? -0.995  11.684  -7.722  1.00 25.73 ? 300  ASP A O   1 
ATOM   453  C  CB  . ASP A 1 69  ? -3.018  12.883  -5.923  1.00 26.63 ? 300  ASP A CB  1 
ATOM   454  C  CG  . ASP A 1 69  ? -2.238  12.540  -4.656  1.00 28.93 ? 300  ASP A CG  1 
ATOM   455  O  OD1 . ASP A 1 69  ? -2.183  13.420  -3.763  1.00 31.51 ? 300  ASP A OD1 1 
ATOM   456  O  OD2 . ASP A 1 69  ? -1.663  11.431  -4.538  1.00 30.33 ? 300  ASP A OD2 1 
ATOM   457  N  N   . ARG A 1 70  ? -1.805  9.694   -7.039  1.00 25.20 ? 301  ARG A N   1 
ATOM   458  C  CA  . ARG A 1 70  ? -0.660  8.909   -7.501  1.00 25.80 ? 301  ARG A CA  1 
ATOM   459  C  C   . ARG A 1 70  ? 0.674   9.472   -6.971  1.00 26.01 ? 301  ARG A C   1 
ATOM   460  O  O   . ARG A 1 70  ? 1.715   9.282   -7.586  1.00 26.83 ? 301  ARG A O   1 
ATOM   461  C  CB  . ARG A 1 70  ? -0.675  8.798   -9.048  1.00 25.84 ? 301  ARG A CB  1 
ATOM   462  C  CG  . ARG A 1 70  ? -1.915  8.046   -9.607  1.00 25.81 ? 301  ARG A CG  1 
ATOM   463  C  CD  . ARG A 1 70  ? -2.062  8.090   -11.153 1.00 26.22 ? 301  ARG A CD  1 
ATOM   464  N  NE  . ARG A 1 70  ? -0.961  7.415   -11.823 1.00 29.13 ? 301  ARG A NE  1 
ATOM   465  C  CZ  . ARG A 1 70  ? -1.040  6.253   -12.472 1.00 25.57 ? 301  ARG A CZ  1 
ATOM   466  N  NH1 . ARG A 1 70  ? -2.185  5.614   -12.604 1.00 26.00 ? 301  ARG A NH1 1 
ATOM   467  N  NH2 . ARG A 1 70  ? 0.049   5.757   -13.012 1.00 25.42 ? 301  ARG A NH2 1 
ATOM   468  N  N   . ALA A 1 71  ? 0.630   10.163  -5.830  1.00 25.75 ? 302  ALA A N   1 
ATOM   469  C  CA  . ALA A 1 71  ? 1.831   10.730  -5.215  1.00 26.37 ? 302  ALA A CA  1 
ATOM   470  C  C   . ALA A 1 71  ? 2.318   9.894   -4.032  1.00 26.15 ? 302  ALA A C   1 
ATOM   471  O  O   . ALA A 1 71  ? 1.635   9.812   -3.004  1.00 26.68 ? 302  ALA A O   1 
ATOM   472  C  CB  . ALA A 1 71  ? 1.589   12.175  -4.780  1.00 26.30 ? 302  ALA A CB  1 
ATOM   473  N  N   . PRO A 1 72  ? 3.492   9.258   -4.174  1.00 26.55 ? 303  PRO A N   1 
ATOM   474  C  CA  . PRO A 1 72  ? 4.115   8.613   -3.010  1.00 26.91 ? 303  PRO A CA  1 
ATOM   475  C  C   . PRO A 1 72  ? 4.383   9.669   -1.927  1.00 27.60 ? 303  PRO A C   1 
ATOM   476  O  O   . PRO A 1 72  ? 4.660   10.825  -2.253  1.00 27.04 ? 303  PRO A O   1 
ATOM   477  C  CB  . PRO A 1 72  ? 5.417   8.039   -3.574  1.00 26.90 ? 303  PRO A CB  1 
ATOM   478  C  CG  . PRO A 1 72  ? 5.166   7.893   -5.051  1.00 26.66 ? 303  PRO A CG  1 
ATOM   479  C  CD  . PRO A 1 72  ? 4.286   9.070   -5.402  1.00 26.60 ? 303  PRO A CD  1 
ATOM   480  N  N   . ARG A 1 73  ? 4.269   9.280   -0.662  1.00 27.82 ? 304  ARG A N   1 
ATOM   481  C  CA  . ARG A 1 73  ? 4.306   10.233  0.427   1.00 29.59 ? 304  ARG A CA  1 
ATOM   482  C  C   . ARG A 1 73  ? 4.908   9.584   1.674   1.00 30.13 ? 304  ARG A C   1 
ATOM   483  O  O   . ARG A 1 73  ? 4.607   8.422   1.982   1.00 29.84 ? 304  ARG A O   1 
ATOM   484  C  CB  . ARG A 1 73  ? 2.878   10.736  0.697   1.00 30.09 ? 304  ARG A CB  1 
ATOM   485  C  CG  . ARG A 1 73  ? 2.750   11.907  1.652   1.00 33.99 ? 304  ARG A CG  1 
ATOM   486  C  CD  . ARG A 1 73  ? 1.394   12.572  1.499   1.00 38.00 ? 304  ARG A CD  1 
ATOM   487  N  NE  . ARG A 1 73  ? 1.084   13.485  2.605   1.00 41.75 ? 304  ARG A NE  1 
ATOM   488  C  CZ  . ARG A 1 73  ? -0.154  13.768  3.017   1.00 42.20 ? 304  ARG A CZ  1 
ATOM   489  N  NH1 . ARG A 1 73  ? -1.208  13.201  2.419   1.00 39.80 ? 304  ARG A NH1 1 
ATOM   490  N  NH2 . ARG A 1 73  ? -0.338  14.602  4.037   1.00 40.90 ? 304  ARG A NH2 1 
ATOM   491  N  N   . ARG A 1 74  ? 5.789   10.313  2.361   1.00 30.22 ? 305  ARG A N   1 
ATOM   492  C  CA  . ARG A 1 74  ? 6.204   9.935   3.718   1.00 31.33 ? 305  ARG A CA  1 
ATOM   493  C  C   . ARG A 1 74  ? 5.501   10.814  4.755   1.00 31.64 ? 305  ARG A C   1 
ATOM   494  O  O   . ARG A 1 74  ? 5.285   12.011  4.548   1.00 31.48 ? 305  ARG A O   1 
ATOM   495  C  CB  . ARG A 1 74  ? 7.738   9.905   3.895   1.00 31.30 ? 305  ARG A CB  1 
ATOM   496  C  CG  . ARG A 1 74  ? 8.484   11.172  3.548   1.00 32.67 ? 305  ARG A CG  1 
ATOM   497  C  CD  . ARG A 1 74  ? 9.983   10.933  3.551   1.00 32.72 ? 305  ARG A CD  1 
ATOM   498  N  NE  . ARG A 1 74  ? 10.702  12.098  3.048   1.00 35.53 ? 305  ARG A NE  1 
ATOM   499  C  CZ  . ARG A 1 74  ? 11.507  12.855  3.786   1.00 36.93 ? 305  ARG A CZ  1 
ATOM   500  N  NH1 . ARG A 1 74  ? 11.708  12.562  5.067   1.00 38.06 ? 305  ARG A NH1 1 
ATOM   501  N  NH2 . ARG A 1 74  ? 12.120  13.895  3.243   1.00 35.28 ? 305  ARG A NH2 1 
ATOM   502  N  N   . LEU A 1 75  ? 5.087   10.200  5.852   1.00 32.11 ? 306  LEU A N   1 
ATOM   503  C  CA  . LEU A 1 75  ? 4.358   10.916  6.879   1.00 33.33 ? 306  LEU A CA  1 
ATOM   504  C  C   . LEU A 1 75  ? 5.046   10.696  8.208   1.00 33.43 ? 306  LEU A C   1 
ATOM   505  O  O   . LEU A 1 75  ? 5.543   9.606   8.464   1.00 32.88 ? 306  LEU A O   1 
ATOM   506  C  CB  . LEU A 1 75  ? 2.922   10.399  6.953   1.00 33.64 ? 306  LEU A CB  1 
ATOM   507  C  CG  . LEU A 1 75  ? 2.036   10.545  5.715   1.00 35.19 ? 306  LEU A CG  1 
ATOM   508  C  CD1 . LEU A 1 75  ? 0.879   9.581   5.837   1.00 36.11 ? 306  LEU A CD1 1 
ATOM   509  C  CD2 . LEU A 1 75  ? 1.536   11.958  5.615   1.00 36.30 ? 306  LEU A CD2 1 
ATOM   510  N  N   . ASP A 1 76  ? 5.103   11.741  9.031   1.00 34.36 ? 307  ASP A N   1 
ATOM   511  C  CA  . ASP A 1 76  ? 5.592   11.613  10.396  1.00 35.35 ? 307  ASP A CA  1 
ATOM   512  C  C   . ASP A 1 76  ? 4.608   10.812  11.237  1.00 34.92 ? 307  ASP A C   1 
ATOM   513  O  O   . ASP A 1 76  ? 5.006   10.061  12.116  1.00 34.71 ? 307  ASP A O   1 
ATOM   514  C  CB  . ASP A 1 76  ? 5.835   12.991  11.039  1.00 36.11 ? 307  ASP A CB  1 
ATOM   515  C  CG  . ASP A 1 76  ? 7.102   13.660  10.534  1.00 38.96 ? 307  ASP A CG  1 
ATOM   516  O  OD1 . ASP A 1 76  ? 8.126   12.962  10.339  1.00 42.02 ? 307  ASP A OD1 1 
ATOM   517  O  OD2 . ASP A 1 76  ? 7.085   14.896  10.346  1.00 42.89 ? 307  ASP A OD2 1 
ATOM   518  N  N   . VAL A 1 77  ? 3.316   10.984  10.962  1.00 35.02 ? 308  VAL A N   1 
ATOM   519  C  CA  . VAL A 1 77  ? 2.267   10.361  11.751  1.00 35.22 ? 308  VAL A CA  1 
ATOM   520  C  C   . VAL A 1 77  ? 1.125   9.900   10.848  1.00 35.62 ? 308  VAL A C   1 
ATOM   521  O  O   . VAL A 1 77  ? 0.641   10.660  10.010  1.00 36.09 ? 308  VAL A O   1 
ATOM   522  C  CB  . VAL A 1 77  ? 1.714   11.347  12.821  1.00 35.19 ? 308  VAL A CB  1 
ATOM   523  C  CG1 . VAL A 1 77  ? 0.614   10.697  13.631  1.00 36.00 ? 308  VAL A CG1 1 
ATOM   524  C  CG2 . VAL A 1 77  ? 2.829   11.837  13.739  1.00 35.63 ? 308  VAL A CG2 1 
ATOM   525  N  N   . LEU A 1 78  ? 0.715   8.649   11.014  1.00 35.70 ? 309  LEU A N   1 
ATOM   526  C  CA  . LEU A 1 78  ? -0.469  8.127   10.344  1.00 36.15 ? 309  LEU A CA  1 
ATOM   527  C  C   . LEU A 1 78  ? -1.259  7.294   11.340  1.00 36.81 ? 309  LEU A C   1 
ATOM   528  O  O   . LEU A 1 78  ? -0.767  6.285   11.838  1.00 36.12 ? 309  LEU A O   1 
ATOM   529  C  CB  . LEU A 1 78  ? -0.097  7.277   9.124   1.00 35.83 ? 309  LEU A CB  1 
ATOM   530  C  CG  . LEU A 1 78  ? -1.267  6.644   8.350   1.00 36.36 ? 309  LEU A CG  1 
ATOM   531  C  CD1 . LEU A 1 78  ? -2.024  7.690   7.540   1.00 35.72 ? 309  LEU A CD1 1 
ATOM   532  C  CD2 . LEU A 1 78  ? -0.800  5.507   7.452   1.00 35.33 ? 309  LEU A CD2 1 
ATOM   533  N  N   . ASP A 1 79  ? -2.485  7.719   11.620  1.00 37.99 ? 310  ASP A N   1 
ATOM   534  C  CA  . ASP A 1 79  ? -3.325  6.988   12.552  1.00 39.05 ? 310  ASP A CA  1 
ATOM   535  C  C   . ASP A 1 79  ? -4.089  5.907   11.809  1.00 38.98 ? 310  ASP A C   1 
ATOM   536  O  O   . ASP A 1 79  ? -3.871  5.702   10.605  1.00 38.98 ? 310  ASP A O   1 
ATOM   537  C  CB  . ASP A 1 79  ? -4.254  7.931   13.319  1.00 40.03 ? 310  ASP A CB  1 
ATOM   538  C  CG  . ASP A 1 79  ? -3.502  8.801   14.332  1.00 42.74 ? 310  ASP A CG  1 
ATOM   539  O  OD1 . ASP A 1 79  ? -2.727  8.250   15.155  1.00 46.42 ? 310  ASP A OD1 1 
ATOM   540  O  OD2 . ASP A 1 79  ? -3.687  10.038  14.305  1.00 45.00 ? 310  ASP A OD2 1 
ATOM   541  N  N   . GLY A 1 80  ? -4.965  5.207   12.529  1.00 38.83 ? 311  GLY A N   1 
ATOM   542  C  CA  . GLY A 1 80  ? -5.683  4.047   11.998  1.00 38.22 ? 311  GLY A CA  1 
ATOM   543  C  C   . GLY A 1 80  ? -6.055  4.247   10.549  1.00 37.60 ? 311  GLY A C   1 
ATOM   544  O  O   . GLY A 1 80  ? -6.619  5.288   10.206  1.00 37.86 ? 311  GLY A O   1 
ATOM   545  N  N   . PRO A 1 81  ? -5.749  3.256   9.688   1.00 37.26 ? 312  PRO A N   1 
ATOM   546  C  CA  . PRO A 1 81  ? -5.125  1.958   9.997   1.00 36.88 ? 312  PRO A CA  1 
ATOM   547  C  C   . PRO A 1 81  ? -3.597  1.948   10.205  1.00 36.54 ? 312  PRO A C   1 
ATOM   548  O  O   . PRO A 1 81  ? -3.010  0.865   10.317  1.00 36.00 ? 312  PRO A O   1 
ATOM   549  C  CB  . PRO A 1 81  ? -5.500  1.100   8.784   1.00 37.10 ? 312  PRO A CB  1 
ATOM   550  C  CG  . PRO A 1 81  ? -5.617  2.082   7.652   1.00 36.95 ? 312  PRO A CG  1 
ATOM   551  C  CD  . PRO A 1 81  ? -6.087  3.380   8.255   1.00 37.15 ? 312  PRO A CD  1 
ATOM   552  N  N   . GLY A 1 82  ? -2.989  3.110   10.199  1.00 36.69 ? 313  GLY A N   1 
ATOM   553  C  CA  . GLY A 1 82  ? -1.635  3.262   10.655  1.00 37.13 ? 313  GLY A CA  1 
ATOM   554  C  C   . GLY A 1 82  ? -1.492  2.943   12.124  1.00 37.75 ? 313  GLY A C   1 
ATOM   555  O  O   . GLY A 1 82  ? -2.408  2.513   12.751  1.00 37.53 ? 313  GLY A O   1 
ATOM   556  N  N   . LEU A 1 83  ? -0.322  3.121   12.679  1.00 38.11 ? 314  LEU A N   1 
ATOM   557  C  CA  . LEU A 1 83  ? -0.130  2.632   14.019  1.00 38.69 ? 314  LEU A CA  1 
ATOM   558  C  C   . LEU A 1 83  ? 0.319   3.736   14.895  1.00 38.85 ? 314  LEU A C   1 
ATOM   559  O  O   . LEU A 1 83  ? 0.699   3.507   15.995  1.00 39.96 ? 314  LEU A O   1 
ATOM   560  C  CB  . LEU A 1 83  ? 0.874   1.501   14.092  1.00 38.58 ? 314  LEU A CB  1 
ATOM   561  C  CG  . LEU A 1 83  ? 0.652   0.210   13.331  1.00 39.05 ? 314  LEU A CG  1 
ATOM   562  C  CD1 . LEU A 1 83  ? 1.816   -0.679  13.396  1.00 39.27 ? 314  LEU A CD1 1 
ATOM   563  C  CD2 . LEU A 1 83  ? -0.544  -0.503  13.791  1.00 39.27 ? 314  LEU A CD2 1 
ATOM   564  N  N   . GLY A 1 84  ? 0.286   4.938   14.374  1.00 38.97 ? 315  GLY A N   1 
ATOM   565  C  CA  . GLY A 1 84  ? 0.567   6.095   15.151  1.00 37.90 ? 315  GLY A CA  1 
ATOM   566  C  C   . GLY A 1 84  ? 1.873   6.780   14.856  1.00 37.51 ? 315  GLY A C   1 
ATOM   567  O  O   . GLY A 1 84  ? 2.077   7.846   15.321  1.00 38.23 ? 315  GLY A O   1 
ATOM   568  N  N   . GLY A 1 85  ? 2.762   6.145   14.121  1.00 36.03 ? 316  GLY A N   1 
ATOM   569  C  CA  . GLY A 1 85  ? 4.092   6.667   13.913  1.00 34.16 ? 316  GLY A CA  1 
ATOM   570  C  C   . GLY A 1 85  ? 4.302   7.002   12.461  1.00 32.54 ? 316  GLY A C   1 
ATOM   571  O  O   . GLY A 1 85  ? 3.348   7.088   11.775  1.00 32.96 ? 316  GLY A O   1 
ATOM   572  N  N   . PRO A 1 86  ? 5.535   7.154   12.013  1.00 31.07 ? 317  PRO A N   1 
ATOM   573  C  CA  . PRO A 1 86  ? 5.797   7.407   10.598  1.00 29.57 ? 317  PRO A CA  1 
ATOM   574  C  C   . PRO A 1 86  ? 5.190   6.355   9.650   1.00 28.34 ? 317  PRO A C   1 
ATOM   575  O  O   . PRO A 1 86  ? 4.968   5.204   10.039  1.00 28.15 ? 317  PRO A O   1 
ATOM   576  C  CB  . PRO A 1 86  ? 7.323   7.393   10.520  1.00 29.82 ? 317  PRO A CB  1 
ATOM   577  C  CG  . PRO A 1 86  ? 7.782   7.736   11.907  1.00 30.00 ? 317  PRO A CG  1 
ATOM   578  C  CD  . PRO A 1 86  ? 6.783   7.095   12.803  1.00 31.05 ? 317  PRO A CD  1 
ATOM   579  N  N   . ALA A 1 87  ? 4.922   6.766   8.420   1.00 26.78 ? 318  ALA A N   1 
ATOM   580  C  CA  . ALA A 1 87  ? 4.417   5.853   7.393   1.00 25.83 ? 318  ALA A CA  1 
ATOM   581  C  C   . ALA A 1 87  ? 4.938   6.240   6.041   1.00 24.94 ? 318  ALA A C   1 
ATOM   582  O  O   . ALA A 1 87  ? 5.259   7.400   5.803   1.00 24.81 ? 318  ALA A O   1 
ATOM   583  C  CB  . ALA A 1 87  ? 2.884   5.854   7.371   1.00 25.34 ? 318  ALA A CB  1 
ATOM   584  N  N   . LEU A 1 88  ? 5.036   5.249   5.165   1.00 24.79 ? 319  LEU A N   1 
ATOM   585  C  CA  . LEU A 1 88  ? 5.177   5.479   3.737   1.00 24.66 ? 319  LEU A CA  1 
ATOM   586  C  C   . LEU A 1 88  ? 3.885   5.074   3.039   1.00 24.24 ? 319  LEU A C   1 
ATOM   587  O  O   . LEU A 1 88  ? 3.419   3.941   3.200   1.00 24.44 ? 319  LEU A O   1 
ATOM   588  C  CB  . LEU A 1 88  ? 6.308   4.629   3.167   1.00 24.93 ? 319  LEU A CB  1 
ATOM   589  C  CG  . LEU A 1 88  ? 7.744   4.918   3.574   1.00 26.57 ? 319  LEU A CG  1 
ATOM   590  C  CD1 . LEU A 1 88  ? 8.640   3.911   2.889   1.00 26.51 ? 319  LEU A CD1 1 
ATOM   591  C  CD2 . LEU A 1 88  ? 8.117   6.333   3.175   1.00 28.90 ? 319  LEU A CD2 1 
ATOM   592  N  N   . VAL A 1 89  ? 3.344   5.994   2.244   1.00 23.16 ? 320  VAL A N   1 
ATOM   593  C  CA  . VAL A 1 89  ? 2.119   5.794   1.477   1.00 23.08 ? 320  VAL A CA  1 
ATOM   594  C  C   . VAL A 1 89  ? 2.532   5.695   0.014   1.00 22.28 ? 320  VAL A C   1 
ATOM   595  O  O   . VAL A 1 89  ? 3.078   6.656   -0.553  1.00 21.28 ? 320  VAL A O   1 
ATOM   596  C  CB  . VAL A 1 89  ? 1.101   6.943   1.705   1.00 22.79 ? 320  VAL A CB  1 
ATOM   597  C  CG1 . VAL A 1 89  ? -0.199  6.692   0.932   1.00 24.19 ? 320  VAL A CG1 1 
ATOM   598  C  CG2 . VAL A 1 89  ? 0.788   7.067   3.190   1.00 24.70 ? 320  VAL A CG2 1 
ATOM   599  N  N   . LEU A 1 90  ? 2.299   4.511   -0.568  1.00 20.99 ? 321  LEU A N   1 
ATOM   600  C  CA  . LEU A 1 90  ? 2.873   4.128   -1.849  1.00 21.00 ? 321  LEU A CA  1 
ATOM   601  C  C   . LEU A 1 90  ? 1.815   3.587   -2.802  1.00 21.16 ? 321  LEU A C   1 
ATOM   602  O  O   . LEU A 1 90  ? 1.516   2.392   -2.782  1.00 19.36 ? 321  LEU A O   1 
ATOM   603  C  CB  . LEU A 1 90  ? 3.964   3.053   -1.655  1.00 21.14 ? 321  LEU A CB  1 
ATOM   604  C  CG  . LEU A 1 90  ? 5.094   3.460   -0.715  1.00 21.23 ? 321  LEU A CG  1 
ATOM   605  C  CD1 . LEU A 1 90  ? 5.772   2.253   -0.079  1.00 24.02 ? 321  LEU A CD1 1 
ATOM   606  C  CD2 . LEU A 1 90  ? 6.084   4.391   -1.447  1.00 21.61 ? 321  LEU A CD2 1 
ATOM   607  N  N   . PRO A 1 91  ? 1.273   4.461   -3.659  1.00 21.24 ? 322  PRO A N   1 
ATOM   608  C  CA  . PRO A 1 91  ? 0.271   3.995   -4.609  1.00 21.50 ? 322  PRO A CA  1 
ATOM   609  C  C   . PRO A 1 91  ? 0.946   3.026   -5.570  1.00 21.99 ? 322  PRO A C   1 
ATOM   610  O  O   . PRO A 1 91  ? 2.135   3.187   -5.907  1.00 21.20 ? 322  PRO A O   1 
ATOM   611  C  CB  . PRO A 1 91  ? -0.144  5.281   -5.343  1.00 21.25 ? 322  PRO A CB  1 
ATOM   612  C  CG  . PRO A 1 91  ? 1.059   6.187   -5.217  1.00 22.03 ? 322  PRO A CG  1 
ATOM   613  C  CD  . PRO A 1 91  ? 1.595   5.891   -3.839  1.00 21.36 ? 322  PRO A CD  1 
ATOM   614  N  N   . LEU A 1 92  ? 0.201   1.999   -5.966  1.00 22.41 ? 323  LEU A N   1 
ATOM   615  C  CA  . LEU A 1 92  ? 0.696   1.008   -6.896  1.00 22.24 ? 323  LEU A CA  1 
ATOM   616  C  C   . LEU A 1 92  ? 0.191   1.426   -8.263  1.00 23.33 ? 323  LEU A C   1 
ATOM   617  O  O   . LEU A 1 92  ? -0.951  1.153   -8.649  1.00 22.79 ? 323  LEU A O   1 
ATOM   618  C  CB  . LEU A 1 92  ? 0.227   -0.388  -6.492  1.00 22.53 ? 323  LEU A CB  1 
ATOM   619  C  CG  . LEU A 1 92  ? 0.605   -0.806  -5.073  1.00 22.42 ? 323  LEU A CG  1 
ATOM   620  C  CD1 . LEU A 1 92  ? -0.249  -2.010  -4.618  1.00 22.84 ? 323  LEU A CD1 1 
ATOM   621  C  CD2 . LEU A 1 92  ? 2.083   -1.099  -4.983  1.00 23.81 ? 323  LEU A CD2 1 
ATOM   622  N  N   . ARG A 1 93  ? 1.058   2.144   -8.969  1.00 24.33 ? 324  ARG A N   1 
ATOM   623  C  CA  . ARG A 1 93  ? 0.661   2.920   -10.127 1.00 25.64 ? 324  ARG A CA  1 
ATOM   624  C  C   . ARG A 1 93  ? 0.929   2.148   -11.390 1.00 26.89 ? 324  ARG A C   1 
ATOM   625  O  O   . ARG A 1 93  ? 2.072   1.928   -11.753 1.00 27.31 ? 324  ARG A O   1 
ATOM   626  C  CB  . ARG A 1 93  ? 1.408   4.259   -10.149 1.00 25.30 ? 324  ARG A CB  1 
ATOM   627  C  CG  . ARG A 1 93  ? 1.070   5.152   -8.969  1.00 25.61 ? 324  ARG A CG  1 
ATOM   628  C  CD  . ARG A 1 93  ? 1.966   6.381   -8.907  1.00 25.31 ? 324  ARG A CD  1 
ATOM   629  N  NE  . ARG A 1 93  ? 3.392   6.059   -8.855  1.00 25.30 ? 324  ARG A NE  1 
ATOM   630  C  CZ  . ARG A 1 93  ? 4.360   6.979   -8.849  1.00 26.68 ? 324  ARG A CZ  1 
ATOM   631  N  NH1 . ARG A 1 93  ? 4.053   8.268   -8.875  1.00 26.26 ? 324  ARG A NH1 1 
ATOM   632  N  NH2 . ARG A 1 93  ? 5.634   6.615   -8.823  1.00 26.66 ? 324  ARG A NH2 1 
ATOM   633  N  N   . ALA A 1 94  ? -0.145  1.700   -12.024 1.00 28.31 ? 325  ALA A N   1 
ATOM   634  C  CA  . ALA A 1 94  ? -0.051  1.041   -13.305 1.00 29.94 ? 325  ALA A CA  1 
ATOM   635  C  C   . ALA A 1 94  ? -0.418  2.053   -14.388 1.00 31.02 ? 325  ALA A C   1 
ATOM   636  O  O   . ALA A 1 94  ? -0.705  3.233   -14.091 1.00 30.96 ? 325  ALA A O   1 
ATOM   637  C  CB  . ALA A 1 94  ? -0.988  -0.160  -13.331 1.00 29.97 ? 325  ALA A CB  1 
ATOM   638  N  N   . THR A 1 95  ? -0.384  1.617   -15.645 1.00 31.86 ? 326  THR A N   1 
ATOM   639  C  CA  . THR A 1 95  ? -0.799  2.485   -16.741 1.00 32.53 ? 326  THR A CA  1 
ATOM   640  C  C   . THR A 1 95  ? -2.298  2.760   -16.659 1.00 33.01 ? 326  THR A C   1 
ATOM   641  O  O   . THR A 1 95  ? -3.116  1.835   -16.729 1.00 34.12 ? 326  THR A O   1 
ATOM   642  C  CB  . THR A 1 95  ? -0.448  1.872   -18.116 1.00 32.52 ? 326  THR A CB  1 
ATOM   643  O  OG1 . THR A 1 95  ? 0.949   1.564   -18.150 1.00 33.15 ? 326  THR A OG1 1 
ATOM   644  C  CG2 . THR A 1 95  ? -0.750  2.860   -19.226 1.00 31.81 ? 326  THR A CG2 1 
ATOM   645  N  N   . ASP A 1 96  ? -2.653  4.029   -16.502 1.00 33.33 ? 327  ASP A N   1 
ATOM   646  C  CA  . ASP A 1 96  ? -4.065  4.457   -16.501 1.00 33.90 ? 327  ASP A CA  1 
ATOM   647  C  C   . ASP A 1 96  ? -4.974  3.850   -15.417 1.00 32.85 ? 327  ASP A C   1 
ATOM   648  O  O   . ASP A 1 96  ? -6.188  4.046   -15.448 1.00 32.91 ? 327  ASP A O   1 
ATOM   649  C  CB  . ASP A 1 96  ? -4.697  4.259   -17.895 1.00 34.78 ? 327  ASP A CB  1 
ATOM   650  C  CG  . ASP A 1 96  ? -4.186  5.254   -18.912 1.00 37.63 ? 327  ASP A CG  1 
ATOM   651  O  OD1 . ASP A 1 96  ? -4.382  6.471   -18.704 1.00 41.48 ? 327  ASP A OD1 1 
ATOM   652  O  OD2 . ASP A 1 96  ? -3.585  4.822   -19.927 1.00 41.97 ? 327  ASP A OD2 1 
ATOM   653  N  N   . THR A 1 97  ? -4.395  3.107   -14.474 1.00 31.88 ? 328  THR A N   1 
ATOM   654  C  CA  . THR A 1 97  ? -5.132  2.646   -13.288 1.00 30.65 ? 328  THR A CA  1 
ATOM   655  C  C   . THR A 1 97  ? -4.183  2.533   -12.094 1.00 28.79 ? 328  THR A C   1 
ATOM   656  O  O   . THR A 1 97  ? -2.981  2.331   -12.263 1.00 28.54 ? 328  THR A O   1 
ATOM   657  C  CB  . THR A 1 97  ? -5.891  1.293   -13.534 1.00 31.20 ? 328  THR A CB  1 
ATOM   658  O  OG1 . THR A 1 97  ? -6.888  1.106   -12.518 1.00 32.91 ? 328  THR A OG1 1 
ATOM   659  C  CG2 . THR A 1 97  ? -4.939  0.113   -13.504 1.00 32.32 ? 328  THR A CG2 1 
ATOM   660  N  N   . VAL A 1 98  ? -4.720  2.713   -10.897 1.00 26.78 ? 329  VAL A N   1 
ATOM   661  C  CA  . VAL A 1 98  ? -3.956  2.468   -9.676  1.00 25.10 ? 329  VAL A CA  1 
ATOM   662  C  C   . VAL A 1 98  ? -4.491  1.157   -9.117  1.00 24.39 ? 329  VAL A C   1 
ATOM   663  O  O   . VAL A 1 98  ? -5.694  1.030   -8.872  1.00 24.97 ? 329  VAL A O   1 
ATOM   664  C  CB  . VAL A 1 98  ? -4.107  3.619   -8.639  1.00 25.11 ? 329  VAL A CB  1 
ATOM   665  C  CG1 . VAL A 1 98  ? -3.352  3.308   -7.367  1.00 23.86 ? 329  VAL A CG1 1 
ATOM   666  C  CG2 . VAL A 1 98  ? -3.622  4.941   -9.230  1.00 25.48 ? 329  VAL A CG2 1 
ATOM   667  N  N   . ALA A 1 99  ? -3.611  0.179   -8.958  1.00 23.01 ? 330  ALA A N   1 
ATOM   668  C  CA  . ALA A 1 99  ? -4.012  -1.166  -8.500  1.00 22.80 ? 330  ALA A CA  1 
ATOM   669  C  C   . ALA A 1 99  ? -4.422  -1.186  -7.024  1.00 22.28 ? 330  ALA A C   1 
ATOM   670  O  O   . ALA A 1 99  ? -5.235  -2.017  -6.583  1.00 21.95 ? 330  ALA A O   1 
ATOM   671  C  CB  . ALA A 1 99  ? -2.892  -2.119  -8.724  1.00 22.18 ? 330  ALA A CB  1 
ATOM   672  N  N   . GLY A 1 100 ? -3.813  -0.291  -6.252  1.00 21.25 ? 331  GLY A N   1 
ATOM   673  C  CA  . GLY A 1 100 ? -4.111  -0.145  -4.833  1.00 21.21 ? 331  GLY A CA  1 
ATOM   674  C  C   . GLY A 1 100 ? -3.049  0.742   -4.207  1.00 21.25 ? 331  GLY A C   1 
ATOM   675  O  O   . GLY A 1 100 ? -2.320  1.431   -4.920  1.00 20.30 ? 331  GLY A O   1 
ATOM   676  N  N   . VAL A 1 101 ? -2.964  0.709   -2.882  1.00 20.87 ? 332  VAL A N   1 
ATOM   677  C  CA  . VAL A 1 101 ? -2.025  1.545   -2.134  1.00 21.01 ? 332  VAL A CA  1 
ATOM   678  C  C   . VAL A 1 101 ? -1.328  0.669   -1.103  1.00 21.60 ? 332  VAL A C   1 
ATOM   679  O  O   . VAL A 1 101 ? -1.976  0.040   -0.254  1.00 22.46 ? 332  VAL A O   1 
ATOM   680  C  CB  . VAL A 1 101 ? -2.730  2.705   -1.414  1.00 21.23 ? 332  VAL A CB  1 
ATOM   681  C  CG1 . VAL A 1 101 ? -1.700  3.622   -0.680  1.00 20.47 ? 332  VAL A CG1 1 
ATOM   682  C  CG2 . VAL A 1 101 ? -3.565  3.517   -2.383  1.00 21.31 ? 332  VAL A CG2 1 
ATOM   683  N  N   . LEU A 1 102 ? -0.006  0.614   -1.202  1.00 21.82 ? 333  LEU A N   1 
ATOM   684  C  CA  . LEU A 1 102 ? 0.808   -0.058  -0.219  1.00 21.86 ? 333  LEU A CA  1 
ATOM   685  C  C   . LEU A 1 102 ? 1.184   0.942   0.869   1.00 22.80 ? 333  LEU A C   1 
ATOM   686  O  O   . LEU A 1 102 ? 1.526   2.090   0.574   1.00 22.28 ? 333  LEU A O   1 
ATOM   687  C  CB  . LEU A 1 102 ? 2.059   -0.631  -0.899  1.00 22.22 ? 333  LEU A CB  1 
ATOM   688  C  CG  . LEU A 1 102 ? 3.290   -0.980  -0.039  1.00 21.85 ? 333  LEU A CG  1 
ATOM   689  C  CD1 . LEU A 1 102 ? 3.016   -2.155  0.889   1.00 22.50 ? 333  LEU A CD1 1 
ATOM   690  C  CD2 . LEU A 1 102 ? 4.495   -1.272  -0.943  1.00 21.93 ? 333  LEU A CD2 1 
ATOM   691  N  N   . VAL A 1 103 ? 1.109   0.514   2.132   1.00 22.45 ? 334  VAL A N   1 
ATOM   692  C  CA  . VAL A 1 103 ? 1.415   1.396   3.233   1.00 22.76 ? 334  VAL A CA  1 
ATOM   693  C  C   . VAL A 1 103 ? 2.335   0.657   4.181   1.00 23.64 ? 334  VAL A C   1 
ATOM   694  O  O   . VAL A 1 103 ? 2.007   -0.444  4.622   1.00 22.55 ? 334  VAL A O   1 
ATOM   695  C  CB  . VAL A 1 103 ? 0.145   1.883   4.002   1.00 23.57 ? 334  VAL A CB  1 
ATOM   696  C  CG1 . VAL A 1 103 ? 0.505   3.044   4.942   1.00 23.25 ? 334  VAL A CG1 1 
ATOM   697  C  CG2 . VAL A 1 103 ? -0.946  2.360   3.039   1.00 22.24 ? 334  VAL A CG2 1 
ATOM   698  N  N   . ALA A 1 104 ? 3.499   1.248   4.444   1.00 23.67 ? 335  ALA A N   1 
ATOM   699  C  CA  . ALA A 1 104 ? 4.401   0.768   5.474   1.00 24.36 ? 335  ALA A CA  1 
ATOM   700  C  C   . ALA A 1 104 ? 4.267   1.655   6.706   1.00 25.31 ? 335  ALA A C   1 
ATOM   701  O  O   . ALA A 1 104 ? 4.345   2.876   6.609   1.00 25.39 ? 335  ALA A O   1 
ATOM   702  C  CB  . ALA A 1 104 ? 5.835   0.755   4.963   1.00 24.41 ? 335  ALA A CB  1 
ATOM   703  N  N   . VAL A 1 105 ? 4.049   1.032   7.863   1.00 26.26 ? 336  VAL A N   1 
ATOM   704  C  CA  . VAL A 1 105 ? 3.655   1.755   9.067   1.00 27.66 ? 336  VAL A CA  1 
ATOM   705  C  C   . VAL A 1 105 ? 4.553   1.447   10.268  1.00 28.44 ? 336  VAL A C   1 
ATOM   706  O  O   . VAL A 1 105 ? 4.947   0.298   10.488  1.00 28.42 ? 336  VAL A O   1 
ATOM   707  C  CB  . VAL A 1 105 ? 2.177   1.466   9.462   1.00 27.30 ? 336  VAL A CB  1 
ATOM   708  C  CG1 . VAL A 1 105 ? 1.225   1.943   8.383   1.00 28.63 ? 336  VAL A CG1 1 
ATOM   709  C  CG2 . VAL A 1 105 ? 1.958   -0.020  9.707   1.00 28.34 ? 336  VAL A CG2 1 
ATOM   710  N  N   . GLN A 1 106 ? 4.840   2.490   11.037  1.00 30.02 ? 337  GLN A N   1 
ATOM   711  C  CA  . GLN A 1 106 ? 5.624   2.405   12.271  1.00 31.50 ? 337  GLN A CA  1 
ATOM   712  C  C   . GLN A 1 106 ? 4.773   2.824   13.462  1.00 32.09 ? 337  GLN A C   1 
ATOM   713  O  O   . GLN A 1 106 ? 3.874   3.653   13.326  1.00 31.65 ? 337  GLN A O   1 
ATOM   714  C  CB  . GLN A 1 106 ? 6.840   3.340   12.193  1.00 31.49 ? 337  GLN A CB  1 
ATOM   715  C  CG  . GLN A 1 106 ? 7.761   3.107   11.005  1.00 31.72 ? 337  GLN A CG  1 
ATOM   716  C  CD  . GLN A 1 106 ? 8.740   1.978   11.206  1.00 32.28 ? 337  GLN A CD  1 
ATOM   717  O  OE1 . GLN A 1 106 ? 8.428   0.960   11.817  1.00 32.01 ? 337  GLN A OE1 1 
ATOM   718  N  NE2 . GLN A 1 106 ? 9.941   2.151   10.680  1.00 32.87 ? 337  GLN A NE2 1 
ATOM   719  N  N   . GLY A 1 107 ? 5.055   2.249   14.631  1.00 33.20 ? 338  GLY A N   1 
ATOM   720  C  CA  . GLY A 1 107 ? 4.456   2.723   15.876  1.00 34.37 ? 338  GLY A CA  1 
ATOM   721  C  C   . GLY A 1 107 ? 5.039   4.070   16.264  1.00 35.75 ? 338  GLY A C   1 
ATOM   722  O  O   . GLY A 1 107 ? 6.089   4.464   15.745  1.00 35.54 ? 338  GLY A O   1 
ATOM   723  N  N   . SER A 1 108 ? 4.370   4.770   17.183  1.00 37.20 ? 339  SER A N   1 
ATOM   724  C  CA  . SER A 1 108 ? 4.805   6.100   17.637  1.00 38.83 ? 339  SER A CA  1 
ATOM   725  C  C   . SER A 1 108 ? 6.213   6.023   18.209  1.00 39.04 ? 339  SER A C   1 
ATOM   726  O  O   . SER A 1 108 ? 6.577   5.030   18.831  1.00 39.78 ? 339  SER A O   1 
ATOM   727  C  CB  . SER A 1 108 ? 3.854   6.673   18.706  1.00 39.28 ? 339  SER A CB  1 
ATOM   728  O  OG  . SER A 1 108 ? 2.504   6.252   18.526  1.00 41.34 ? 339  SER A OG  1 
ATOM   729  N  N   . GLY A 1 109 ? 7.013   7.055   17.970  1.00 39.81 ? 340  GLY A N   1 
ATOM   730  C  CA  . GLY A 1 109 ? 8.385   7.098   18.489  1.00 39.71 ? 340  GLY A CA  1 
ATOM   731  C  C   . GLY A 1 109 ? 9.457   6.435   17.635  1.00 39.75 ? 340  GLY A C   1 
ATOM   732  O  O   . GLY A 1 109 ? 10.627  6.370   18.040  1.00 40.04 ? 340  GLY A O   1 
ATOM   733  N  N   . ALA A 1 110 ? 9.068   5.929   16.463  1.00 38.99 ? 341  ALA A N   1 
ATOM   734  C  CA  . ALA A 1 110 ? 10.027  5.443   15.475  1.00 38.12 ? 341  ALA A CA  1 
ATOM   735  C  C   . ALA A 1 110 ? 10.580  6.620   14.690  1.00 37.62 ? 341  ALA A C   1 
ATOM   736  O  O   . ALA A 1 110 ? 9.887   7.626   14.511  1.00 37.49 ? 341  ALA A O   1 
ATOM   737  C  CB  . ALA A 1 110 ? 9.356   4.451   14.526  1.00 38.07 ? 341  ALA A CB  1 
ATOM   738  N  N   . ARG A 1 111 ? 11.817  6.493   14.209  1.00 37.36 ? 342  ARG A N   1 
ATOM   739  C  CA  . ARG A 1 111 ? 12.408  7.505   13.336  1.00 37.35 ? 342  ARG A CA  1 
ATOM   740  C  C   . ARG A 1 111 ? 11.568  7.678   12.064  1.00 36.92 ? 342  ARG A C   1 
ATOM   741  O  O   . ARG A 1 111 ? 10.969  6.709   11.572  1.00 36.64 ? 342  ARG A O   1 
ATOM   742  C  CB  . ARG A 1 111 ? 13.872  7.161   12.979  1.00 37.68 ? 342  ARG A CB  1 
ATOM   743  C  CG  . ARG A 1 111 ? 14.085  5.897   12.139  1.00 38.17 ? 342  ARG A CG  1 
ATOM   744  C  CD  . ARG A 1 111 ? 15.547  5.759   11.690  1.00 38.54 ? 342  ARG A CD  1 
ATOM   745  N  NE  . ARG A 1 111 ? 15.875  4.388   11.293  1.00 41.72 ? 342  ARG A NE  1 
ATOM   746  C  CZ  . ARG A 1 111 ? 16.241  3.414   12.130  1.00 43.04 ? 342  ARG A CZ  1 
ATOM   747  N  NH1 . ARG A 1 111 ? 16.339  3.633   13.442  1.00 42.90 ? 342  ARG A NH1 1 
ATOM   748  N  NH2 . ARG A 1 111 ? 16.501  2.203   11.652  1.00 44.03 ? 342  ARG A NH2 1 
ATOM   749  N  N   . PRO A 1 112 ? 11.525  8.908   11.524  1.00 36.07 ? 343  PRO A N   1 
ATOM   750  C  CA  . PRO A 1 112 ? 10.829  9.092   10.248  1.00 35.60 ? 343  PRO A CA  1 
ATOM   751  C  C   . PRO A 1 112 ? 11.517  8.325   9.121   1.00 35.23 ? 343  PRO A C   1 
ATOM   752  O  O   . PRO A 1 112 ? 12.705  7.984   9.221   1.00 34.51 ? 343  PRO A O   1 
ATOM   753  C  CB  . PRO A 1 112 ? 10.927  10.600  9.990   1.00 35.65 ? 343  PRO A CB  1 
ATOM   754  C  CG  . PRO A 1 112 ? 11.394  11.216  11.289  1.00 36.34 ? 343  PRO A CG  1 
ATOM   755  C  CD  . PRO A 1 112 ? 12.113  10.158  12.044  1.00 36.44 ? 343  PRO A CD  1 
ATOM   756  N  N   . PHE A 1 113 ? 10.771  8.051   8.054   1.00 34.45 ? 344  PHE A N   1 
ATOM   757  C  CA  . PHE A 1 113 ? 11.367  7.466   6.867   1.00 33.81 ? 344  PHE A CA  1 
ATOM   758  C  C   . PHE A 1 113 ? 12.175  8.526   6.136   1.00 34.07 ? 344  PHE A C   1 
ATOM   759  O  O   . PHE A 1 113 ? 11.768  9.678   6.068   1.00 34.32 ? 344  PHE A O   1 
ATOM   760  C  CB  . PHE A 1 113 ? 10.273  6.906   5.955   1.00 33.20 ? 344  PHE A CB  1 
ATOM   761  C  CG  . PHE A 1 113 ? 9.646   5.650   6.477   1.00 31.32 ? 344  PHE A CG  1 
ATOM   762  C  CD1 . PHE A 1 113 ? 10.296  4.426   6.333   1.00 30.11 ? 344  PHE A CD1 1 
ATOM   763  C  CD2 . PHE A 1 113 ? 8.411   5.684   7.118   1.00 30.05 ? 344  PHE A CD2 1 
ATOM   764  C  CE1 . PHE A 1 113 ? 9.722   3.247   6.814   1.00 30.53 ? 344  PHE A CE1 1 
ATOM   765  C  CE2 . PHE A 1 113 ? 7.833   4.507   7.603   1.00 29.72 ? 344  PHE A CE2 1 
ATOM   766  C  CZ  . PHE A 1 113 ? 8.494   3.292   7.450   1.00 30.55 ? 344  PHE A CZ  1 
ATOM   767  N  N   . THR A 1 114 ? 13.321  8.133   5.594   1.00 34.63 ? 345  THR A N   1 
ATOM   768  C  CA  . THR A 1 114 ? 14.153  9.052   4.821   1.00 35.20 ? 345  THR A CA  1 
ATOM   769  C  C   . THR A 1 114 ? 13.620  9.229   3.399   1.00 35.20 ? 345  THR A C   1 
ATOM   770  O  O   . THR A 1 114 ? 12.841  8.399   2.914   1.00 34.65 ? 345  THR A O   1 
ATOM   771  C  CB  . THR A 1 114 ? 15.610  8.557   4.752   1.00 35.16 ? 345  THR A CB  1 
ATOM   772  O  OG1 . THR A 1 114 ? 15.661  7.299   4.065   1.00 36.45 ? 345  THR A OG1 1 
ATOM   773  C  CG2 . THR A 1 114 ? 16.193  8.392   6.163   1.00 35.10 ? 345  THR A CG2 1 
ATOM   774  N  N   . ALA A 1 115 ? 14.057  10.300  2.741   1.00 35.06 ? 346  ALA A N   1 
ATOM   775  C  CA  . ALA A 1 115 ? 13.757  10.532  1.332   1.00 35.63 ? 346  ALA A CA  1 
ATOM   776  C  C   . ALA A 1 115 ? 14.266  9.392   0.466   1.00 35.84 ? 346  ALA A C   1 
ATOM   777  O  O   . ALA A 1 115 ? 13.624  9.008   -0.507  1.00 36.33 ? 346  ALA A O   1 
ATOM   778  C  CB  . ALA A 1 115 ? 14.352  11.853  0.868   1.00 36.21 ? 346  ALA A CB  1 
ATOM   779  N  N   . GLU A 1 116 ? 15.417  8.838   0.838   1.00 35.71 ? 347  GLU A N   1 
ATOM   780  C  CA  . GLU A 1 116 ? 15.987  7.699   0.138   1.00 35.95 ? 347  GLU A CA  1 
ATOM   781  C  C   . GLU A 1 116 ? 15.131  6.430   0.252   1.00 35.03 ? 347  GLU A C   1 
ATOM   782  O  O   . GLU A 1 116 ? 15.008  5.668   -0.713  1.00 35.10 ? 347  GLU A O   1 
ATOM   783  C  CB  . GLU A 1 116 ? 17.448  7.448   0.562   1.00 36.65 ? 347  GLU A CB  1 
ATOM   784  C  CG  . GLU A 1 116 ? 17.963  8.268   1.764   1.00 40.35 ? 347  GLU A CG  1 
ATOM   785  C  CD  . GLU A 1 116 ? 17.983  9.781   1.524   1.00 44.74 ? 347  GLU A CD  1 
ATOM   786  O  OE1 . GLU A 1 116 ? 17.506  10.528  2.415   1.00 44.61 ? 347  GLU A OE1 1 
ATOM   787  O  OE2 . GLU A 1 116 ? 18.457  10.218  0.440   1.00 47.51 ? 347  GLU A OE2 1 
ATOM   788  N  N   . GLN A 1 117 ? 14.537  6.215   1.423   1.00 33.69 ? 348  GLN A N   1 
ATOM   789  C  CA  . GLN A 1 117 ? 13.632  5.096   1.628   1.00 32.41 ? 348  GLN A CA  1 
ATOM   790  C  C   . GLN A 1 117 ? 12.360  5.294   0.801   1.00 31.58 ? 348  GLN A C   1 
ATOM   791  O  O   . GLN A 1 117 ? 11.880  4.361   0.168   1.00 30.41 ? 348  GLN A O   1 
ATOM   792  C  CB  . GLN A 1 117 ? 13.282  4.946   3.099   1.00 32.02 ? 348  GLN A CB  1 
ATOM   793  C  CG  . GLN A 1 117 ? 14.358  4.276   3.918   1.00 32.73 ? 348  GLN A CG  1 
ATOM   794  C  CD  . GLN A 1 117 ? 13.987  4.184   5.379   1.00 34.13 ? 348  GLN A CD  1 
ATOM   795  O  OE1 . GLN A 1 117 ? 13.811  5.210   6.045   1.00 33.54 ? 348  GLN A OE1 1 
ATOM   796  N  NE2 . GLN A 1 117 ? 13.853  2.949   5.892   1.00 34.03 ? 348  GLN A NE2 1 
ATOM   797  N  N   . LEU A 1 118 ? 11.830  6.511   0.815   1.00 30.71 ? 349  LEU A N   1 
ATOM   798  C  CA  . LEU A 1 118 ? 10.711  6.863   -0.060  1.00 31.07 ? 349  LEU A CA  1 
ATOM   799  C  C   . LEU A 1 118 ? 11.024  6.599   -1.540  1.00 31.28 ? 349  LEU A C   1 
ATOM   800  O  O   . LEU A 1 118 ? 10.227  5.970   -2.242  1.00 30.28 ? 349  LEU A O   1 
ATOM   801  C  CB  . LEU A 1 118 ? 10.270  8.311   0.167   1.00 30.17 ? 349  LEU A CB  1 
ATOM   802  C  CG  . LEU A 1 118 ? 9.019   8.791   -0.576  1.00 31.18 ? 349  LEU A CG  1 
ATOM   803  C  CD1 . LEU A 1 118 ? 7.773   7.901   -0.299  1.00 29.26 ? 349  LEU A CD1 1 
ATOM   804  C  CD2 . LEU A 1 118 ? 8.746   10.252  -0.253  1.00 30.73 ? 349  LEU A CD2 1 
ATOM   805  N  N   . GLU A 1 119 ? 12.183  7.069   -2.007  1.00 31.78 ? 350  GLU A N   1 
ATOM   806  C  CA  . GLU A 1 119 ? 12.619  6.841   -3.391  1.00 33.38 ? 350  GLU A CA  1 
ATOM   807  C  C   . GLU A 1 119 ? 12.728  5.347   -3.743  1.00 32.42 ? 350  GLU A C   1 
ATOM   808  O  O   . GLU A 1 119 ? 12.241  4.895   -4.786  1.00 32.83 ? 350  GLU A O   1 
ATOM   809  C  CB  . GLU A 1 119 ? 13.948  7.579   -3.648  1.00 33.56 ? 350  GLU A CB  1 
ATOM   810  C  CG  . GLU A 1 119 ? 14.540  7.435   -5.067  1.00 36.49 ? 350  GLU A CG  1 
ATOM   811  C  CD  . GLU A 1 119 ? 15.832  8.262   -5.269  1.00 37.54 ? 350  GLU A CD  1 
ATOM   812  O  OE1 . GLU A 1 119 ? 15.919  9.414   -4.771  1.00 42.67 ? 350  GLU A OE1 1 
ATOM   813  O  OE2 . GLU A 1 119 ? 16.767  7.757   -5.942  1.00 44.88 ? 350  GLU A OE2 1 
HETATM 814  N  N   . MSE A 1 120 ? 13.385  4.593   -2.871  1.00 31.79 ? 351  MSE A N   1 
HETATM 815  C  CA  . MSE A 1 120 ? 13.548  3.159   -3.015  1.00 31.71 ? 351  MSE A CA  1 
HETATM 816  C  C   . MSE A 1 120 ? 12.189  2.442   -3.134  1.00 30.16 ? 351  MSE A C   1 
HETATM 817  O  O   . MSE A 1 120 ? 11.987  1.607   -4.013  1.00 29.81 ? 351  MSE A O   1 
HETATM 818  C  CB  A MSE A 1 120 ? 14.320  2.567   -1.812  0.60 31.72 ? 351  MSE A CB  1 
HETATM 819  C  CB  B MSE A 1 120 ? 14.358  2.646   -1.831  0.40 31.76 ? 351  MSE A CB  1 
HETATM 820  C  CG  A MSE A 1 120 ? 14.274  1.024   -1.701  0.60 32.22 ? 351  MSE A CG  1 
HETATM 821  C  CG  B MSE A 1 120 ? 14.873  1.264   -1.994  0.40 32.41 ? 351  MSE A CG  1 
HETATM 822  SE SE  A MSE A 1 120 ? 14.979  0.190   -0.035  0.50 34.76 ? 351  MSE A SE  1 
HETATM 823  SE SE  B MSE A 1 120 ? 13.494  0.027   -1.525  0.40 34.50 ? 351  MSE A SE  1 
HETATM 824  C  CE  A MSE A 1 120 ? 13.704  0.911   1.238   0.60 32.54 ? 351  MSE A CE  1 
HETATM 825  C  CE  B MSE A 1 120 ? 14.586  -1.193  -0.465  0.40 32.43 ? 351  MSE A CE  1 
HETATM 826  N  N   . MSE A 1 121 ? 11.276  2.777   -2.239  1.00 28.73 ? 352  MSE A N   1 
HETATM 827  C  CA  . MSE A 1 121 ? 9.981   2.076   -2.133  1.00 28.25 ? 352  MSE A CA  1 
HETATM 828  C  C   . MSE A 1 121 ? 9.006   2.476   -3.230  1.00 27.18 ? 352  MSE A C   1 
HETATM 829  O  O   . MSE A 1 121 ? 8.091   1.710   -3.585  1.00 26.91 ? 352  MSE A O   1 
HETATM 830  C  CB  . MSE A 1 121 ? 9.387   2.306   -0.744  1.00 27.91 ? 352  MSE A CB  1 
HETATM 831  C  CG  . MSE A 1 121 ? 10.162  1.576   0.354   1.00 29.48 ? 352  MSE A CG  1 
HETATM 832  SE SE  . MSE A 1 121 ? 10.358  -0.342  -0.045  1.00 32.99 ? 352  MSE A SE  1 
HETATM 833  C  CE  . MSE A 1 121 ? 8.500   -0.881  0.199   1.00 32.01 ? 352  MSE A CE  1 
ATOM   834  N  N   . THR A 1 122 ? 9.210   3.681   -3.766  1.00 26.42 ? 353  THR A N   1 
ATOM   835  C  CA  . THR A 1 122 ? 8.477   4.169   -4.926  1.00 26.04 ? 353  THR A CA  1 
ATOM   836  C  C   . THR A 1 122 ? 8.817   3.295   -6.136  1.00 26.12 ? 353  THR A C   1 
ATOM   837  O  O   . THR A 1 122 ? 7.927   2.918   -6.892  1.00 26.28 ? 353  THR A O   1 
ATOM   838  C  CB  . THR A 1 122 ? 8.829   5.650   -5.249  1.00 26.26 ? 353  THR A CB  1 
ATOM   839  O  OG1 . THR A 1 122 ? 8.368   6.501   -4.194  1.00 25.46 ? 353  THR A OG1 1 
ATOM   840  C  CG2 . THR A 1 122 ? 8.191   6.102   -6.573  1.00 26.20 ? 353  THR A CG2 1 
ATOM   841  N  N   . GLY A 1 123 ? 10.113  3.025   -6.330  1.00 25.92 ? 354  GLY A N   1 
ATOM   842  C  CA  . GLY A 1 123 ? 10.586  2.061   -7.326  1.00 26.04 ? 354  GLY A CA  1 
ATOM   843  C  C   . GLY A 1 123 ? 9.999   0.667   -7.131  1.00 25.91 ? 354  GLY A C   1 
ATOM   844  O  O   . GLY A 1 123 ? 9.526   0.057   -8.075  1.00 25.93 ? 354  GLY A O   1 
ATOM   845  N  N   . PHE A 1 124 ? 10.023  0.171   -5.899  1.00 25.73 ? 355  PHE A N   1 
ATOM   846  C  CA  . PHE A 1 124 ? 9.433   -1.122  -5.577  1.00 25.11 ? 355  PHE A CA  1 
ATOM   847  C  C   . PHE A 1 124 ? 7.936   -1.120  -5.919  1.00 24.89 ? 355  PHE A C   1 
ATOM   848  O  O   . PHE A 1 124 ? 7.439   -2.047  -6.535  1.00 24.29 ? 355  PHE A O   1 
ATOM   849  C  CB  . PHE A 1 124 ? 9.651   -1.465  -4.092  1.00 25.23 ? 355  PHE A CB  1 
ATOM   850  C  CG  . PHE A 1 124 ? 8.860   -2.683  -3.621  1.00 26.13 ? 355  PHE A CG  1 
ATOM   851  C  CD1 . PHE A 1 124 ? 9.312   -3.974  -3.895  1.00 26.22 ? 355  PHE A CD1 1 
ATOM   852  C  CD2 . PHE A 1 124 ? 7.668   -2.528  -2.922  1.00 26.31 ? 355  PHE A CD2 1 
ATOM   853  C  CE1 . PHE A 1 124 ? 8.594   -5.090  -3.467  1.00 28.25 ? 355  PHE A CE1 1 
ATOM   854  C  CE2 . PHE A 1 124 ? 6.940   -3.629  -2.496  1.00 28.71 ? 355  PHE A CE2 1 
ATOM   855  C  CZ  . PHE A 1 124 ? 7.408   -4.918  -2.768  1.00 28.09 ? 355  PHE A CZ  1 
ATOM   856  N  N   . ALA A 1 125 ? 7.238   -0.056  -5.524  1.00 24.66 ? 356  ALA A N   1 
ATOM   857  C  CA  . ALA A 1 125 ? 5.801   0.052   -5.738  1.00 25.01 ? 356  ALA A CA  1 
ATOM   858  C  C   . ALA A 1 125 ? 5.442   0.088   -7.225  1.00 25.86 ? 356  ALA A C   1 
ATOM   859  O  O   . ALA A 1 125 ? 4.486   -0.564  -7.625  1.00 24.80 ? 356  ALA A O   1 
ATOM   860  C  CB  . ALA A 1 125 ? 5.237   1.249   -5.008  1.00 24.23 ? 356  ALA A CB  1 
ATOM   861  N  N   . ASP A 1 126 ? 6.225   0.831   -8.021  1.00 26.56 ? 357  ASP A N   1 
ATOM   862  C  CA  . ASP A 1 126 ? 6.130   0.822   -9.492  1.00 28.49 ? 357  ASP A CA  1 
ATOM   863  C  C   . ASP A 1 126 ? 6.291   -0.577  -10.094 1.00 28.56 ? 357  ASP A C   1 
ATOM   864  O  O   . ASP A 1 126 ? 5.464   -0.987  -10.904 1.00 28.65 ? 357  ASP A O   1 
ATOM   865  C  CB  . ASP A 1 126 ? 7.200   1.720   -10.135 1.00 28.80 ? 357  ASP A CB  1 
ATOM   866  C  CG  . ASP A 1 126 ? 6.981   3.202   -9.874  1.00 30.99 ? 357  ASP A CG  1 
ATOM   867  O  OD1 . ASP A 1 126 ? 5.868   3.600   -9.473  1.00 31.83 ? 357  ASP A OD1 1 
ATOM   868  O  OD2 . ASP A 1 126 ? 7.945   3.982   -10.105 1.00 33.95 ? 357  ASP A OD2 1 
ATOM   869  N  N   . GLN A 1 127 ? 7.371   -1.271  -9.719  1.00 28.80 ? 358  GLN A N   1 
ATOM   870  C  CA  . GLN A 1 127 ? 7.656   -2.637  -10.159 1.00 30.26 ? 358  GLN A CA  1 
ATOM   871  C  C   . GLN A 1 127 ? 6.527   -3.604  -9.747  1.00 29.26 ? 358  GLN A C   1 
ATOM   872  O  O   . GLN A 1 127 ? 6.169   -4.509  -10.506 1.00 28.82 ? 358  GLN A O   1 
ATOM   873  C  CB  . GLN A 1 127 ? 8.994   -3.138  -9.583  1.00 30.68 ? 358  GLN A CB  1 
ATOM   874  C  CG  . GLN A 1 127 ? 10.278  -2.435  -10.097 1.00 33.49 ? 358  GLN A CG  1 
ATOM   875  C  CD  . GLN A 1 127 ? 11.535  -2.681  -9.212  1.00 34.74 ? 358  GLN A CD  1 
ATOM   876  O  OE1 . GLN A 1 127 ? 11.609  -3.647  -8.434  1.00 39.95 ? 358  GLN A OE1 1 
ATOM   877  N  NE2 . GLN A 1 127 ? 12.524  -1.784  -9.337  1.00 39.48 ? 358  GLN A NE2 1 
ATOM   878  N  N   . ALA A 1 128 ? 5.982   -3.419  -8.542  1.00 27.91 ? 359  ALA A N   1 
ATOM   879  C  CA  . ALA A 1 128 ? 4.875   -4.250  -8.058  1.00 27.14 ? 359  ALA A CA  1 
ATOM   880  C  C   . ALA A 1 128 ? 3.603   -4.080  -8.885  1.00 27.07 ? 359  ALA A C   1 
ATOM   881  O  O   . ALA A 1 128 ? 2.883   -5.061  -9.115  1.00 25.99 ? 359  ALA A O   1 
ATOM   882  C  CB  . ALA A 1 128 ? 4.583   -3.954  -6.590  1.00 26.71 ? 359  ALA A CB  1 
ATOM   883  N  N   . ALA A 1 129 ? 3.322   -2.837  -9.294  1.00 26.85 ? 360  ALA A N   1 
ATOM   884  C  CA  . ALA A 1 129 ? 2.141   -2.519  -10.113 1.00 28.06 ? 360  ALA A CA  1 
ATOM   885  C  C   . ALA A 1 129 ? 2.249   -3.136  -11.501 1.00 28.69 ? 360  ALA A C   1 
ATOM   886  O  O   . ALA A 1 129 ? 1.251   -3.597  -12.046 1.00 29.54 ? 360  ALA A O   1 
ATOM   887  C  CB  . ALA A 1 129 ? 1.930   -1.017  -10.216 1.00 27.39 ? 360  ALA A CB  1 
ATOM   888  N  N   . VAL A 1 130 ? 3.457   -3.147  -12.056 1.00 29.39 ? 361  VAL A N   1 
ATOM   889  C  CA  . VAL A 1 130 ? 3.741   -3.870  -13.312 1.00 30.65 ? 361  VAL A CA  1 
ATOM   890  C  C   . VAL A 1 130 ? 3.474   -5.377  -13.158 1.00 30.59 ? 361  VAL A C   1 
ATOM   891  O  O   . VAL A 1 130 ? 2.837   -5.992  -14.024 1.00 30.22 ? 361  VAL A O   1 
ATOM   892  C  CB  . VAL A 1 130 ? 5.200   -3.650  -13.778 1.00 30.93 ? 361  VAL A CB  1 
ATOM   893  C  CG1 . VAL A 1 130 ? 5.636   -4.696  -14.794 1.00 31.87 ? 361  VAL A CG1 1 
ATOM   894  C  CG2 . VAL A 1 130 ? 5.383   -2.246  -14.346 1.00 32.49 ? 361  VAL A CG2 1 
ATOM   895  N  N   . ALA A 1 131 ? 3.967   -5.960  -12.066 1.00 30.53 ? 362  ALA A N   1 
ATOM   896  C  CA  . ALA A 1 131 ? 3.743   -7.373  -11.774 1.00 30.97 ? 362  ALA A CA  1 
ATOM   897  C  C   . ALA A 1 131 ? 2.250   -7.678  -11.780 1.00 31.13 ? 362  ALA A C   1 
ATOM   898  O  O   . ALA A 1 131 ? 1.803   -8.609  -12.450 1.00 30.96 ? 362  ALA A O   1 
ATOM   899  C  CB  . ALA A 1 131 ? 4.374   -7.753  -10.424 1.00 31.27 ? 362  ALA A CB  1 
ATOM   900  N  N   . TRP A 1 132 ? 1.489   -6.870  -11.043 1.00 31.12 ? 363  TRP A N   1 
ATOM   901  C  CA  . TRP A 1 132 ? 0.038   -7.003  -10.944 1.00 32.02 ? 363  TRP A CA  1 
ATOM   902  C  C   . TRP A 1 132 ? -0.675  -6.821  -12.282 1.00 32.60 ? 363  TRP A C   1 
ATOM   903  O  O   . TRP A 1 132 ? -1.600  -7.574  -12.583 1.00 32.12 ? 363  TRP A O   1 
ATOM   904  C  CB  . TRP A 1 132 ? -0.527  -6.020  -9.909  1.00 32.37 ? 363  TRP A CB  1 
ATOM   905  C  CG  . TRP A 1 132 ? -2.026  -5.980  -9.884  1.00 32.32 ? 363  TRP A CG  1 
ATOM   906  C  CD1 . TRP A 1 132 ? -2.859  -6.820  -9.210  1.00 33.30 ? 363  TRP A CD1 1 
ATOM   907  C  CD2 . TRP A 1 132 ? -2.867  -5.078  -10.610 1.00 33.03 ? 363  TRP A CD2 1 
ATOM   908  N  NE1 . TRP A 1 132 ? -4.172  -6.484  -9.455  1.00 33.24 ? 363  TRP A NE1 1 
ATOM   909  C  CE2 . TRP A 1 132 ? -4.203  -5.418  -10.311 1.00 32.95 ? 363  TRP A CE2 1 
ATOM   910  C  CE3 . TRP A 1 132 ? -2.619  -4.009  -11.476 1.00 33.42 ? 363  TRP A CE3 1 
ATOM   911  C  CZ2 . TRP A 1 132 ? -5.288  -4.722  -10.836 1.00 33.60 ? 363  TRP A CZ2 1 
ATOM   912  C  CZ3 . TRP A 1 132 ? -3.703  -3.320  -12.011 1.00 33.98 ? 363  TRP A CZ3 1 
ATOM   913  C  CH2 . TRP A 1 132 ? -5.022  -3.681  -11.683 1.00 33.50 ? 363  TRP A CH2 1 
ATOM   914  N  N   . GLN A 1 133 ? -0.252  -5.824  -13.068 1.00 33.34 ? 364  GLN A N   1 
ATOM   915  C  CA  . GLN A 1 133 ? -0.864  -5.553  -14.389 1.00 34.62 ? 364  GLN A CA  1 
ATOM   916  C  C   . GLN A 1 133 ? -0.675  -6.739  -15.348 1.00 35.01 ? 364  GLN A C   1 
ATOM   917  O  O   . GLN A 1 133 ? -1.627  -7.155  -16.023 1.00 35.09 ? 364  GLN A O   1 
ATOM   918  C  CB  . GLN A 1 133 ? -0.369  -4.218  -15.012 1.00 34.30 ? 364  GLN A CB  1 
ATOM   919  C  CG  . GLN A 1 133 ? -1.428  -3.067  -14.971 1.00 36.34 ? 364  GLN A CG  1 
ATOM   920  C  CD  . GLN A 1 133 ? -1.256  -1.946  -16.040 1.00 35.89 ? 364  GLN A CD  1 
ATOM   921  O  OE1 . GLN A 1 133 ? -0.139  -1.534  -16.369 1.00 36.88 ? 364  GLN A OE1 1 
ATOM   922  N  NE2 . GLN A 1 133 ? -2.385  -1.436  -16.547 1.00 36.04 ? 364  GLN A NE2 1 
ATOM   923  N  N   . LEU A 1 134 ? 0.542   -7.281  -15.374 1.00 35.86 ? 365  LEU A N   1 
ATOM   924  C  CA  . LEU A 1 134 ? 0.882   -8.506  -16.110 1.00 37.00 ? 365  LEU A CA  1 
ATOM   925  C  C   . LEU A 1 134 ? 0.044   -9.733  -15.716 1.00 37.61 ? 365  LEU A C   1 
ATOM   926  O  O   . LEU A 1 134 ? -0.447  -10.464 -16.579 1.00 37.45 ? 365  LEU A O   1 
ATOM   927  C  CB  . LEU A 1 134 ? 2.368   -8.826  -15.921 1.00 36.80 ? 365  LEU A CB  1 
ATOM   928  C  CG  . LEU A 1 134 ? 3.385   -8.743  -17.069 1.00 37.84 ? 365  LEU A CG  1 
ATOM   929  C  CD1 . LEU A 1 134 ? 2.853   -8.058  -18.323 1.00 37.02 ? 365  LEU A CD1 1 
ATOM   930  C  CD2 . LEU A 1 134 ? 4.715   -8.122  -16.582 1.00 37.56 ? 365  LEU A CD2 1 
ATOM   931  N  N   . ALA A 1 135 ? -0.079  -9.963  -14.410 1.00 38.14 ? 366  ALA A N   1 
ATOM   932  C  CA  . ALA A 1 135 ? -0.905  -11.039 -13.864 1.00 38.86 ? 366  ALA A CA  1 
ATOM   933  C  C   . ALA A 1 135 ? -2.389  -10.866 -14.206 1.00 39.83 ? 366  ALA A C   1 
ATOM   934  O  O   . ALA A 1 135 ? -3.086  -11.849 -14.489 1.00 39.46 ? 366  ALA A O   1 
ATOM   935  C  CB  . ALA A 1 135 ? -0.711  -11.144 -12.356 1.00 38.32 ? 366  ALA A CB  1 
ATOM   936  N  N   . SER A 1 136 ? -2.863  -9.621  -14.185 1.00 40.84 ? 367  SER A N   1 
ATOM   937  C  CA  . SER A 1 136 ? -4.253  -9.324  -14.519 1.00 42.61 ? 367  SER A CA  1 
ATOM   938  C  C   . SER A 1 136 ? -4.546  -9.568  -16.000 1.00 43.78 ? 367  SER A C   1 
ATOM   939  O  O   . SER A 1 136 ? -5.608  -10.068 -16.357 1.00 43.24 ? 367  SER A O   1 
ATOM   940  C  CB  . SER A 1 136 ? -4.626  -7.896  -14.120 1.00 42.30 ? 367  SER A CB  1 
ATOM   941  O  OG  . SER A 1 136 ? -4.689  -7.781  -12.710 1.00 43.20 ? 367  SER A OG  1 
ATOM   942  N  N   . SER A 1 137 ? -3.586  -9.217  -16.850 1.00 45.53 ? 368  SER A N   1 
ATOM   943  C  CA  . SER A 1 137 ? -3.723  -9.390  -18.291 1.00 47.36 ? 368  SER A CA  1 
ATOM   944  C  C   . SER A 1 137 ? -3.621  -10.847 -18.712 1.00 49.06 ? 368  SER A C   1 
ATOM   945  O  O   . SER A 1 137 ? -4.292  -11.259 -19.661 1.00 49.47 ? 368  SER A O   1 
ATOM   946  C  CB  . SER A 1 137 ? -2.694  -8.546  -19.035 1.00 47.09 ? 368  SER A CB  1 
ATOM   947  O  OG  . SER A 1 137 ? -2.992  -7.168  -18.883 1.00 47.19 ? 368  SER A OG  1 
ATOM   948  N  N   . GLN A 1 138 ? -2.789  -11.619 -18.011 1.00 51.19 ? 369  GLN A N   1 
ATOM   949  C  CA  . GLN A 1 138 ? -2.670  -13.058 -18.255 1.00 53.72 ? 369  GLN A CA  1 
ATOM   950  C  C   . GLN A 1 138 ? -3.987  -13.776 -17.942 1.00 54.98 ? 369  GLN A C   1 
ATOM   951  O  O   . GLN A 1 138 ? -4.354  -14.744 -18.620 1.00 55.21 ? 369  GLN A O   1 
ATOM   952  C  CB  . GLN A 1 138 ? -1.526  -13.668 -17.433 1.00 53.58 ? 369  GLN A CB  1 
ATOM   953  C  CG  . GLN A 1 138 ? -1.068  -15.059 -17.923 1.00 54.64 ? 369  GLN A CG  1 
ATOM   954  C  CD  . GLN A 1 138 ? -0.336  -15.870 -16.855 1.00 55.04 ? 369  GLN A CD  1 
ATOM   955  O  OE1 . GLN A 1 138 ? -0.797  -15.988 -15.714 1.00 57.01 ? 369  GLN A OE1 1 
ATOM   956  N  NE2 . GLN A 1 138 ? 0.809   -16.445 -17.228 1.00 56.08 ? 369  GLN A NE2 1 
ATOM   957  N  N   . ARG A 1 139 ? -4.686  -13.291 -16.917 1.00 56.67 ? 370  ARG A N   1 
ATOM   958  C  CA  . ARG A 1 139 ? -5.962  -13.858 -16.487 1.00 58.53 ? 370  ARG A CA  1 
ATOM   959  C  C   . ARG A 1 139 ? -7.091  -13.576 -17.483 1.00 59.50 ? 370  ARG A C   1 
ATOM   960  O  O   . ARG A 1 139 ? -7.912  -14.455 -17.754 1.00 59.90 ? 370  ARG A O   1 
ATOM   961  C  CB  . ARG A 1 139 ? -6.337  -13.350 -15.090 1.00 58.57 ? 370  ARG A CB  1 
ATOM   962  C  CG  . ARG A 1 139 ? -7.476  -14.125 -14.437 1.00 60.02 ? 370  ARG A CG  1 
ATOM   963  C  CD  . ARG A 1 139 ? -8.065  -13.384 -13.250 1.00 62.43 ? 370  ARG A CD  1 
ATOM   964  N  NE  . ARG A 1 139 ? -9.376  -13.923 -12.885 1.00 64.65 ? 370  ARG A NE  1 
ATOM   965  C  CZ  . ARG A 1 139 ? -9.578  -14.935 -12.041 1.00 65.88 ? 370  ARG A CZ  1 
ATOM   966  N  NH1 . ARG A 1 139 ? -8.548  -15.540 -11.450 1.00 66.15 ? 370  ARG A NH1 1 
ATOM   967  N  NH2 . ARG A 1 139 ? -10.815 -15.349 -11.785 1.00 65.95 ? 370  ARG A NH2 1 
ATOM   968  N  N   . ARG A 1 140 ? -7.126  -12.361 -18.027 1.00 60.69 ? 371  ARG A N   1 
ATOM   969  C  CA  . ARG A 1 140 ? -8.094  -12.005 -19.066 1.00 62.01 ? 371  ARG A CA  1 
ATOM   970  C  C   . ARG A 1 140 ? -7.844  -12.780 -20.362 1.00 63.05 ? 371  ARG A C   1 
ATOM   971  O  O   . ARG A 1 140 ? -8.762  -12.985 -21.159 1.00 63.16 ? 371  ARG A O   1 
ATOM   972  C  CB  . ARG A 1 140 ? -8.104  -10.493 -19.321 1.00 61.85 ? 371  ARG A CB  1 
ATOM   973  C  CG  . ARG A 1 140 ? -8.940  -9.698  -18.312 1.00 61.98 ? 371  ARG A CG  1 
ATOM   974  C  CD  . ARG A 1 140 ? -8.720  -8.185  -18.413 1.00 62.36 ? 371  ARG A CD  1 
ATOM   975  N  NE  . ARG A 1 140 ? -7.332  -7.818  -18.137 1.00 63.78 ? 371  ARG A NE  1 
ATOM   976  C  CZ  . ARG A 1 140 ? -6.916  -6.617  -17.735 1.00 64.11 ? 371  ARG A CZ  1 
ATOM   977  N  NH1 . ARG A 1 140 ? -7.778  -5.627  -17.543 1.00 64.54 ? 371  ARG A NH1 1 
ATOM   978  N  NH2 . ARG A 1 140 ? -5.623  -6.409  -17.516 1.00 63.77 ? 371  ARG A NH2 1 
HETATM 979  N  N   . MSE A 1 141 ? -6.603  -13.226 -20.546 1.00 64.30 ? 372  MSE A N   1 
HETATM 980  C  CA  . MSE A 1 141 ? -6.199  -14.010 -21.714 1.00 65.90 ? 372  MSE A CA  1 
HETATM 981  C  C   . MSE A 1 141 ? -6.669  -15.475 -21.613 1.00 65.74 ? 372  MSE A C   1 
HETATM 982  O  O   . MSE A 1 141 ? -6.175  -16.348 -22.336 1.00 65.79 ? 372  MSE A O   1 
HETATM 983  C  CB  . MSE A 1 141 ? -4.674  -13.934 -21.875 1.00 65.71 ? 372  MSE A CB  1 
HETATM 984  C  CG  . MSE A 1 141 ? -4.168  -13.895 -23.312 1.00 66.31 ? 372  MSE A CG  1 
HETATM 985  SE SE  . MSE A 1 141 ? -2.827  -12.482 -23.546 1.00 68.93 ? 372  MSE A SE  1 
HETATM 986  C  CE  . MSE A 1 141 ? -4.026  -10.964 -23.343 1.00 65.34 ? 372  MSE A CE  1 
ATOM   987  N  N   . SER A 1 142 ? -7.632  -15.729 -20.724 1.00 65.95 ? 373  SER A N   1 
ATOM   988  C  CA  . SER A 1 142 ? -8.168  -17.077 -20.501 1.00 65.97 ? 373  SER A CA  1 
ATOM   989  C  C   . SER A 1 142 ? -9.694  -17.078 -20.396 1.00 65.87 ? 373  SER A C   1 
ATOM   990  O  O   . SER A 1 142 ? -10.270 -16.506 -19.469 1.00 65.63 ? 373  SER A O   1 
ATOM   991  C  CB  . SER A 1 142 ? -7.543  -17.703 -19.246 1.00 66.07 ? 373  SER A CB  1 
ATOM   992  O  OG  . SER A 1 142 ? -6.125  -17.670 -19.304 1.00 66.02 ? 373  SER A OG  1 
HETATM 993  O  O   . HOH B 2 .   ? 1.889   -10.824 3.032   1.00 39.95 ? 2001 HOH A O   1 
HETATM 994  O  O   . HOH B 2 .   ? 13.417  -6.495  7.309   1.00 36.63 ? 2002 HOH A O   1 
HETATM 995  O  O   . HOH B 2 .   ? -14.418 -0.323  -6.137  1.00 47.01 ? 2003 HOH A O   1 
HETATM 996  O  O   . HOH B 2 .   ? -13.792 -0.688  -2.987  1.00 55.38 ? 2004 HOH A O   1 
HETATM 997  O  O   . HOH B 2 .   ? -4.480  -10.344 -1.785  1.00 39.44 ? 2005 HOH A O   1 
HETATM 998  O  O   . HOH B 2 .   ? -0.363  -10.723 3.867   1.00 33.13 ? 2006 HOH A O   1 
HETATM 999  O  O   . HOH B 2 .   ? 1.035   -11.314 6.690   1.00 38.90 ? 2007 HOH A O   1 
HETATM 1000 O  O   . HOH B 2 .   ? 0.002   -9.203  10.515  1.00 40.55 ? 2008 HOH A O   1 
HETATM 1001 O  O   . HOH B 2 .   ? -8.906  -13.298 15.664  1.00 34.57 ? 2009 HOH A O   1 
HETATM 1002 O  O   . HOH B 2 .   ? -3.436  -10.431 5.257   1.00 40.24 ? 2010 HOH A O   1 
HETATM 1003 O  O   . HOH B 2 .   ? -10.534 -10.724 7.415   1.00 36.23 ? 2011 HOH A O   1 
HETATM 1004 O  O   . HOH B 2 .   ? -14.784 8.431   0.256   1.00 37.68 ? 2012 HOH A O   1 
HETATM 1005 O  O   . HOH B 2 .   ? -4.696  10.371  6.867   1.00 39.90 ? 2013 HOH A O   1 
HETATM 1006 O  O   . HOH B 2 .   ? -7.152  6.354   -9.005  1.00 32.23 ? 2014 HOH A O   1 
HETATM 1007 O  O   . HOH B 2 .   ? -6.012  8.631   -10.176 1.00 40.47 ? 2015 HOH A O   1 
HETATM 1008 O  O   . HOH B 2 .   ? 0.233   14.254  -7.875  1.00 48.82 ? 2016 HOH A O   1 
HETATM 1009 O  O   . HOH B 2 .   ? -5.117  6.397   -12.217 1.00 38.78 ? 2017 HOH A O   1 
HETATM 1010 O  O   . HOH B 2 .   ? -0.496  11.296  -1.911  1.00 28.41 ? 2018 HOH A O   1 
HETATM 1011 O  O   . HOH B 2 .   ? -1.430  11.096  0.587   1.00 24.79 ? 2019 HOH A O   1 
HETATM 1012 O  O   . HOH B 2 .   ? 10.475  13.038  0.625   1.00 44.42 ? 2020 HOH A O   1 
HETATM 1013 O  O   . HOH B 2 .   ? 6.552   12.887  1.303   1.00 29.17 ? 2021 HOH A O   1 
HETATM 1014 O  O   . HOH B 2 .   ? 8.749   11.861  7.506   1.00 31.41 ? 2022 HOH A O   1 
HETATM 1015 O  O   . HOH B 2 .   ? 2.554   13.696  9.689   1.00 39.93 ? 2023 HOH A O   1 
HETATM 1016 O  O   . HOH B 2 .   ? -4.239  -0.902  11.867  1.00 38.44 ? 2024 HOH A O   1 
HETATM 1017 O  O   . HOH B 2 .   ? 4.521   4.616   -5.547  1.00 36.69 ? 2025 HOH A O   1 
HETATM 1018 O  O   . HOH B 2 .   ? 6.091   10.337  -8.427  1.00 48.31 ? 2026 HOH A O   1 
HETATM 1019 O  O   . HOH B 2 .   ? -7.665  -0.282  -9.869  1.00 46.08 ? 2027 HOH A O   1 
HETATM 1020 O  O   . HOH B 2 .   ? -7.496  4.119   -10.556 1.00 32.54 ? 2028 HOH A O   1 
HETATM 1021 O  O   . HOH B 2 .   ? -6.819  -3.431  -8.054  1.00 28.21 ? 2029 HOH A O   1 
HETATM 1022 O  O   . HOH B 2 .   ? 1.992   4.370   11.454  1.00 30.39 ? 2030 HOH A O   1 
HETATM 1023 O  O   . HOH B 2 .   ? 10.748  4.734   9.776   1.00 34.76 ? 2031 HOH A O   1 
HETATM 1024 O  O   . HOH B 2 .   ? 14.906  9.863   9.543   1.00 39.56 ? 2032 HOH A O   1 
HETATM 1025 O  O   . HOH B 2 .   ? 8.332   9.426   7.644   1.00 33.63 ? 2033 HOH A O   1 
HETATM 1026 O  O   . HOH B 2 .   ? 17.977  5.690   3.917   1.00 37.33 ? 2034 HOH A O   1 
HETATM 1027 O  O   . HOH B 2 .   ? 15.500  12.330  4.485   1.00 38.76 ? 2035 HOH A O   1 
HETATM 1028 O  O   . HOH B 2 .   ? 14.441  5.909   8.524   1.00 38.07 ? 2036 HOH A O   1 
HETATM 1029 O  O   . HOH B 2 .   ? 14.783  0.736   4.368   1.00 38.73 ? 2037 HOH A O   1 
HETATM 1030 O  O   . HOH B 2 .   ? 8.832   9.221   -4.720  1.00 34.77 ? 2038 HOH A O   1 
HETATM 1031 O  O   . HOH B 2 .   ? 3.666   2.847   -8.287  1.00 42.61 ? 2039 HOH A O   1 
HETATM 1032 O  O   . HOH B 2 .   ? 7.766   -6.122  -11.991 1.00 34.75 ? 2040 HOH A O   1 
HETATM 1033 O  O   . HOH B 2 .   ? 3.189   -10.868 -12.834 1.00 35.09 ? 2041 HOH A O   1 
# 
